data_1WKT
#
_entry.id   1WKT
#
_cell.length_a   1.000
_cell.length_b   1.000
_cell.length_c   1.000
_cell.angle_alpha   90.00
_cell.angle_beta   90.00
_cell.angle_gamma   90.00
#
_symmetry.space_group_name_H-M   'P 1'
#
_entity_poly.entity_id   1
_entity_poly.type   'polypeptide(L)'
_entity_poly.pdbx_seq_one_letter_code
;GDGYLIMCKNCDPNTGSCDWKQNWNTCVGIGANVHWMVTGGSTDGKQGCATIWEGSGCVGRSTTMCCPANTCCNINTGFY
IRSYRRVE
;
_entity_poly.pdbx_strand_id   A
#
# COMPACT_ATOMS: atom_id res chain seq x y z
N GLY A 1 -2.73 -12.61 11.72
CA GLY A 1 -2.48 -11.76 12.88
C GLY A 1 -1.26 -10.87 12.63
N ASP A 2 -0.87 -10.07 13.63
CA ASP A 2 0.22 -9.11 13.58
C ASP A 2 -0.10 -7.92 12.68
N GLY A 3 0.04 -6.73 13.22
CA GLY A 3 0.03 -5.51 12.47
C GLY A 3 1.06 -5.52 11.35
N TYR A 4 0.77 -4.74 10.31
CA TYR A 4 1.67 -4.41 9.23
C TYR A 4 0.97 -3.43 8.30
N LEU A 5 1.76 -2.73 7.50
CA LEU A 5 1.28 -1.88 6.43
C LEU A 5 2.09 -2.18 5.17
N ILE A 6 2.03 -3.43 4.71
CA ILE A 6 2.71 -3.89 3.51
C ILE A 6 1.77 -3.82 2.30
N MET A 7 2.30 -4.12 1.12
CA MET A 7 1.57 -4.28 -0.10
C MET A 7 2.12 -5.48 -0.85
N CYS A 8 1.37 -5.92 -1.85
CA CYS A 8 1.47 -7.26 -2.39
C CYS A 8 1.17 -7.25 -3.88
N LYS A 9 1.61 -8.34 -4.51
CA LYS A 9 1.44 -8.60 -5.92
C LYS A 9 0.09 -9.25 -6.18
N ASN A 10 -0.41 -9.99 -5.21
CA ASN A 10 -1.71 -10.65 -5.23
C ASN A 10 -2.48 -10.22 -4.00
N CYS A 11 -3.56 -10.91 -3.68
CA CYS A 11 -4.38 -10.59 -2.51
C CYS A 11 -3.99 -11.36 -1.25
N ASP A 12 -2.93 -12.16 -1.34
CA ASP A 12 -2.60 -13.19 -0.37
C ASP A 12 -1.09 -13.26 -0.08
N PRO A 13 -0.62 -12.79 1.09
CA PRO A 13 0.78 -12.94 1.45
C PRO A 13 1.21 -14.41 1.53
N ASN A 14 0.30 -15.36 1.68
CA ASN A 14 0.69 -16.76 1.69
C ASN A 14 1.27 -17.15 0.34
N THR A 15 0.61 -16.72 -0.75
CA THR A 15 1.00 -17.12 -2.09
C THR A 15 1.53 -15.99 -2.96
N GLY A 16 1.85 -14.84 -2.36
CA GLY A 16 2.41 -13.68 -3.05
C GLY A 16 3.51 -13.05 -2.22
N SER A 17 4.63 -12.73 -2.85
CA SER A 17 5.71 -12.01 -2.23
C SER A 17 5.30 -10.56 -2.02
N CYS A 18 4.79 -10.25 -0.85
CA CYS A 18 4.50 -8.90 -0.43
C CYS A 18 5.82 -8.26 -0.03
N ASP A 19 5.99 -6.95 -0.21
CA ASP A 19 7.18 -6.30 0.28
C ASP A 19 6.91 -5.81 1.70
N TRP A 20 7.84 -6.15 2.58
CA TRP A 20 7.91 -5.82 4.00
C TRP A 20 9.09 -4.88 4.17
N LYS A 21 9.05 -3.73 3.50
CA LYS A 21 9.93 -2.60 3.77
C LYS A 21 9.14 -1.72 4.75
N GLN A 22 9.78 -0.76 5.42
CA GLN A 22 8.99 0.23 6.11
C GLN A 22 8.38 1.15 5.06
N ASN A 23 7.16 1.57 5.33
CA ASN A 23 6.30 2.33 4.44
C ASN A 23 5.74 3.55 5.18
N TRP A 24 5.86 3.57 6.51
CA TRP A 24 5.25 4.57 7.34
C TRP A 24 6.13 5.81 7.24
N ASN A 25 5.62 6.88 6.64
CA ASN A 25 6.26 8.18 6.57
C ASN A 25 7.56 8.11 5.77
N THR A 26 7.53 7.43 4.63
CA THR A 26 8.66 7.31 3.71
C THR A 26 8.15 7.33 2.28
N CYS A 27 8.90 7.99 1.40
CA CYS A 27 8.67 8.13 -0.02
C CYS A 27 9.12 6.86 -0.73
N VAL A 28 8.33 5.78 -0.68
CA VAL A 28 8.73 4.48 -1.23
C VAL A 28 8.23 4.39 -2.67
N GLY A 29 9.10 4.06 -3.62
CA GLY A 29 8.75 3.77 -5.00
C GLY A 29 8.41 2.29 -5.20
N ILE A 30 7.39 2.00 -6.00
CA ILE A 30 6.82 0.67 -6.23
C ILE A 30 6.60 0.49 -7.73
N GLY A 31 6.36 -0.75 -8.15
CA GLY A 31 5.82 -1.11 -9.43
C GLY A 31 6.04 -2.61 -9.63
N ALA A 32 5.78 -3.10 -10.82
CA ALA A 32 6.07 -4.46 -11.28
C ALA A 32 5.25 -5.52 -10.59
N ASN A 33 4.00 -5.67 -11.08
CA ASN A 33 3.01 -6.65 -10.64
C ASN A 33 2.47 -6.32 -9.26
N VAL A 34 2.88 -5.20 -8.68
CA VAL A 34 2.41 -4.80 -7.35
C VAL A 34 1.14 -3.97 -7.54
N HIS A 35 -0.01 -4.51 -7.12
CA HIS A 35 -1.26 -3.78 -7.18
C HIS A 35 -2.21 -4.11 -6.04
N TRP A 36 -1.73 -4.56 -4.88
CA TRP A 36 -2.64 -4.81 -3.76
C TRP A 36 -2.07 -4.31 -2.45
N MET A 37 -2.69 -3.31 -1.82
CA MET A 37 -2.32 -2.93 -0.47
C MET A 37 -3.09 -3.87 0.46
N VAL A 38 -2.38 -4.72 1.18
CA VAL A 38 -2.97 -5.75 2.02
C VAL A 38 -2.52 -5.48 3.45
N THR A 39 -3.39 -4.80 4.20
CA THR A 39 -3.01 -4.07 5.40
C THR A 39 -3.45 -4.86 6.64
N GLY A 40 -2.63 -4.86 7.69
CA GLY A 40 -2.80 -5.75 8.84
C GLY A 40 -3.63 -5.10 9.92
N GLY A 41 -3.73 -5.78 11.06
CA GLY A 41 -4.56 -5.40 12.19
C GLY A 41 -3.77 -4.61 13.22
N SER A 42 -2.85 -3.82 12.71
CA SER A 42 -1.97 -2.89 13.39
C SER A 42 -2.62 -2.28 14.61
N THR A 43 -3.72 -1.58 14.37
CA THR A 43 -4.50 -0.90 15.36
C THR A 43 -5.94 -1.30 15.06
N ASP A 44 -6.11 -2.61 14.82
CA ASP A 44 -7.35 -3.29 14.42
C ASP A 44 -8.60 -2.48 14.71
N GLY A 45 -9.15 -1.92 13.64
CA GLY A 45 -10.23 -0.95 13.63
C GLY A 45 -9.76 0.20 12.78
N LYS A 46 -8.63 0.75 13.16
CA LYS A 46 -8.04 1.93 12.55
C LYS A 46 -7.45 1.54 11.20
N GLN A 47 -8.13 1.98 10.14
CA GLN A 47 -7.73 1.83 8.75
C GLN A 47 -6.27 2.22 8.53
N GLY A 48 -5.69 1.71 7.45
CA GLY A 48 -4.42 2.19 6.94
C GLY A 48 -4.72 2.96 5.67
N CYS A 49 -4.13 4.13 5.52
CA CYS A 49 -4.31 4.97 4.34
C CYS A 49 -2.97 5.44 3.88
N ALA A 50 -2.86 5.77 2.59
CA ALA A 50 -1.65 6.31 2.00
C ALA A 50 -1.95 7.37 0.97
N THR A 51 -1.03 8.33 0.82
CA THR A 51 -0.96 9.12 -0.38
C THR A 51 -0.12 8.31 -1.36
N ILE A 52 -0.64 8.07 -2.56
CA ILE A 52 -0.05 7.19 -3.55
C ILE A 52 0.21 8.04 -4.80
N TRP A 53 1.42 8.02 -5.35
CA TRP A 53 1.87 8.90 -6.44
C TRP A 53 2.10 8.14 -7.74
N GLU A 54 1.97 8.90 -8.83
CA GLU A 54 2.26 8.54 -10.19
C GLU A 54 3.76 8.35 -10.40
N GLY A 55 4.58 9.27 -9.89
CA GLY A 55 6.00 9.26 -10.15
C GLY A 55 6.71 8.20 -9.34
N SER A 56 7.89 7.77 -9.80
CA SER A 56 8.87 7.04 -9.02
C SER A 56 9.58 8.06 -8.13
N GLY A 57 9.55 7.87 -6.82
CA GLY A 57 10.09 8.77 -5.85
C GLY A 57 9.11 9.92 -5.56
N CYS A 58 7.82 9.58 -5.45
CA CYS A 58 6.75 10.42 -4.92
C CYS A 58 6.77 11.83 -5.47
N VAL A 59 6.71 11.93 -6.79
CA VAL A 59 6.40 13.12 -7.56
C VAL A 59 5.22 12.78 -8.46
N GLY A 60 4.70 13.74 -9.21
CA GLY A 60 3.64 13.50 -10.17
C GLY A 60 2.28 13.68 -9.53
N ARG A 61 1.25 13.12 -10.15
CA ARG A 61 -0.11 13.15 -9.63
C ARG A 61 -0.18 12.21 -8.46
N SER A 62 -1.19 12.37 -7.61
CA SER A 62 -1.39 11.42 -6.55
C SER A 62 -2.86 11.21 -6.25
N THR A 63 -3.18 10.09 -5.60
CA THR A 63 -4.43 9.86 -4.91
C THR A 63 -4.10 9.85 -3.42
N THR A 64 -5.09 10.07 -2.57
CA THR A 64 -5.05 9.70 -1.17
C THR A 64 -6.05 8.55 -1.04
N MET A 65 -5.56 7.34 -0.80
CA MET A 65 -6.36 6.13 -0.83
C MET A 65 -6.34 5.43 0.53
N CYS A 66 -7.52 5.21 1.13
CA CYS A 66 -7.69 4.55 2.43
C CYS A 66 -8.24 3.14 2.28
N CYS A 67 -7.93 2.25 3.24
CA CYS A 67 -8.56 0.93 3.32
C CYS A 67 -8.59 0.42 4.77
N PRO A 68 -9.65 -0.29 5.22
CA PRO A 68 -9.71 -0.78 6.59
C PRO A 68 -8.63 -1.82 6.90
N ALA A 69 -8.55 -2.18 8.18
CA ALA A 69 -7.49 -3.02 8.74
C ALA A 69 -7.84 -4.50 8.59
N ASN A 70 -6.88 -5.34 8.17
CA ASN A 70 -7.11 -6.70 7.69
C ASN A 70 -8.09 -6.63 6.53
N THR A 71 -7.65 -5.98 5.45
CA THR A 71 -8.39 -5.86 4.22
C THR A 71 -7.37 -5.90 3.08
N CYS A 72 -7.59 -6.78 2.12
CA CYS A 72 -6.85 -6.88 0.88
C CYS A 72 -7.49 -5.95 -0.15
N CYS A 73 -6.73 -4.99 -0.67
CA CYS A 73 -7.28 -3.83 -1.35
C CYS A 73 -6.56 -3.64 -2.68
N ASN A 74 -7.22 -3.97 -3.79
CA ASN A 74 -6.63 -3.86 -5.12
C ASN A 74 -6.43 -2.39 -5.50
N ILE A 75 -5.18 -1.95 -5.63
CA ILE A 75 -4.84 -0.65 -6.16
C ILE A 75 -5.06 -0.68 -7.68
N ASN A 76 -6.10 0.00 -8.14
CA ASN A 76 -6.26 0.40 -9.53
C ASN A 76 -6.77 1.84 -9.51
N THR A 77 -6.16 2.77 -10.24
CA THR A 77 -6.49 4.19 -10.14
C THR A 77 -6.84 4.74 -11.53
N GLY A 78 -6.95 6.07 -11.64
CA GLY A 78 -7.09 6.72 -12.94
C GLY A 78 -5.73 7.06 -13.55
N PHE A 79 -4.64 6.54 -12.99
CA PHE A 79 -3.29 6.70 -13.50
C PHE A 79 -2.51 5.44 -13.22
N TYR A 80 -1.28 5.40 -13.72
CA TYR A 80 -0.34 4.43 -13.22
C TYR A 80 0.10 4.89 -11.84
N ILE A 81 0.39 3.96 -10.94
CA ILE A 81 0.88 4.23 -9.60
C ILE A 81 2.31 3.71 -9.53
N ARG A 82 3.17 4.42 -8.82
CA ARG A 82 4.54 4.01 -8.54
C ARG A 82 4.80 4.27 -7.08
N SER A 83 4.85 5.51 -6.61
CA SER A 83 5.28 5.68 -5.23
C SER A 83 4.10 5.72 -4.27
N TYR A 84 4.42 5.74 -2.98
CA TYR A 84 3.47 6.08 -1.96
C TYR A 84 4.22 6.58 -0.73
N ARG A 85 3.46 7.17 0.19
CA ARG A 85 3.88 7.42 1.55
C ARG A 85 2.62 7.35 2.40
N ARG A 86 2.67 6.69 3.56
CA ARG A 86 1.46 6.44 4.32
C ARG A 86 0.87 7.74 4.89
N VAL A 87 -0.38 7.69 5.37
CA VAL A 87 -0.96 8.78 6.13
C VAL A 87 -1.80 8.31 7.31
N GLU A 88 -2.47 7.16 7.21
CA GLU A 88 -3.40 6.63 8.20
C GLU A 88 -4.75 7.33 8.04
N GLY A 1 3.59 -4.38 15.24
CA GLY A 1 2.26 -3.84 15.55
C GLY A 1 1.15 -4.91 15.52
N ASP A 2 1.49 -6.18 15.25
CA ASP A 2 0.60 -7.33 15.07
C ASP A 2 -0.21 -7.15 13.78
N GLY A 3 -0.97 -6.07 13.67
CA GLY A 3 -1.39 -5.60 12.37
C GLY A 3 -0.20 -4.99 11.64
N TYR A 4 -0.19 -5.10 10.33
CA TYR A 4 0.77 -4.49 9.42
C TYR A 4 -0.01 -3.74 8.35
N LEU A 5 0.73 -2.99 7.54
CA LEU A 5 0.25 -2.52 6.24
C LEU A 5 1.45 -2.53 5.31
N ILE A 6 1.29 -3.19 4.17
CA ILE A 6 2.30 -3.36 3.14
C ILE A 6 1.55 -3.27 1.82
N MET A 7 2.24 -3.21 0.69
CA MET A 7 1.64 -3.58 -0.56
C MET A 7 2.36 -4.77 -1.16
N CYS A 8 1.73 -5.33 -2.19
CA CYS A 8 1.94 -6.68 -2.64
C CYS A 8 1.55 -6.75 -4.09
N LYS A 9 1.95 -7.84 -4.73
CA LYS A 9 1.48 -8.16 -6.08
C LYS A 9 0.16 -8.90 -6.17
N ASN A 10 -0.21 -9.54 -5.08
CA ASN A 10 -1.52 -10.16 -4.96
C ASN A 10 -2.14 -9.90 -3.60
N CYS A 11 -3.30 -10.51 -3.38
CA CYS A 11 -4.15 -10.24 -2.24
C CYS A 11 -3.81 -11.12 -1.04
N ASP A 12 -2.76 -11.94 -1.16
CA ASP A 12 -2.37 -12.90 -0.15
C ASP A 12 -0.85 -12.92 0.04
N PRO A 13 -0.31 -12.16 1.00
CA PRO A 13 1.11 -12.16 1.32
C PRO A 13 1.74 -13.56 1.44
N ASN A 14 0.97 -14.61 1.73
CA ASN A 14 1.54 -15.95 1.77
C ASN A 14 2.06 -16.34 0.39
N THR A 15 1.32 -16.02 -0.67
CA THR A 15 1.75 -16.25 -2.05
C THR A 15 2.01 -14.90 -2.76
N GLY A 16 2.12 -13.81 -2.00
CA GLY A 16 2.40 -12.49 -2.49
C GLY A 16 3.79 -12.07 -2.06
N SER A 17 4.62 -11.77 -3.04
CA SER A 17 5.80 -10.95 -2.82
C SER A 17 5.28 -9.57 -2.44
N CYS A 18 5.69 -9.06 -1.28
CA CYS A 18 5.15 -7.85 -0.74
C CYS A 18 6.29 -7.02 -0.21
N ASP A 19 6.08 -5.71 -0.05
CA ASP A 19 7.02 -4.86 0.66
C ASP A 19 6.63 -4.79 2.12
N TRP A 20 7.24 -5.69 2.88
CA TRP A 20 7.35 -5.62 4.33
C TRP A 20 8.56 -4.75 4.68
N LYS A 21 8.72 -3.64 3.96
CA LYS A 21 9.60 -2.55 4.34
C LYS A 21 8.68 -1.47 4.89
N GLN A 22 9.25 -0.46 5.54
CA GLN A 22 8.48 0.65 6.01
C GLN A 22 7.88 1.40 4.81
N ASN A 23 6.67 1.88 5.01
CA ASN A 23 5.95 2.85 4.17
C ASN A 23 5.56 4.07 4.99
N TRP A 24 5.76 4.04 6.32
CA TRP A 24 5.65 5.21 7.19
C TRP A 24 6.64 6.29 6.74
N ASN A 25 6.14 7.22 5.91
CA ASN A 25 6.90 8.32 5.34
C ASN A 25 8.29 7.87 4.88
N THR A 26 8.28 6.86 4.03
CA THR A 26 9.43 6.26 3.39
C THR A 26 8.91 6.04 1.97
N CYS A 27 9.61 6.57 0.97
CA CYS A 27 9.13 6.71 -0.38
C CYS A 27 9.17 5.34 -1.08
N VAL A 28 8.13 4.52 -0.91
CA VAL A 28 8.19 3.15 -1.37
C VAL A 28 7.82 3.12 -2.85
N GLY A 29 8.73 2.62 -3.68
CA GLY A 29 8.51 2.41 -5.10
C GLY A 29 7.58 1.23 -5.36
N ILE A 30 6.90 1.25 -6.50
CA ILE A 30 5.94 0.25 -6.95
C ILE A 30 6.35 -0.17 -8.35
N GLY A 31 6.20 -1.44 -8.68
CA GLY A 31 6.31 -1.94 -10.03
C GLY A 31 6.28 -3.47 -10.01
N ALA A 32 6.14 -4.07 -11.20
CA ALA A 32 6.26 -5.50 -11.43
C ALA A 32 5.25 -6.35 -10.69
N ASN A 33 4.00 -6.28 -11.17
CA ASN A 33 2.80 -6.93 -10.67
C ASN A 33 2.39 -6.37 -9.32
N VAL A 34 3.07 -5.36 -8.80
CA VAL A 34 2.76 -4.89 -7.45
C VAL A 34 1.59 -3.90 -7.57
N HIS A 35 0.36 -4.36 -7.32
CA HIS A 35 -0.81 -3.49 -7.32
C HIS A 35 -1.87 -3.90 -6.31
N TRP A 36 -1.45 -4.42 -5.16
CA TRP A 36 -2.40 -4.78 -4.10
C TRP A 36 -1.87 -4.30 -2.76
N MET A 37 -2.56 -3.35 -2.14
CA MET A 37 -2.23 -2.93 -0.79
C MET A 37 -2.96 -3.87 0.17
N VAL A 38 -2.28 -4.39 1.18
CA VAL A 38 -2.83 -5.39 2.06
C VAL A 38 -2.60 -4.91 3.49
N THR A 39 -3.65 -4.91 4.31
CA THR A 39 -3.71 -4.12 5.52
C THR A 39 -4.47 -4.88 6.59
N GLY A 40 -3.90 -5.03 7.78
CA GLY A 40 -4.58 -5.60 8.92
C GLY A 40 -3.71 -6.59 9.65
N GLY A 41 -4.38 -7.45 10.43
CA GLY A 41 -3.81 -8.49 11.25
C GLY A 41 -4.51 -8.37 12.60
N SER A 42 -4.25 -7.26 13.29
CA SER A 42 -4.87 -6.92 14.55
C SER A 42 -6.35 -6.64 14.32
N THR A 43 -7.18 -6.92 15.33
CA THR A 43 -8.61 -6.66 15.28
C THR A 43 -8.75 -5.14 15.42
N ASP A 44 -7.98 -4.54 16.34
CA ASP A 44 -7.89 -3.10 16.49
C ASP A 44 -6.62 -2.61 15.80
N GLY A 45 -6.74 -2.15 14.55
CA GLY A 45 -5.62 -1.69 13.74
C GLY A 45 -5.72 -0.22 13.34
N LYS A 46 -6.95 0.31 13.26
CA LYS A 46 -7.35 1.51 12.55
C LYS A 46 -7.09 1.37 11.04
N GLN A 47 -8.03 1.81 10.20
CA GLN A 47 -7.80 1.77 8.77
C GLN A 47 -6.48 2.42 8.40
N GLY A 48 -5.81 1.86 7.41
CA GLY A 48 -4.57 2.44 6.97
C GLY A 48 -4.88 3.36 5.81
N CYS A 49 -4.34 4.58 5.82
CA CYS A 49 -4.45 5.48 4.71
C CYS A 49 -3.08 5.80 4.20
N ALA A 50 -3.00 6.00 2.89
CA ALA A 50 -1.77 6.17 2.18
C ALA A 50 -1.97 7.15 1.06
N THR A 51 -0.99 8.00 0.83
CA THR A 51 -0.92 8.78 -0.37
C THR A 51 -0.10 7.95 -1.34
N ILE A 52 -0.75 7.48 -2.40
CA ILE A 52 -0.15 6.76 -3.49
C ILE A 52 0.14 7.81 -4.58
N TRP A 53 1.24 7.70 -5.31
CA TRP A 53 1.69 8.65 -6.33
C TRP A 53 1.92 8.01 -7.70
N GLU A 54 1.76 8.85 -8.72
CA GLU A 54 2.04 8.60 -10.13
C GLU A 54 3.52 8.79 -10.39
N GLY A 55 4.13 9.78 -9.77
CA GLY A 55 5.53 10.08 -10.01
C GLY A 55 6.43 9.02 -9.38
N SER A 56 7.44 8.62 -10.14
CA SER A 56 8.55 7.82 -9.67
C SER A 56 9.25 8.63 -8.59
N GLY A 57 9.30 8.07 -7.40
CA GLY A 57 9.89 8.70 -6.23
C GLY A 57 8.91 9.68 -5.58
N CYS A 58 7.66 9.24 -5.41
CA CYS A 58 6.61 9.90 -4.62
C CYS A 58 6.53 11.41 -4.87
N VAL A 59 6.46 11.76 -6.16
CA VAL A 59 6.20 13.07 -6.72
C VAL A 59 5.01 12.91 -7.66
N GLY A 60 4.54 13.98 -8.27
CA GLY A 60 3.57 13.87 -9.35
C GLY A 60 2.16 13.73 -8.80
N ARG A 61 1.25 13.15 -9.57
CA ARG A 61 -0.15 13.06 -9.15
C ARG A 61 -0.24 12.10 -7.99
N SER A 62 -1.26 12.26 -7.14
CA SER A 62 -1.48 11.33 -6.06
C SER A 62 -2.96 11.05 -5.83
N THR A 63 -3.24 10.00 -5.06
CA THR A 63 -4.56 9.67 -4.54
C THR A 63 -4.36 9.24 -3.09
N THR A 64 -5.23 9.66 -2.17
CA THR A 64 -5.23 9.23 -0.79
C THR A 64 -6.09 7.97 -0.71
N MET A 65 -5.45 6.81 -0.79
CA MET A 65 -6.12 5.52 -0.63
C MET A 65 -6.19 5.18 0.85
N CYS A 66 -7.38 5.32 1.45
CA CYS A 66 -7.69 4.77 2.76
C CYS A 66 -8.33 3.42 2.57
N CYS A 67 -7.96 2.44 3.40
CA CYS A 67 -8.38 1.05 3.29
C CYS A 67 -8.32 0.40 4.68
N PRO A 68 -9.35 -0.33 5.13
CA PRO A 68 -9.48 -0.76 6.52
C PRO A 68 -8.38 -1.70 7.01
N ALA A 69 -8.28 -1.82 8.34
CA ALA A 69 -7.47 -2.86 8.94
C ALA A 69 -8.25 -4.16 8.81
N ASN A 70 -7.63 -5.15 8.17
CA ASN A 70 -8.14 -6.46 7.86
C ASN A 70 -8.95 -6.34 6.58
N THR A 71 -8.26 -5.95 5.51
CA THR A 71 -8.70 -6.19 4.17
C THR A 71 -7.51 -6.20 3.22
N CYS A 72 -7.85 -6.35 1.95
CA CYS A 72 -7.00 -6.42 0.78
C CYS A 72 -7.60 -5.47 -0.24
N CYS A 73 -6.82 -4.50 -0.70
CA CYS A 73 -7.24 -3.38 -1.54
C CYS A 73 -6.54 -3.56 -2.89
N ASN A 74 -7.31 -3.82 -3.94
CA ASN A 74 -6.82 -3.76 -5.31
C ASN A 74 -6.47 -2.31 -5.62
N ILE A 75 -5.21 -2.00 -5.86
CA ILE A 75 -4.82 -0.76 -6.47
C ILE A 75 -5.10 -0.89 -7.97
N ASN A 76 -5.95 -0.01 -8.49
CA ASN A 76 -6.20 0.15 -9.91
C ASN A 76 -6.58 1.62 -10.09
N THR A 77 -5.61 2.48 -9.84
CA THR A 77 -5.81 3.90 -9.70
C THR A 77 -5.97 4.56 -11.06
N GLY A 78 -6.53 5.77 -11.07
CA GLY A 78 -6.69 6.55 -12.30
C GLY A 78 -5.38 6.71 -13.08
N PHE A 79 -4.24 6.72 -12.39
CA PHE A 79 -2.92 6.74 -12.98
C PHE A 79 -2.23 5.43 -12.73
N TYR A 80 -1.22 5.14 -13.54
CA TYR A 80 -0.37 4.01 -13.27
C TYR A 80 0.53 4.33 -12.07
N ILE A 81 0.71 3.34 -11.19
CA ILE A 81 1.23 3.54 -9.86
C ILE A 81 2.74 3.41 -9.87
N ARG A 82 3.42 4.34 -9.21
CA ARG A 82 4.88 4.38 -9.13
C ARG A 82 5.36 4.36 -7.68
N SER A 83 4.70 5.09 -6.79
CA SER A 83 5.12 5.14 -5.39
C SER A 83 3.95 5.16 -4.40
N TYR A 84 4.21 4.94 -3.11
CA TYR A 84 3.28 5.28 -2.04
C TYR A 84 4.00 5.52 -0.71
N ARG A 85 3.31 6.19 0.22
CA ARG A 85 3.62 6.29 1.62
C ARG A 85 2.33 6.16 2.41
N ARG A 86 2.37 5.54 3.60
CA ARG A 86 1.25 5.64 4.53
C ARG A 86 1.26 7.00 5.21
N VAL A 87 0.08 7.45 5.62
CA VAL A 87 -0.13 8.54 6.57
C VAL A 87 -0.79 8.02 7.85
N GLU A 88 -1.40 6.82 7.83
CA GLU A 88 -1.79 6.05 8.99
C GLU A 88 -2.09 4.64 8.51
N GLY A 1 -0.51 -6.30 18.87
CA GLY A 1 -0.28 -4.99 18.24
C GLY A 1 0.55 -5.03 16.96
N ASP A 2 0.92 -6.20 16.43
CA ASP A 2 1.89 -6.29 15.32
C ASP A 2 1.22 -5.92 13.99
N GLY A 3 0.73 -4.70 13.85
CA GLY A 3 0.06 -4.31 12.64
C GLY A 3 1.05 -3.99 11.55
N TYR A 4 0.78 -4.54 10.38
CA TYR A 4 1.49 -4.28 9.16
C TYR A 4 0.58 -3.55 8.21
N LEU A 5 1.21 -2.90 7.26
CA LEU A 5 0.60 -2.48 6.01
C LEU A 5 1.64 -2.74 4.95
N ILE A 6 1.44 -3.82 4.20
CA ILE A 6 2.29 -4.22 3.10
C ILE A 6 1.42 -4.35 1.87
N MET A 7 2.06 -4.54 0.73
CA MET A 7 1.43 -4.55 -0.57
C MET A 7 1.95 -5.70 -1.43
N CYS A 8 1.04 -6.32 -2.15
CA CYS A 8 1.18 -7.65 -2.70
C CYS A 8 0.95 -7.62 -4.20
N LYS A 9 1.29 -8.75 -4.83
CA LYS A 9 1.17 -8.95 -6.26
C LYS A 9 -0.29 -9.29 -6.59
N ASN A 10 -0.94 -9.99 -5.67
CA ASN A 10 -2.31 -10.51 -5.74
C ASN A 10 -2.99 -10.16 -4.42
N CYS A 11 -4.17 -10.73 -4.15
CA CYS A 11 -4.97 -10.33 -2.99
C CYS A 11 -4.74 -11.22 -1.77
N ASP A 12 -3.82 -12.17 -1.87
CA ASP A 12 -3.47 -13.10 -0.81
C ASP A 12 -1.96 -13.09 -0.55
N PRO A 13 -1.49 -12.66 0.64
CA PRO A 13 -0.09 -12.75 1.00
C PRO A 13 0.38 -14.20 1.07
N ASN A 14 -0.50 -15.18 1.29
CA ASN A 14 -0.04 -16.55 1.42
C ASN A 14 0.57 -17.01 0.10
N THR A 15 -0.10 -16.70 -1.02
CA THR A 15 0.39 -16.98 -2.37
C THR A 15 0.91 -15.72 -3.07
N GLY A 16 1.11 -14.63 -2.32
CA GLY A 16 1.63 -13.37 -2.82
C GLY A 16 2.89 -12.96 -2.10
N SER A 17 3.97 -12.94 -2.85
CA SER A 17 5.25 -12.43 -2.39
C SER A 17 5.13 -10.91 -2.29
N CYS A 18 4.80 -10.41 -1.12
CA CYS A 18 4.46 -9.01 -0.92
C CYS A 18 5.72 -8.21 -0.65
N ASP A 19 5.62 -6.89 -0.57
CA ASP A 19 6.67 -6.15 0.11
C ASP A 19 6.53 -6.48 1.60
N TRP A 20 7.59 -6.20 2.33
CA TRP A 20 7.66 -6.20 3.78
C TRP A 20 8.75 -5.18 4.10
N LYS A 21 8.59 -3.96 3.57
CA LYS A 21 9.56 -2.89 3.60
C LYS A 21 8.99 -1.74 4.45
N GLN A 22 9.80 -0.70 4.64
CA GLN A 22 9.40 0.47 5.40
C GLN A 22 8.24 1.19 4.68
N ASN A 23 7.40 1.92 5.41
CA ASN A 23 6.26 2.63 4.81
C ASN A 23 5.90 3.96 5.48
N TRP A 24 6.25 4.16 6.76
CA TRP A 24 5.86 5.31 7.54
C TRP A 24 7.03 6.28 7.65
N ASN A 25 7.82 6.34 6.59
CA ASN A 25 9.12 7.00 6.66
C ASN A 25 9.38 7.74 5.37
N THR A 26 8.36 8.44 4.89
CA THR A 26 8.48 9.31 3.73
C THR A 26 8.19 8.50 2.47
N CYS A 27 8.21 9.20 1.34
CA CYS A 27 8.09 8.64 0.01
C CYS A 27 8.99 7.43 -0.20
N VAL A 28 8.39 6.25 -0.30
CA VAL A 28 9.01 4.98 -0.65
C VAL A 28 8.65 4.68 -2.11
N GLY A 29 9.57 4.06 -2.86
CA GLY A 29 9.39 3.74 -4.25
C GLY A 29 8.54 2.49 -4.42
N ILE A 30 7.59 2.54 -5.33
CA ILE A 30 6.52 1.57 -5.53
C ILE A 30 6.42 1.24 -7.01
N GLY A 31 5.70 0.19 -7.34
CA GLY A 31 5.34 -0.21 -8.68
C GLY A 31 5.71 -1.66 -8.82
N ALA A 32 5.70 -2.13 -10.05
CA ALA A 32 6.30 -3.37 -10.49
C ALA A 32 5.95 -4.60 -9.65
N ASN A 33 4.86 -5.24 -10.05
CA ASN A 33 4.32 -6.47 -9.46
C ASN A 33 3.85 -6.24 -8.04
N VAL A 34 3.55 -4.99 -7.67
CA VAL A 34 2.96 -4.70 -6.37
C VAL A 34 1.80 -3.73 -6.58
N HIS A 35 0.55 -4.23 -6.56
CA HIS A 35 -0.66 -3.46 -6.83
C HIS A 35 -1.84 -3.94 -6.02
N TRP A 36 -1.58 -4.55 -4.89
CA TRP A 36 -2.59 -4.81 -3.89
C TRP A 36 -1.98 -4.29 -2.60
N MET A 37 -2.78 -3.71 -1.72
CA MET A 37 -2.39 -3.39 -0.36
C MET A 37 -3.16 -4.40 0.48
N VAL A 38 -2.47 -5.16 1.33
CA VAL A 38 -3.12 -6.16 2.16
C VAL A 38 -2.70 -5.87 3.60
N THR A 39 -3.53 -5.09 4.29
CA THR A 39 -3.23 -4.47 5.56
C THR A 39 -3.85 -5.31 6.68
N GLY A 40 -3.32 -5.24 7.90
CA GLY A 40 -3.92 -5.92 9.03
C GLY A 40 -2.97 -5.97 10.22
N GLY A 41 -3.24 -6.87 11.16
CA GLY A 41 -2.30 -7.30 12.18
C GLY A 41 -2.35 -6.47 13.46
N SER A 42 -2.99 -5.29 13.45
CA SER A 42 -3.00 -4.42 14.60
C SER A 42 -3.71 -5.12 15.76
N THR A 43 -5.01 -5.30 15.61
CA THR A 43 -5.96 -5.62 16.65
C THR A 43 -7.20 -6.13 15.90
N ASP A 44 -8.09 -5.21 15.52
CA ASP A 44 -9.10 -5.28 14.49
C ASP A 44 -9.61 -3.86 14.27
N GLY A 45 -9.98 -3.50 13.05
CA GLY A 45 -10.72 -2.27 12.81
C GLY A 45 -9.82 -1.05 12.86
N LYS A 46 -8.52 -1.25 12.62
CA LYS A 46 -7.60 -0.16 12.35
C LYS A 46 -7.23 -0.14 10.87
N GLN A 47 -7.81 0.81 10.15
CA GLN A 47 -7.44 1.13 8.78
C GLN A 47 -5.99 1.60 8.71
N GLY A 48 -5.47 1.69 7.50
CA GLY A 48 -4.26 2.45 7.21
C GLY A 48 -4.41 3.06 5.84
N CYS A 49 -3.96 4.31 5.66
CA CYS A 49 -4.07 4.99 4.38
C CYS A 49 -2.69 5.46 3.98
N ALA A 50 -2.55 5.87 2.72
CA ALA A 50 -1.33 6.36 2.12
C ALA A 50 -1.64 7.33 1.00
N THR A 51 -0.79 8.33 0.82
CA THR A 51 -0.74 9.09 -0.42
C THR A 51 0.13 8.24 -1.35
N ILE A 52 -0.39 7.86 -2.52
CA ILE A 52 0.35 7.17 -3.56
C ILE A 52 0.50 8.18 -4.71
N TRP A 53 1.56 8.07 -5.50
CA TRP A 53 1.86 8.91 -6.65
C TRP A 53 2.17 8.06 -7.87
N GLU A 54 2.00 8.63 -9.07
CA GLU A 54 2.36 8.02 -10.33
C GLU A 54 3.85 8.24 -10.65
N GLY A 55 4.39 9.40 -10.30
CA GLY A 55 5.76 9.74 -10.62
C GLY A 55 6.74 8.82 -9.90
N SER A 56 7.89 8.55 -10.52
CA SER A 56 8.92 7.69 -9.98
C SER A 56 9.75 8.45 -8.93
N GLY A 57 9.07 9.01 -7.94
CA GLY A 57 9.62 9.90 -6.96
C GLY A 57 8.57 10.91 -6.55
N CYS A 58 7.41 10.42 -6.10
CA CYS A 58 6.42 11.20 -5.33
C CYS A 58 5.98 12.50 -6.02
N VAL A 59 5.90 12.48 -7.35
CA VAL A 59 5.42 13.53 -8.21
C VAL A 59 4.32 12.99 -9.13
N GLY A 60 3.72 13.85 -9.94
CA GLY A 60 2.70 13.44 -10.90
C GLY A 60 1.35 13.33 -10.23
N ARG A 61 0.47 12.48 -10.77
CA ARG A 61 -0.88 12.30 -10.26
C ARG A 61 -0.76 11.52 -8.97
N SER A 62 -1.59 11.85 -8.00
CA SER A 62 -1.57 11.19 -6.73
C SER A 62 -2.96 10.87 -6.24
N THR A 63 -3.05 10.05 -5.19
CA THR A 63 -4.31 9.75 -4.53
C THR A 63 -4.05 9.37 -3.07
N THR A 64 -4.89 9.81 -2.15
CA THR A 64 -5.00 9.16 -0.85
C THR A 64 -5.71 7.83 -1.10
N MET A 65 -4.97 6.73 -1.15
CA MET A 65 -5.54 5.39 -1.10
C MET A 65 -5.72 5.07 0.38
N CYS A 66 -6.95 4.83 0.81
CA CYS A 66 -7.21 4.30 2.14
C CYS A 66 -7.49 2.82 2.00
N CYS A 67 -7.23 2.06 3.05
CA CYS A 67 -7.61 0.66 3.15
C CYS A 67 -8.04 0.35 4.58
N PRO A 68 -9.27 -0.09 4.83
CA PRO A 68 -9.72 -0.45 6.16
C PRO A 68 -8.99 -1.70 6.64
N ALA A 69 -9.32 -2.11 7.86
CA ALA A 69 -8.46 -3.03 8.58
C ALA A 69 -8.52 -4.43 8.01
N ASN A 70 -7.41 -5.16 8.17
CA ASN A 70 -7.36 -6.61 8.08
C ASN A 70 -8.02 -7.08 6.79
N THR A 71 -7.58 -6.54 5.66
CA THR A 71 -8.21 -6.82 4.38
C THR A 71 -7.22 -6.59 3.27
N CYS A 72 -7.71 -6.83 2.05
CA CYS A 72 -7.06 -6.71 0.77
C CYS A 72 -7.70 -5.56 -0.01
N CYS A 73 -6.91 -4.80 -0.74
CA CYS A 73 -7.31 -3.54 -1.35
C CYS A 73 -6.62 -3.42 -2.70
N ASN A 74 -7.37 -3.37 -3.80
CA ASN A 74 -6.80 -3.34 -5.14
C ASN A 74 -6.22 -1.97 -5.43
N ILE A 75 -4.89 -1.82 -5.40
CA ILE A 75 -4.25 -0.59 -5.78
C ILE A 75 -4.30 -0.45 -7.30
N ASN A 76 -4.68 0.73 -7.77
CA ASN A 76 -4.92 1.13 -9.15
C ASN A 76 -6.13 2.04 -9.07
N THR A 77 -5.94 3.32 -9.35
CA THR A 77 -6.99 4.32 -9.20
C THR A 77 -7.35 4.81 -10.62
N GLY A 78 -6.83 4.12 -11.64
CA GLY A 78 -6.67 4.61 -13.00
C GLY A 78 -5.17 4.55 -13.29
N PHE A 79 -4.37 5.29 -12.52
CA PHE A 79 -2.97 5.51 -12.85
C PHE A 79 -2.08 4.38 -12.41
N TYR A 80 -0.94 4.29 -13.08
CA TYR A 80 0.10 3.36 -12.68
C TYR A 80 0.77 3.92 -11.44
N ILE A 81 0.98 3.10 -10.43
CA ILE A 81 1.33 3.54 -9.08
C ILE A 81 2.82 3.34 -8.87
N ARG A 82 3.54 4.38 -8.43
CA ARG A 82 5.00 4.39 -8.48
C ARG A 82 5.74 4.92 -7.26
N SER A 83 5.11 5.71 -6.39
CA SER A 83 5.67 5.98 -5.06
C SER A 83 4.53 6.03 -4.06
N TYR A 84 4.82 5.92 -2.76
CA TYR A 84 3.80 6.12 -1.72
C TYR A 84 4.39 6.58 -0.41
N ARG A 85 3.56 7.14 0.47
CA ARG A 85 3.89 7.47 1.85
C ARG A 85 2.60 7.38 2.66
N ARG A 86 2.64 6.65 3.78
CA ARG A 86 1.48 6.49 4.66
C ARG A 86 0.90 7.81 5.18
N VAL A 87 -0.42 7.91 5.30
CA VAL A 87 -1.09 9.06 5.91
C VAL A 87 -2.04 8.68 7.04
N GLU A 88 -2.22 7.38 7.29
CA GLU A 88 -3.05 6.81 8.35
C GLU A 88 -4.45 6.64 7.79
N GLY A 1 1.03 -8.97 14.57
CA GLY A 1 0.10 -8.35 15.51
C GLY A 1 -0.09 -6.92 15.05
N ASP A 2 -0.58 -6.04 15.93
CA ASP A 2 -0.62 -4.59 15.81
C ASP A 2 -1.52 -4.16 14.65
N GLY A 3 -1.01 -4.39 13.46
CA GLY A 3 -1.42 -3.80 12.21
C GLY A 3 -0.14 -3.53 11.42
N TYR A 4 -0.26 -3.29 10.12
CA TYR A 4 0.79 -2.84 9.24
C TYR A 4 0.09 -2.46 7.94
N LEU A 5 0.86 -1.87 7.04
CA LEU A 5 0.45 -1.50 5.70
C LEU A 5 1.64 -1.79 4.80
N ILE A 6 1.42 -2.68 3.83
CA ILE A 6 2.38 -3.13 2.84
C ILE A 6 1.60 -3.32 1.55
N MET A 7 2.26 -3.16 0.40
CA MET A 7 1.66 -3.45 -0.88
C MET A 7 2.30 -4.67 -1.54
N CYS A 8 1.55 -5.25 -2.47
CA CYS A 8 1.74 -6.61 -2.90
C CYS A 8 1.44 -6.74 -4.38
N LYS A 9 2.07 -7.76 -4.94
CA LYS A 9 2.06 -8.07 -6.34
C LYS A 9 0.84 -8.93 -6.71
N ASN A 10 0.16 -9.48 -5.69
CA ASN A 10 -1.17 -10.06 -5.78
C ASN A 10 -1.84 -9.89 -4.42
N CYS A 11 -3.07 -10.36 -4.28
CA CYS A 11 -3.85 -10.13 -3.06
C CYS A 11 -3.45 -11.03 -1.90
N ASP A 12 -2.41 -11.86 -2.07
CA ASP A 12 -2.08 -12.89 -1.07
C ASP A 12 -0.60 -12.86 -0.63
N PRO A 13 -0.27 -12.40 0.58
CA PRO A 13 1.10 -12.45 1.07
C PRO A 13 1.64 -13.88 1.15
N ASN A 14 0.77 -14.89 1.20
CA ASN A 14 1.20 -16.27 1.23
C ASN A 14 1.91 -16.65 -0.06
N THR A 15 1.52 -16.06 -1.19
CA THR A 15 2.05 -16.43 -2.50
C THR A 15 2.22 -15.21 -3.41
N GLY A 16 2.47 -14.04 -2.83
CA GLY A 16 2.74 -12.81 -3.54
C GLY A 16 3.99 -12.16 -2.98
N SER A 17 4.83 -11.60 -3.86
CA SER A 17 5.87 -10.69 -3.42
C SER A 17 5.16 -9.45 -2.85
N CYS A 18 5.50 -9.07 -1.62
CA CYS A 18 4.89 -7.99 -0.88
C CYS A 18 6.03 -7.21 -0.26
N ASP A 19 5.99 -5.88 -0.29
CA ASP A 19 7.10 -5.08 0.21
C ASP A 19 6.86 -4.65 1.66
N TRP A 20 7.57 -5.33 2.56
CA TRP A 20 7.59 -5.22 4.00
C TRP A 20 8.86 -4.50 4.44
N LYS A 21 9.11 -3.29 3.94
CA LYS A 21 10.03 -2.34 4.55
C LYS A 21 9.19 -1.32 5.34
N GLN A 22 9.83 -0.29 5.91
CA GLN A 22 9.11 0.79 6.53
C GLN A 22 8.32 1.51 5.44
N ASN A 23 7.15 2.02 5.81
CA ASN A 23 6.11 2.43 4.87
C ASN A 23 5.36 3.68 5.34
N TRP A 24 5.59 4.14 6.56
CA TRP A 24 5.02 5.38 7.05
C TRP A 24 6.13 6.43 6.96
N ASN A 25 5.75 7.66 6.63
CA ASN A 25 6.63 8.82 6.66
C ASN A 25 7.91 8.61 5.84
N THR A 26 7.74 8.11 4.61
CA THR A 26 8.82 7.71 3.71
C THR A 26 8.42 8.04 2.27
N CYS A 27 9.21 7.63 1.27
CA CYS A 27 9.10 7.97 -0.13
C CYS A 27 9.68 6.83 -0.98
N VAL A 28 9.00 5.67 -0.94
CA VAL A 28 9.51 4.40 -1.44
C VAL A 28 8.85 4.07 -2.77
N GLY A 29 9.61 3.92 -3.86
CA GLY A 29 9.12 3.52 -5.16
C GLY A 29 8.91 2.00 -5.27
N ILE A 30 7.72 1.61 -5.71
CA ILE A 30 7.26 0.26 -5.95
C ILE A 30 6.76 0.23 -7.40
N GLY A 31 6.53 -0.94 -7.97
CA GLY A 31 5.83 -1.04 -9.23
C GLY A 31 5.94 -2.44 -9.80
N ALA A 32 5.34 -2.63 -10.97
CA ALA A 32 5.29 -3.85 -11.74
C ALA A 32 4.44 -4.90 -11.03
N ASN A 33 3.18 -5.05 -11.45
CA ASN A 33 2.17 -5.95 -10.86
C ASN A 33 1.68 -5.44 -9.52
N VAL A 34 2.06 -4.22 -9.14
CA VAL A 34 1.70 -3.69 -7.84
C VAL A 34 0.31 -3.08 -7.97
N HIS A 35 -0.72 -3.84 -7.58
CA HIS A 35 -2.09 -3.34 -7.57
C HIS A 35 -2.90 -3.86 -6.38
N TRP A 36 -2.22 -4.14 -5.28
CA TRP A 36 -2.87 -4.62 -4.08
C TRP A 36 -2.15 -4.02 -2.89
N MET A 37 -2.88 -3.38 -1.98
CA MET A 37 -2.39 -3.10 -0.65
C MET A 37 -3.08 -4.08 0.29
N VAL A 38 -2.35 -4.74 1.18
CA VAL A 38 -2.91 -5.78 2.03
C VAL A 38 -2.60 -5.39 3.46
N THR A 39 -3.42 -4.50 4.00
CA THR A 39 -3.14 -3.84 5.27
C THR A 39 -3.85 -4.62 6.38
N GLY A 40 -3.32 -4.60 7.61
CA GLY A 40 -3.83 -5.38 8.72
C GLY A 40 -2.69 -5.89 9.57
N GLY A 41 -2.94 -6.76 10.56
CA GLY A 41 -1.87 -7.41 11.28
C GLY A 41 -2.35 -8.08 12.56
N SER A 42 -3.33 -7.47 13.22
CA SER A 42 -4.11 -8.10 14.26
C SER A 42 -5.50 -8.38 13.66
N THR A 43 -6.45 -7.48 13.91
CA THR A 43 -7.77 -7.51 13.30
C THR A 43 -8.26 -6.06 13.38
N ASP A 44 -8.42 -5.58 14.61
CA ASP A 44 -8.91 -4.27 14.98
C ASP A 44 -7.74 -3.28 14.94
N GLY A 45 -7.00 -3.27 13.83
CA GLY A 45 -5.88 -2.36 13.63
C GLY A 45 -6.34 -0.96 13.21
N LYS A 46 -7.66 -0.75 13.11
CA LYS A 46 -8.32 0.41 12.53
C LYS A 46 -7.97 0.57 11.05
N GLN A 47 -8.74 1.37 10.31
CA GLN A 47 -8.29 1.75 8.99
C GLN A 47 -7.12 2.69 9.12
N GLY A 48 -6.35 2.79 8.04
CA GLY A 48 -5.40 3.87 7.90
C GLY A 48 -5.22 4.10 6.42
N CYS A 49 -4.49 5.15 6.05
CA CYS A 49 -4.55 5.66 4.70
C CYS A 49 -3.13 5.80 4.22
N ALA A 50 -2.96 5.86 2.91
CA ALA A 50 -1.68 6.13 2.29
C ALA A 50 -1.91 7.04 1.11
N THR A 51 -1.00 7.98 0.95
CA THR A 51 -0.88 8.59 -0.36
C THR A 51 0.00 7.65 -1.17
N ILE A 52 -0.53 7.22 -2.30
CA ILE A 52 0.18 6.46 -3.31
C ILE A 52 0.50 7.47 -4.43
N TRP A 53 1.63 7.32 -5.12
CA TRP A 53 2.09 8.18 -6.20
C TRP A 53 2.32 7.36 -7.47
N GLU A 54 2.35 8.07 -8.60
CA GLU A 54 2.66 7.56 -9.91
C GLU A 54 4.16 7.40 -10.09
N GLY A 55 4.93 8.45 -9.79
CA GLY A 55 6.34 8.51 -10.12
C GLY A 55 7.17 7.74 -9.12
N SER A 56 7.89 6.74 -9.63
CA SER A 56 8.75 5.81 -8.92
C SER A 56 9.67 6.61 -7.99
N GLY A 57 9.44 6.53 -6.69
CA GLY A 57 10.07 7.30 -5.66
C GLY A 57 9.00 7.91 -4.78
N CYS A 58 8.32 8.94 -5.28
CA CYS A 58 7.06 9.54 -4.81
C CYS A 58 6.87 10.93 -5.42
N VAL A 59 6.93 11.02 -6.75
CA VAL A 59 6.66 12.21 -7.53
C VAL A 59 5.46 11.92 -8.44
N GLY A 60 5.00 12.91 -9.20
CA GLY A 60 3.94 12.69 -10.17
C GLY A 60 2.58 12.73 -9.49
N ARG A 61 1.58 12.14 -10.12
CA ARG A 61 0.20 12.25 -9.66
C ARG A 61 0.01 11.28 -8.53
N SER A 62 -0.90 11.60 -7.62
CA SER A 62 -1.01 10.86 -6.39
C SER A 62 -2.46 10.73 -5.96
N THR A 63 -2.74 9.82 -5.04
CA THR A 63 -4.09 9.42 -4.66
C THR A 63 -4.06 8.94 -3.22
N THR A 64 -4.95 9.47 -2.38
CA THR A 64 -5.08 9.05 -0.99
C THR A 64 -5.94 7.80 -0.97
N MET A 65 -5.30 6.64 -1.02
CA MET A 65 -5.98 5.36 -0.90
C MET A 65 -6.17 5.09 0.58
N CYS A 66 -7.37 4.76 1.03
CA CYS A 66 -7.65 4.44 2.43
C CYS A 66 -8.42 3.13 2.51
N CYS A 67 -8.02 2.25 3.41
CA CYS A 67 -8.59 0.90 3.50
C CYS A 67 -8.55 0.37 4.94
N PRO A 68 -9.56 -0.39 5.38
CA PRO A 68 -9.62 -0.90 6.75
C PRO A 68 -8.54 -1.94 7.07
N ALA A 69 -8.41 -2.30 8.35
CA ALA A 69 -7.38 -3.25 8.74
C ALA A 69 -7.80 -4.63 8.29
N ASN A 70 -6.80 -5.44 7.97
CA ASN A 70 -6.94 -6.85 7.67
C ASN A 70 -7.86 -7.02 6.49
N THR A 71 -7.65 -6.13 5.52
CA THR A 71 -8.42 -6.02 4.32
C THR A 71 -7.44 -6.04 3.16
N CYS A 72 -7.72 -6.87 2.16
CA CYS A 72 -6.99 -6.87 0.91
C CYS A 72 -7.69 -5.86 0.00
N CYS A 73 -6.92 -4.90 -0.50
CA CYS A 73 -7.40 -3.64 -1.03
C CYS A 73 -6.91 -3.60 -2.47
N ASN A 74 -7.79 -3.80 -3.45
CA ASN A 74 -7.39 -3.85 -4.85
C ASN A 74 -7.17 -2.44 -5.37
N ILE A 75 -5.92 -2.01 -5.53
CA ILE A 75 -5.58 -0.67 -5.98
C ILE A 75 -5.81 -0.59 -7.49
N ASN A 76 -6.74 0.24 -7.94
CA ASN A 76 -6.92 0.56 -9.35
C ASN A 76 -7.21 2.06 -9.42
N THR A 77 -6.20 2.92 -9.40
CA THR A 77 -6.49 4.34 -9.53
C THR A 77 -6.84 4.66 -10.98
N GLY A 78 -7.04 5.92 -11.33
CA GLY A 78 -7.22 6.33 -12.71
C GLY A 78 -5.95 6.14 -13.53
N PHE A 79 -4.78 6.05 -12.88
CA PHE A 79 -3.48 6.01 -13.49
C PHE A 79 -2.66 4.86 -12.92
N TYR A 80 -1.45 4.64 -13.43
CA TYR A 80 -0.61 3.55 -12.98
C TYR A 80 0.13 3.98 -11.72
N ILE A 81 0.16 3.09 -10.72
CA ILE A 81 0.61 3.37 -9.37
C ILE A 81 2.02 2.80 -9.15
N ARG A 82 2.80 3.50 -8.33
CA ARG A 82 4.10 3.04 -7.87
C ARG A 82 4.25 3.32 -6.39
N SER A 83 4.69 4.52 -6.04
CA SER A 83 5.29 4.77 -4.74
C SER A 83 4.23 4.98 -3.67
N TYR A 84 4.60 4.99 -2.39
CA TYR A 84 3.62 5.23 -1.34
C TYR A 84 4.22 5.73 -0.03
N ARG A 85 3.33 6.25 0.81
CA ARG A 85 3.59 6.61 2.19
C ARG A 85 2.27 6.52 2.96
N ARG A 86 2.20 5.73 4.04
CA ARG A 86 1.05 5.77 4.95
C ARG A 86 0.96 7.19 5.49
N VAL A 87 -0.22 7.79 5.41
CA VAL A 87 -0.48 9.18 5.62
C VAL A 87 -1.05 9.42 7.02
N GLU A 88 -1.89 8.48 7.48
CA GLU A 88 -2.50 8.46 8.78
C GLU A 88 -2.63 6.97 9.11
N GLY A 1 -2.88 -10.30 16.24
CA GLY A 1 -1.87 -10.69 15.24
C GLY A 1 -1.06 -9.53 14.70
N ASP A 2 -1.14 -8.33 15.30
CA ASP A 2 -0.35 -7.15 14.98
C ASP A 2 -0.68 -6.67 13.57
N GLY A 3 -1.36 -5.53 13.47
CA GLY A 3 -1.62 -4.93 12.18
C GLY A 3 -0.33 -4.56 11.44
N TYR A 4 -0.46 -4.13 10.19
CA TYR A 4 0.64 -3.74 9.33
C TYR A 4 0.07 -3.02 8.11
N LEU A 5 0.94 -2.58 7.23
CA LEU A 5 0.59 -2.03 5.93
C LEU A 5 1.76 -2.35 5.01
N ILE A 6 1.65 -3.50 4.34
CA ILE A 6 2.63 -4.00 3.39
C ILE A 6 2.02 -3.86 2.00
N MET A 7 2.82 -3.55 0.98
CA MET A 7 2.40 -3.86 -0.37
C MET A 7 2.63 -5.35 -0.58
N CYS A 8 1.63 -6.05 -1.10
CA CYS A 8 1.78 -7.41 -1.55
C CYS A 8 1.85 -7.35 -3.04
N LYS A 9 2.45 -8.36 -3.65
CA LYS A 9 2.49 -8.33 -5.09
C LYS A 9 1.05 -8.49 -5.62
N ASN A 10 0.29 -9.37 -4.96
CA ASN A 10 -1.07 -9.80 -5.31
C ASN A 10 -1.94 -9.72 -4.06
N CYS A 11 -3.13 -10.33 -4.08
CA CYS A 11 -4.06 -10.22 -2.95
C CYS A 11 -3.74 -11.20 -1.83
N ASP A 12 -2.66 -11.96 -1.95
CA ASP A 12 -2.35 -13.06 -1.05
C ASP A 12 -1.18 -12.68 -0.13
N PRO A 13 -1.39 -12.57 1.20
CA PRO A 13 -0.30 -12.26 2.12
C PRO A 13 0.78 -13.33 2.08
N ASN A 14 0.37 -14.58 1.86
CA ASN A 14 1.13 -15.78 2.14
C ASN A 14 1.79 -16.34 0.88
N THR A 15 1.05 -16.54 -0.19
CA THR A 15 1.63 -16.98 -1.47
C THR A 15 1.73 -15.84 -2.48
N GLY A 16 1.58 -14.60 -2.04
CA GLY A 16 1.98 -13.46 -2.83
C GLY A 16 3.47 -13.29 -2.63
N SER A 17 3.82 -12.89 -1.42
CA SER A 17 5.08 -12.33 -0.98
C SER A 17 4.92 -10.81 -1.06
N CYS A 18 5.13 -10.19 0.09
CA CYS A 18 4.78 -8.83 0.40
C CYS A 18 5.93 -8.18 1.14
N ASP A 19 6.00 -6.85 1.17
CA ASP A 19 7.06 -6.13 1.82
C ASP A 19 6.75 -5.85 3.29
N TRP A 20 7.24 -6.75 4.13
CA TRP A 20 7.24 -6.60 5.57
C TRP A 20 8.46 -5.77 5.96
N LYS A 21 8.59 -4.63 5.28
CA LYS A 21 9.62 -3.62 5.43
C LYS A 21 8.94 -2.39 6.04
N GLN A 22 9.68 -1.29 6.20
CA GLN A 22 9.07 -0.01 6.50
C GLN A 22 8.35 0.48 5.26
N ASN A 23 7.22 1.14 5.47
CA ASN A 23 6.49 1.83 4.41
C ASN A 23 6.04 3.21 4.90
N TRP A 24 6.41 3.60 6.13
CA TRP A 24 5.91 4.79 6.72
C TRP A 24 6.92 5.88 6.42
N ASN A 25 6.44 6.96 5.83
CA ASN A 25 7.25 8.13 5.49
C ASN A 25 8.47 7.75 4.65
N THR A 26 8.29 6.80 3.75
CA THR A 26 9.28 6.29 2.82
C THR A 26 8.60 6.21 1.46
N CYS A 27 9.38 6.35 0.38
CA CYS A 27 8.87 6.47 -0.96
C CYS A 27 8.73 5.08 -1.56
N VAL A 28 7.61 4.41 -1.33
CA VAL A 28 7.48 2.99 -1.63
C VAL A 28 7.11 2.84 -3.10
N GLY A 29 7.89 2.08 -3.87
CA GLY A 29 7.70 1.93 -5.30
C GLY A 29 6.68 0.85 -5.65
N ILE A 30 5.64 1.25 -6.35
CA ILE A 30 4.54 0.41 -6.81
C ILE A 30 4.85 -0.07 -8.23
N GLY A 31 4.20 -1.15 -8.65
CA GLY A 31 4.21 -1.60 -10.02
C GLY A 31 5.17 -2.76 -10.20
N ALA A 32 5.02 -3.42 -11.35
CA ALA A 32 5.76 -4.58 -11.80
C ALA A 32 5.42 -5.83 -11.02
N ASN A 33 4.23 -6.34 -11.31
CA ASN A 33 3.59 -7.48 -10.65
C ASN A 33 3.19 -7.13 -9.23
N VAL A 34 3.20 -5.84 -8.87
CA VAL A 34 2.92 -5.39 -7.52
C VAL A 34 1.93 -4.23 -7.58
N HIS A 35 0.65 -4.52 -7.34
CA HIS A 35 -0.43 -3.53 -7.30
C HIS A 35 -1.46 -3.93 -6.26
N TRP A 36 -1.01 -4.42 -5.10
CA TRP A 36 -1.93 -4.75 -4.03
C TRP A 36 -1.36 -4.23 -2.73
N MET A 37 -2.17 -3.54 -1.94
CA MET A 37 -1.89 -3.23 -0.54
C MET A 37 -2.80 -4.13 0.27
N VAL A 38 -2.21 -4.94 1.14
CA VAL A 38 -2.96 -5.85 1.99
C VAL A 38 -2.51 -5.48 3.40
N THR A 39 -3.44 -5.00 4.23
CA THR A 39 -3.05 -4.40 5.49
C THR A 39 -3.22 -5.42 6.61
N GLY A 40 -2.95 -4.99 7.84
CA GLY A 40 -3.19 -5.77 9.03
C GLY A 40 -4.53 -6.44 8.96
N GLY A 41 -4.57 -7.69 9.41
CA GLY A 41 -5.85 -8.31 9.67
C GLY A 41 -6.32 -7.77 11.01
N SER A 42 -5.42 -7.85 11.99
CA SER A 42 -5.63 -7.29 13.29
C SER A 42 -5.77 -5.78 13.24
N THR A 43 -6.16 -5.22 14.39
CA THR A 43 -6.59 -3.85 14.50
C THR A 43 -7.75 -3.66 13.53
N ASP A 44 -8.67 -4.62 13.55
CA ASP A 44 -9.80 -4.79 12.64
C ASP A 44 -10.74 -3.58 12.66
N GLY A 45 -10.31 -2.46 12.08
CA GLY A 45 -11.06 -1.21 12.04
C GLY A 45 -10.14 0.00 11.94
N LYS A 46 -8.91 -0.11 12.44
CA LYS A 46 -7.88 0.87 12.18
C LYS A 46 -7.34 0.64 10.77
N GLN A 47 -7.89 1.40 9.83
CA GLN A 47 -7.33 1.54 8.52
C GLN A 47 -5.99 2.27 8.61
N GLY A 48 -5.08 2.00 7.69
CA GLY A 48 -3.88 2.79 7.48
C GLY A 48 -4.04 3.42 6.10
N CYS A 49 -3.51 4.63 5.87
CA CYS A 49 -3.77 5.33 4.64
C CYS A 49 -2.46 5.86 4.11
N ALA A 50 -2.39 5.98 2.79
CA ALA A 50 -1.24 6.47 2.08
C ALA A 50 -1.67 7.48 1.05
N THR A 51 -0.83 8.49 0.84
CA THR A 51 -0.94 9.29 -0.34
C THR A 51 -0.18 8.49 -1.38
N ILE A 52 -0.90 8.04 -2.39
CA ILE A 52 -0.30 7.42 -3.56
C ILE A 52 0.02 8.57 -4.51
N TRP A 53 1.06 8.43 -5.32
CA TRP A 53 1.53 9.44 -6.25
C TRP A 53 1.70 8.86 -7.65
N GLU A 54 1.54 9.74 -8.62
CA GLU A 54 1.67 9.47 -10.02
C GLU A 54 3.13 9.64 -10.44
N GLY A 55 3.85 10.58 -9.84
CA GLY A 55 5.28 10.70 -10.09
C GLY A 55 6.03 9.52 -9.50
N SER A 56 7.01 9.00 -10.26
CA SER A 56 8.07 8.20 -9.70
C SER A 56 8.80 9.11 -8.72
N GLY A 57 9.10 8.57 -7.56
CA GLY A 57 9.72 9.28 -6.47
C GLY A 57 8.71 10.14 -5.72
N CYS A 58 7.46 9.65 -5.67
CA CYS A 58 6.35 10.13 -4.86
C CYS A 58 6.23 11.64 -4.90
N VAL A 59 6.18 12.18 -6.11
CA VAL A 59 5.86 13.57 -6.41
C VAL A 59 4.71 13.58 -7.41
N GLY A 60 4.20 14.76 -7.76
CA GLY A 60 3.18 14.86 -8.80
C GLY A 60 1.77 14.63 -8.24
N ARG A 61 0.91 14.12 -9.11
CA ARG A 61 -0.51 14.01 -8.86
C ARG A 61 -0.72 12.90 -7.85
N SER A 62 -1.67 13.06 -6.93
CA SER A 62 -1.73 12.16 -5.81
C SER A 62 -3.14 11.93 -5.26
N THR A 63 -3.36 10.71 -4.74
CA THR A 63 -4.64 10.25 -4.24
C THR A 63 -4.42 9.69 -2.82
N THR A 64 -5.02 10.31 -1.82
CA THR A 64 -5.05 9.83 -0.45
C THR A 64 -5.91 8.55 -0.40
N MET A 65 -5.29 7.39 -0.62
CA MET A 65 -5.94 6.10 -0.65
C MET A 65 -5.91 5.52 0.77
N CYS A 66 -7.04 5.02 1.25
CA CYS A 66 -7.14 4.35 2.54
C CYS A 66 -7.58 2.92 2.30
N CYS A 67 -7.06 1.99 3.08
CA CYS A 67 -7.40 0.57 3.01
C CYS A 67 -7.65 0.03 4.42
N PRO A 68 -8.88 -0.38 4.77
CA PRO A 68 -9.16 -0.80 6.13
C PRO A 68 -8.55 -2.15 6.50
N ALA A 69 -8.53 -2.46 7.79
CA ALA A 69 -7.89 -3.68 8.25
C ALA A 69 -8.78 -4.87 7.85
N ASN A 70 -8.17 -6.04 7.68
CA ASN A 70 -8.76 -7.18 7.01
C ASN A 70 -9.40 -6.70 5.70
N THR A 71 -8.65 -6.00 4.85
CA THR A 71 -9.14 -5.60 3.54
C THR A 71 -7.96 -5.67 2.59
N CYS A 72 -7.95 -6.69 1.72
CA CYS A 72 -7.00 -6.74 0.63
C CYS A 72 -7.47 -5.70 -0.41
N CYS A 73 -6.60 -4.79 -0.82
CA CYS A 73 -6.93 -3.65 -1.68
C CYS A 73 -6.06 -3.73 -2.94
N ASN A 74 -6.61 -3.43 -4.11
CA ASN A 74 -5.93 -3.51 -5.41
C ASN A 74 -5.67 -2.11 -5.93
N ILE A 75 -4.41 -1.73 -6.02
CA ILE A 75 -3.92 -0.39 -6.26
C ILE A 75 -3.73 -0.30 -7.77
N ASN A 76 -4.85 -0.25 -8.49
CA ASN A 76 -4.89 0.00 -9.92
C ASN A 76 -5.81 1.19 -10.11
N THR A 77 -5.25 2.39 -9.97
CA THR A 77 -5.97 3.62 -10.20
C THR A 77 -6.16 3.81 -11.71
N GLY A 78 -6.96 4.79 -12.11
CA GLY A 78 -7.12 5.12 -13.52
C GLY A 78 -5.78 5.58 -14.11
N PHE A 79 -4.98 6.30 -13.33
CA PHE A 79 -3.63 6.64 -13.69
C PHE A 79 -2.70 5.52 -13.30
N TYR A 80 -1.51 5.54 -13.90
CA TYR A 80 -0.51 4.53 -13.61
C TYR A 80 0.26 4.92 -12.36
N ILE A 81 0.45 3.96 -11.45
CA ILE A 81 1.00 4.17 -10.12
C ILE A 81 2.48 3.89 -10.13
N ARG A 82 3.29 4.78 -9.55
CA ARG A 82 4.72 4.54 -9.40
C ARG A 82 5.15 4.53 -7.95
N SER A 83 4.57 5.38 -7.11
CA SER A 83 4.96 5.31 -5.69
C SER A 83 3.91 5.77 -4.67
N TYR A 84 4.11 5.49 -3.38
CA TYR A 84 3.31 6.02 -2.28
C TYR A 84 4.16 6.41 -1.08
N ARG A 85 3.55 7.14 -0.15
CA ARG A 85 4.00 7.33 1.22
C ARG A 85 2.80 7.25 2.16
N ARG A 86 2.93 6.60 3.32
CA ARG A 86 1.89 6.67 4.35
C ARG A 86 1.55 8.12 4.72
N VAL A 87 0.32 8.33 5.21
CA VAL A 87 -0.06 9.56 5.89
C VAL A 87 -0.60 9.26 7.29
N GLU A 88 -1.24 8.11 7.50
CA GLU A 88 -1.67 7.69 8.82
C GLU A 88 -1.63 6.16 8.87
N GLY A 1 -1.93 -3.99 18.98
CA GLY A 1 -0.70 -4.75 18.76
C GLY A 1 0.21 -4.11 17.71
N ASP A 2 -0.14 -2.95 17.16
CA ASP A 2 0.59 -2.28 16.06
C ASP A 2 0.36 -3.05 14.77
N GLY A 3 -0.14 -2.36 13.76
CA GLY A 3 -0.58 -2.96 12.52
C GLY A 3 0.35 -2.66 11.36
N TYR A 4 0.45 -3.61 10.44
CA TYR A 4 1.17 -3.46 9.20
C TYR A 4 0.29 -2.80 8.16
N LEU A 5 0.96 -2.17 7.21
CA LEU A 5 0.44 -1.82 5.91
C LEU A 5 1.60 -2.08 4.96
N ILE A 6 1.44 -3.11 4.15
CA ILE A 6 2.47 -3.69 3.31
C ILE A 6 1.77 -3.97 2.00
N MET A 7 2.12 -3.24 0.95
CA MET A 7 1.50 -3.51 -0.33
C MET A 7 2.06 -4.84 -0.86
N CYS A 8 1.23 -5.57 -1.61
CA CYS A 8 1.51 -6.92 -2.07
C CYS A 8 1.25 -6.95 -3.54
N LYS A 9 1.86 -7.91 -4.24
CA LYS A 9 1.66 -7.94 -5.66
C LYS A 9 0.26 -8.42 -6.04
N ASN A 10 -0.29 -9.29 -5.20
CA ASN A 10 -1.62 -9.90 -5.32
C ASN A 10 -2.41 -9.65 -4.03
N CYS A 11 -3.53 -10.34 -3.84
CA CYS A 11 -4.41 -10.18 -2.69
C CYS A 11 -4.17 -11.27 -1.64
N ASP A 12 -2.97 -11.82 -1.63
CA ASP A 12 -2.53 -12.83 -0.69
C ASP A 12 -1.33 -12.36 0.14
N PRO A 13 -1.52 -11.93 1.41
CA PRO A 13 -0.40 -11.61 2.25
C PRO A 13 0.56 -12.79 2.45
N ASN A 14 0.11 -14.04 2.28
CA ASN A 14 0.95 -15.21 2.49
C ASN A 14 2.06 -15.28 1.45
N THR A 15 1.71 -15.64 0.22
CA THR A 15 2.66 -15.80 -0.88
C THR A 15 2.27 -14.88 -2.05
N GLY A 16 1.81 -13.67 -1.74
CA GLY A 16 1.79 -12.60 -2.71
C GLY A 16 3.20 -12.12 -3.01
N SER A 17 4.03 -12.09 -1.97
CA SER A 17 5.23 -11.28 -1.93
C SER A 17 4.78 -9.83 -1.80
N CYS A 18 5.14 -9.30 -0.65
CA CYS A 18 4.66 -8.07 -0.09
C CYS A 18 5.86 -7.34 0.45
N ASP A 19 5.97 -6.03 0.23
CA ASP A 19 7.07 -5.31 0.79
C ASP A 19 6.80 -4.98 2.25
N TRP A 20 7.29 -5.89 3.09
CA TRP A 20 7.46 -5.73 4.52
C TRP A 20 8.78 -5.00 4.78
N LYS A 21 9.04 -3.97 3.97
CA LYS A 21 10.06 -2.96 4.17
C LYS A 21 9.30 -1.79 4.81
N GLN A 22 9.99 -0.78 5.34
CA GLN A 22 9.25 0.35 5.88
C GLN A 22 8.48 1.03 4.74
N ASN A 23 7.29 1.50 5.07
CA ASN A 23 6.33 2.15 4.17
C ASN A 23 5.89 3.44 4.83
N TRP A 24 5.60 3.37 6.12
CA TRP A 24 5.11 4.44 6.91
C TRP A 24 6.29 5.25 7.42
N ASN A 25 7.10 5.77 6.49
CA ASN A 25 8.19 6.68 6.83
C ASN A 25 8.97 7.20 5.62
N THR A 26 8.63 6.83 4.39
CA THR A 26 9.61 6.94 3.32
C THR A 26 8.94 6.76 1.96
N CYS A 27 9.40 7.54 0.97
CA CYS A 27 8.92 7.62 -0.40
C CYS A 27 9.16 6.31 -1.16
N VAL A 28 8.37 5.28 -0.90
CA VAL A 28 8.68 3.93 -1.36
C VAL A 28 8.19 3.78 -2.79
N GLY A 29 8.89 2.95 -3.57
CA GLY A 29 8.56 2.65 -4.94
C GLY A 29 7.58 1.50 -5.02
N ILE A 30 6.68 1.57 -6.01
CA ILE A 30 5.83 0.48 -6.45
C ILE A 30 6.47 -0.06 -7.72
N GLY A 31 6.21 -1.30 -8.09
CA GLY A 31 6.69 -1.83 -9.33
C GLY A 31 6.38 -3.32 -9.45
N ALA A 32 6.29 -3.78 -10.69
CA ALA A 32 6.30 -5.16 -11.09
C ALA A 32 5.09 -5.95 -10.63
N ASN A 33 4.02 -5.83 -11.42
CA ASN A 33 2.79 -6.61 -11.31
C ASN A 33 2.03 -6.26 -10.03
N VAL A 34 2.52 -5.29 -9.26
CA VAL A 34 1.89 -4.90 -8.01
C VAL A 34 0.63 -4.08 -8.29
N HIS A 35 -0.50 -4.49 -7.71
CA HIS A 35 -1.73 -3.70 -7.69
C HIS A 35 -2.55 -3.89 -6.42
N TRP A 36 -1.91 -4.18 -5.28
CA TRP A 36 -2.68 -4.34 -4.04
C TRP A 36 -1.99 -3.69 -2.83
N MET A 37 -2.70 -2.83 -2.09
CA MET A 37 -2.33 -2.45 -0.74
C MET A 37 -3.02 -3.43 0.20
N VAL A 38 -2.30 -3.93 1.21
CA VAL A 38 -2.84 -4.88 2.16
C VAL A 38 -2.44 -4.39 3.56
N THR A 39 -3.36 -4.43 4.53
CA THR A 39 -3.11 -3.87 5.85
C THR A 39 -3.81 -4.71 6.92
N GLY A 40 -3.31 -4.71 8.16
CA GLY A 40 -3.86 -5.51 9.24
C GLY A 40 -2.89 -5.63 10.42
N GLY A 41 -3.04 -6.68 11.22
CA GLY A 41 -2.19 -6.99 12.35
C GLY A 41 -2.73 -6.31 13.59
N SER A 42 -2.93 -5.00 13.51
CA SER A 42 -3.09 -4.08 14.64
C SER A 42 -3.91 -4.71 15.76
N THR A 43 -5.13 -5.08 15.41
CA THR A 43 -6.11 -5.82 16.16
C THR A 43 -7.15 -6.06 15.08
N ASP A 44 -8.07 -5.11 14.94
CA ASP A 44 -8.88 -4.86 13.77
C ASP A 44 -9.63 -3.54 13.99
N GLY A 45 -10.24 -3.03 12.92
CA GLY A 45 -10.98 -1.79 12.87
C GLY A 45 -10.06 -0.65 12.47
N LYS A 46 -8.75 -0.82 12.71
CA LYS A 46 -7.78 0.24 12.54
C LYS A 46 -7.29 0.30 11.10
N GLN A 47 -8.20 0.71 10.26
CA GLN A 47 -8.02 0.94 8.84
C GLN A 47 -6.73 1.69 8.58
N GLY A 48 -6.08 1.35 7.48
CA GLY A 48 -4.78 1.85 7.13
C GLY A 48 -4.86 2.59 5.82
N CYS A 49 -4.20 3.73 5.73
CA CYS A 49 -4.25 4.55 4.55
C CYS A 49 -2.85 4.81 4.07
N ALA A 50 -2.74 5.06 2.78
CA ALA A 50 -1.52 5.44 2.11
C ALA A 50 -1.83 6.58 1.18
N THR A 51 -0.92 7.53 1.04
CA THR A 51 -0.93 8.38 -0.13
C THR A 51 -0.10 7.65 -1.18
N ILE A 52 -0.65 7.53 -2.38
CA ILE A 52 -0.03 6.86 -3.50
C ILE A 52 0.18 7.94 -4.56
N TRP A 53 1.27 7.85 -5.33
CA TRP A 53 1.72 8.87 -6.26
C TRP A 53 2.03 8.25 -7.62
N GLU A 54 1.71 8.99 -8.68
CA GLU A 54 2.03 8.62 -10.02
C GLU A 54 3.53 8.49 -10.20
N GLY A 55 4.26 9.52 -9.81
CA GLY A 55 5.64 9.74 -10.20
C GLY A 55 6.62 8.80 -9.50
N SER A 56 7.67 8.43 -10.22
CA SER A 56 8.86 7.86 -9.63
C SER A 56 9.34 8.86 -8.57
N GLY A 57 9.35 8.42 -7.33
CA GLY A 57 9.78 9.22 -6.21
C GLY A 57 8.68 10.20 -5.80
N CYS A 58 7.48 9.68 -5.61
CA CYS A 58 6.37 10.32 -4.91
C CYS A 58 6.19 11.80 -5.28
N VAL A 59 6.09 12.04 -6.58
CA VAL A 59 5.68 13.27 -7.24
C VAL A 59 4.53 12.89 -8.18
N GLY A 60 3.91 13.85 -8.86
CA GLY A 60 2.92 13.54 -9.90
C GLY A 60 1.54 13.37 -9.30
N ARG A 61 0.57 12.86 -10.06
CA ARG A 61 -0.81 12.86 -9.62
C ARG A 61 -0.90 11.87 -8.47
N SER A 62 -1.46 12.31 -7.36
CA SER A 62 -1.46 11.53 -6.16
C SER A 62 -2.90 11.27 -5.71
N THR A 63 -3.08 10.33 -4.81
CA THR A 63 -4.38 10.03 -4.23
C THR A 63 -4.16 9.49 -2.82
N THR A 64 -5.13 9.70 -1.93
CA THR A 64 -5.19 8.96 -0.68
C THR A 64 -5.95 7.67 -0.94
N MET A 65 -5.25 6.54 -0.88
CA MET A 65 -5.83 5.21 -0.84
C MET A 65 -6.09 4.88 0.64
N CYS A 66 -7.19 4.18 0.95
CA CYS A 66 -7.50 3.78 2.31
C CYS A 66 -8.20 2.44 2.26
N CYS A 67 -7.82 1.54 3.17
CA CYS A 67 -8.31 0.17 3.23
C CYS A 67 -8.62 -0.16 4.68
N PRO A 68 -9.75 -0.84 5.01
CA PRO A 68 -10.00 -1.25 6.38
C PRO A 68 -8.92 -2.20 6.87
N ALA A 69 -8.92 -2.45 8.17
CA ALA A 69 -7.88 -3.26 8.76
C ALA A 69 -8.10 -4.72 8.39
N ASN A 70 -7.01 -5.45 8.31
CA ASN A 70 -6.97 -6.88 8.04
C ASN A 70 -7.75 -7.13 6.76
N THR A 71 -7.43 -6.34 5.74
CA THR A 71 -8.08 -6.34 4.46
C THR A 71 -7.05 -6.05 3.38
N CYS A 72 -7.29 -6.65 2.22
CA CYS A 72 -6.59 -6.48 0.96
C CYS A 72 -7.43 -5.55 0.07
N CYS A 73 -6.81 -4.60 -0.63
CA CYS A 73 -7.52 -3.60 -1.42
C CYS A 73 -6.78 -3.35 -2.73
N ASN A 74 -7.48 -3.43 -3.86
CA ASN A 74 -6.91 -3.24 -5.19
C ASN A 74 -6.60 -1.77 -5.47
N ILE A 75 -5.43 -1.50 -6.04
CA ILE A 75 -4.97 -0.22 -6.51
C ILE A 75 -5.13 -0.25 -8.03
N ASN A 76 -6.04 0.57 -8.58
CA ASN A 76 -6.09 0.76 -10.03
C ASN A 76 -6.63 2.15 -10.34
N THR A 77 -5.77 3.15 -10.20
CA THR A 77 -6.06 4.52 -10.61
C THR A 77 -5.99 4.62 -12.13
N GLY A 78 -6.51 5.71 -12.69
CA GLY A 78 -6.39 5.99 -14.11
C GLY A 78 -4.90 6.02 -14.50
N PHE A 79 -4.13 6.80 -13.75
CA PHE A 79 -2.68 6.81 -13.88
C PHE A 79 -2.10 5.60 -13.19
N TYR A 80 -0.93 5.22 -13.67
CA TYR A 80 -0.13 4.19 -13.07
C TYR A 80 0.74 4.80 -11.97
N ILE A 81 0.81 4.10 -10.84
CA ILE A 81 1.42 4.58 -9.63
C ILE A 81 2.83 4.00 -9.48
N ARG A 82 3.82 4.86 -9.26
CA ARG A 82 5.22 4.45 -9.10
C ARG A 82 5.70 4.60 -7.68
N SER A 83 5.01 5.38 -6.84
CA SER A 83 5.40 5.46 -5.43
C SER A 83 4.23 5.47 -4.46
N TYR A 84 4.52 5.27 -3.17
CA TYR A 84 3.57 5.41 -2.07
C TYR A 84 4.28 5.75 -0.76
N ARG A 85 3.50 6.24 0.20
CA ARG A 85 3.80 6.27 1.62
C ARG A 85 2.53 5.88 2.37
N ARG A 86 2.67 5.15 3.46
CA ARG A 86 1.58 5.02 4.43
C ARG A 86 1.33 6.42 5.03
N VAL A 87 0.13 6.71 5.52
CA VAL A 87 -0.15 8.01 6.12
C VAL A 87 -0.86 7.93 7.48
N GLU A 88 -1.56 6.85 7.81
CA GLU A 88 -2.00 6.58 9.17
C GLU A 88 -2.51 5.14 9.16
N GLY A 1 1.25 -11.69 11.87
CA GLY A 1 1.40 -10.41 12.55
C GLY A 1 0.03 -9.92 13.02
N ASP A 2 -0.04 -8.79 13.69
CA ASP A 2 -1.23 -8.26 14.34
C ASP A 2 -1.16 -6.76 14.16
N GLY A 3 -1.82 -6.21 13.15
CA GLY A 3 -1.50 -4.85 12.72
C GLY A 3 -0.20 -4.82 11.93
N TYR A 4 -0.36 -4.27 10.75
CA TYR A 4 0.67 -3.96 9.77
C TYR A 4 -0.01 -3.38 8.55
N LEU A 5 0.80 -2.80 7.67
CA LEU A 5 0.37 -2.43 6.35
C LEU A 5 1.53 -2.57 5.39
N ILE A 6 1.33 -3.42 4.38
CA ILE A 6 2.27 -3.79 3.35
C ILE A 6 1.56 -3.66 2.02
N MET A 7 2.27 -3.73 0.91
CA MET A 7 1.67 -4.06 -0.35
C MET A 7 2.35 -5.31 -0.87
N CYS A 8 1.56 -6.15 -1.53
CA CYS A 8 1.96 -7.45 -2.01
C CYS A 8 1.84 -7.41 -3.50
N LYS A 9 2.60 -8.27 -4.18
CA LYS A 9 2.45 -8.26 -5.61
C LYS A 9 1.01 -8.60 -5.99
N ASN A 10 0.46 -9.63 -5.32
CA ASN A 10 -0.88 -10.16 -5.51
C ASN A 10 -1.60 -10.20 -4.19
N CYS A 11 -2.90 -10.42 -4.26
CA CYS A 11 -3.81 -10.31 -3.13
C CYS A 11 -3.69 -11.43 -2.10
N ASP A 12 -2.73 -12.35 -2.26
CA ASP A 12 -2.53 -13.43 -1.28
C ASP A 12 -1.33 -13.10 -0.39
N PRO A 13 -1.53 -12.60 0.85
CA PRO A 13 -0.42 -12.26 1.73
C PRO A 13 0.48 -13.46 2.01
N ASN A 14 -0.06 -14.68 1.96
CA ASN A 14 0.72 -15.88 2.25
C ASN A 14 1.84 -16.02 1.23
N THR A 15 1.50 -16.14 -0.05
CA THR A 15 2.48 -16.43 -1.09
C THR A 15 2.84 -15.20 -1.93
N GLY A 16 2.46 -14.02 -1.47
CA GLY A 16 2.84 -12.78 -2.13
C GLY A 16 4.19 -12.33 -1.59
N SER A 17 5.09 -11.97 -2.51
CA SER A 17 6.21 -11.13 -2.15
C SER A 17 5.56 -9.80 -1.74
N CYS A 18 5.71 -9.44 -0.47
CA CYS A 18 5.04 -8.31 0.12
C CYS A 18 6.10 -7.45 0.76
N ASP A 19 6.02 -6.13 0.63
CA ASP A 19 7.02 -5.32 1.33
C ASP A 19 6.65 -5.29 2.81
N TRP A 20 7.25 -6.24 3.52
CA TRP A 20 7.36 -6.37 4.96
C TRP A 20 8.65 -5.64 5.30
N LYS A 21 8.67 -4.36 4.95
CA LYS A 21 9.67 -3.39 5.33
C LYS A 21 8.86 -2.23 5.92
N GLN A 22 9.51 -1.27 6.58
CA GLN A 22 8.75 -0.10 7.03
C GLN A 22 8.23 0.62 5.79
N ASN A 23 7.02 1.16 5.90
CA ASN A 23 6.29 1.70 4.75
C ASN A 23 5.71 3.05 5.11
N TRP A 24 5.20 3.21 6.33
CA TRP A 24 4.51 4.43 6.74
C TRP A 24 5.51 5.56 7.07
N ASN A 25 6.64 5.63 6.38
CA ASN A 25 7.62 6.65 6.68
C ASN A 25 8.68 6.75 5.61
N THR A 26 8.36 6.32 4.40
CA THR A 26 9.38 6.18 3.37
C THR A 26 8.78 6.29 1.96
N CYS A 27 9.55 6.85 1.04
CA CYS A 27 9.17 7.02 -0.35
C CYS A 27 9.32 5.67 -1.07
N VAL A 28 8.33 4.77 -0.97
CA VAL A 28 8.41 3.41 -1.51
C VAL A 28 7.70 3.33 -2.87
N GLY A 29 8.22 2.51 -3.78
CA GLY A 29 7.73 2.39 -5.15
C GLY A 29 6.55 1.43 -5.29
N ILE A 30 5.90 1.43 -6.45
CA ILE A 30 4.91 0.46 -6.88
C ILE A 30 5.30 0.06 -8.30
N GLY A 31 5.26 -1.22 -8.64
CA GLY A 31 5.35 -1.67 -10.01
C GLY A 31 5.75 -3.14 -10.04
N ALA A 32 5.83 -3.69 -11.25
CA ALA A 32 6.30 -5.03 -11.54
C ALA A 32 5.51 -6.11 -10.82
N ASN A 33 4.35 -6.41 -11.38
CA ASN A 33 3.40 -7.40 -10.88
C ASN A 33 2.74 -6.95 -9.60
N VAL A 34 2.99 -5.71 -9.14
CA VAL A 34 2.45 -5.24 -7.86
C VAL A 34 1.24 -4.36 -8.08
N HIS A 35 0.07 -4.77 -7.58
CA HIS A 35 -1.11 -3.91 -7.56
C HIS A 35 -2.01 -4.12 -6.35
N TRP A 36 -1.48 -4.54 -5.21
CA TRP A 36 -2.33 -4.79 -4.03
C TRP A 36 -1.71 -4.25 -2.75
N MET A 37 -2.39 -3.34 -2.05
CA MET A 37 -2.08 -3.04 -0.66
C MET A 37 -2.80 -4.09 0.15
N VAL A 38 -2.14 -4.67 1.15
CA VAL A 38 -2.72 -5.71 1.97
C VAL A 38 -2.38 -5.31 3.40
N THR A 39 -3.36 -5.27 4.30
CA THR A 39 -3.13 -4.72 5.62
C THR A 39 -3.82 -5.61 6.65
N GLY A 40 -3.31 -5.54 7.87
CA GLY A 40 -3.79 -6.25 9.02
C GLY A 40 -3.86 -5.27 10.17
N GLY A 41 -4.28 -5.73 11.34
CA GLY A 41 -4.81 -4.86 12.37
C GLY A 41 -6.11 -5.42 12.90
N SER A 42 -6.75 -6.26 12.09
CA SER A 42 -7.74 -7.25 12.41
C SER A 42 -9.06 -6.67 12.93
N THR A 43 -8.98 -5.97 14.05
CA THR A 43 -9.94 -5.00 14.47
C THR A 43 -9.14 -3.75 14.85
N ASP A 44 -8.45 -3.78 15.99
CA ASP A 44 -8.02 -2.58 16.66
C ASP A 44 -6.60 -2.18 16.26
N GLY A 45 -6.23 -2.44 15.02
CA GLY A 45 -5.02 -1.91 14.41
C GLY A 45 -5.22 -0.50 13.88
N LYS A 46 -6.48 -0.21 13.50
CA LYS A 46 -6.96 1.01 12.88
C LYS A 46 -6.51 1.08 11.41
N GLN A 47 -7.46 1.45 10.54
CA GLN A 47 -7.27 1.59 9.11
C GLN A 47 -6.02 2.39 8.78
N GLY A 48 -5.43 2.11 7.62
CA GLY A 48 -4.29 2.88 7.12
C GLY A 48 -4.69 3.53 5.82
N CYS A 49 -4.06 4.66 5.49
CA CYS A 49 -4.21 5.29 4.21
C CYS A 49 -2.87 5.78 3.75
N ALA A 50 -2.71 5.89 2.44
CA ALA A 50 -1.52 6.42 1.84
C ALA A 50 -1.86 7.47 0.82
N THR A 51 -0.97 8.44 0.64
CA THR A 51 -0.98 9.20 -0.58
C THR A 51 -0.18 8.32 -1.52
N ILE A 52 -0.79 8.03 -2.65
CA ILE A 52 -0.22 7.29 -3.75
C ILE A 52 0.17 8.35 -4.77
N TRP A 53 1.25 8.15 -5.53
CA TRP A 53 1.80 9.12 -6.45
C TRP A 53 2.03 8.53 -7.84
N GLU A 54 2.06 9.44 -8.81
CA GLU A 54 2.19 9.21 -10.23
C GLU A 54 3.66 9.41 -10.62
N GLY A 55 4.38 10.34 -9.98
CA GLY A 55 5.82 10.45 -10.17
C GLY A 55 6.52 9.20 -9.66
N SER A 56 7.59 8.78 -10.34
CA SER A 56 8.38 7.62 -9.93
C SER A 56 9.32 7.96 -8.77
N GLY A 57 8.76 8.39 -7.64
CA GLY A 57 9.52 8.78 -6.49
C GLY A 57 8.74 9.74 -5.61
N CYS A 58 7.49 9.40 -5.28
CA CYS A 58 6.60 10.22 -4.46
C CYS A 58 6.61 11.70 -4.86
N VAL A 59 6.61 11.99 -6.17
CA VAL A 59 6.44 13.32 -6.71
C VAL A 59 5.29 13.27 -7.71
N GLY A 60 4.91 14.41 -8.28
CA GLY A 60 3.93 14.43 -9.35
C GLY A 60 2.52 14.32 -8.79
N ARG A 61 1.62 13.81 -9.62
CA ARG A 61 0.19 13.77 -9.32
C ARG A 61 -0.02 12.69 -8.29
N SER A 62 -1.09 12.83 -7.51
CA SER A 62 -1.32 11.92 -6.42
C SER A 62 -2.81 11.70 -6.14
N THR A 63 -3.10 10.70 -5.31
CA THR A 63 -4.44 10.36 -4.83
C THR A 63 -4.32 9.85 -3.39
N THR A 64 -5.27 10.13 -2.50
CA THR A 64 -5.35 9.47 -1.20
C THR A 64 -6.04 8.11 -1.41
N MET A 65 -5.38 7.03 -1.02
CA MET A 65 -5.89 5.67 -1.09
C MET A 65 -6.01 5.10 0.32
N CYS A 66 -7.22 4.93 0.85
CA CYS A 66 -7.47 4.49 2.22
C CYS A 66 -8.04 3.08 2.25
N CYS A 67 -7.68 2.29 3.26
CA CYS A 67 -8.11 0.90 3.41
C CYS A 67 -8.16 0.41 4.87
N PRO A 68 -9.21 -0.33 5.30
CA PRO A 68 -9.30 -0.86 6.65
C PRO A 68 -8.27 -1.94 6.93
N ALA A 69 -8.02 -2.16 8.23
CA ALA A 69 -6.80 -2.79 8.69
C ALA A 69 -6.87 -4.31 8.72
N ASN A 70 -7.25 -4.92 7.62
CA ASN A 70 -7.71 -6.31 7.59
C ASN A 70 -8.57 -6.50 6.36
N THR A 71 -8.04 -6.09 5.22
CA THR A 71 -8.57 -6.45 3.94
C THR A 71 -7.43 -6.32 2.93
N CYS A 72 -7.66 -6.87 1.75
CA CYS A 72 -6.80 -6.77 0.58
C CYS A 72 -7.44 -5.76 -0.37
N CYS A 73 -6.66 -4.77 -0.80
CA CYS A 73 -7.12 -3.53 -1.43
C CYS A 73 -6.47 -3.46 -2.81
N ASN A 74 -7.25 -3.44 -3.90
CA ASN A 74 -6.69 -3.42 -5.26
C ASN A 74 -6.28 -2.01 -5.65
N ILE A 75 -5.02 -1.79 -6.01
CA ILE A 75 -4.48 -0.51 -6.39
C ILE A 75 -4.62 -0.43 -7.90
N ASN A 76 -5.78 0.02 -8.37
CA ASN A 76 -5.99 0.44 -9.74
C ASN A 76 -6.65 1.80 -9.64
N THR A 77 -5.80 2.82 -9.49
CA THR A 77 -6.21 4.20 -9.32
C THR A 77 -6.68 4.72 -10.68
N GLY A 78 -7.10 5.98 -10.74
CA GLY A 78 -7.53 6.59 -11.99
C GLY A 78 -6.43 6.55 -13.06
N PHE A 79 -5.18 6.61 -12.62
CA PHE A 79 -3.97 6.68 -13.42
C PHE A 79 -3.10 5.47 -13.13
N TYR A 80 -2.05 5.32 -13.94
CA TYR A 80 -1.09 4.27 -13.67
C TYR A 80 -0.24 4.69 -12.47
N ILE A 81 -0.05 3.77 -11.53
CA ILE A 81 0.61 4.06 -10.27
C ILE A 81 2.13 4.09 -10.45
N ARG A 82 2.84 4.77 -9.55
CA ARG A 82 4.30 4.63 -9.48
C ARG A 82 4.85 4.50 -8.07
N SER A 83 4.32 5.26 -7.11
CA SER A 83 4.90 5.29 -5.76
C SER A 83 3.84 5.51 -4.66
N TYR A 84 4.20 5.37 -3.37
CA TYR A 84 3.27 5.56 -2.25
C TYR A 84 3.99 5.89 -0.94
N ARG A 85 3.28 6.52 0.00
CA ARG A 85 3.73 6.64 1.38
C ARG A 85 2.48 6.87 2.25
N ARG A 86 2.37 6.18 3.39
CA ARG A 86 1.19 6.34 4.25
C ARG A 86 1.03 7.78 4.76
N VAL A 87 -0.20 8.21 4.93
CA VAL A 87 -0.56 9.48 5.58
C VAL A 87 -1.17 9.26 6.97
N GLU A 88 -1.50 8.01 7.34
CA GLU A 88 -1.93 7.66 8.68
C GLU A 88 -1.58 6.18 8.91
N GLY A 1 1.67 -3.40 17.53
CA GLY A 1 1.06 -3.25 16.21
C GLY A 1 1.23 -4.52 15.40
N ASP A 2 0.27 -5.43 15.54
CA ASP A 2 0.24 -6.71 14.85
C ASP A 2 0.16 -6.45 13.37
N GLY A 3 -0.66 -5.47 13.00
CA GLY A 3 -0.94 -5.12 11.63
C GLY A 3 0.17 -4.27 11.03
N TYR A 4 0.13 -4.18 9.72
CA TYR A 4 1.13 -3.61 8.84
C TYR A 4 0.35 -3.02 7.68
N LEU A 5 1.00 -2.23 6.84
CA LEU A 5 0.50 -1.84 5.54
C LEU A 5 1.63 -2.18 4.59
N ILE A 6 1.38 -3.03 3.60
CA ILE A 6 2.35 -3.43 2.59
C ILE A 6 1.59 -3.50 1.28
N MET A 7 2.28 -3.62 0.16
CA MET A 7 1.71 -4.11 -1.05
C MET A 7 2.25 -5.48 -1.42
N CYS A 8 1.59 -6.06 -2.40
CA CYS A 8 1.59 -7.48 -2.66
C CYS A 8 1.25 -7.72 -4.13
N LYS A 9 1.65 -8.89 -4.61
CA LYS A 9 1.32 -9.37 -5.93
C LYS A 9 -0.20 -9.62 -6.08
N ASN A 10 -0.87 -10.00 -5.00
CA ASN A 10 -2.22 -10.55 -5.06
C ASN A 10 -2.89 -10.41 -3.71
N CYS A 11 -4.16 -10.80 -3.66
CA CYS A 11 -5.06 -10.68 -2.50
C CYS A 11 -4.84 -11.77 -1.45
N ASP A 12 -3.67 -12.41 -1.47
CA ASP A 12 -3.21 -13.34 -0.45
C ASP A 12 -1.71 -13.17 -0.19
N PRO A 13 -1.26 -12.81 1.03
CA PRO A 13 0.16 -12.65 1.34
C PRO A 13 0.85 -14.00 1.51
N ASN A 14 0.09 -15.05 1.88
CA ASN A 14 0.67 -16.35 2.17
C ASN A 14 1.28 -16.89 0.88
N THR A 15 0.57 -16.70 -0.22
CA THR A 15 1.00 -17.08 -1.56
C THR A 15 1.35 -15.85 -2.42
N GLY A 16 1.50 -14.68 -1.78
CA GLY A 16 1.88 -13.43 -2.41
C GLY A 16 3.14 -12.90 -1.76
N SER A 17 4.19 -12.77 -2.56
CA SER A 17 5.41 -12.11 -2.17
C SER A 17 5.07 -10.62 -2.03
N CYS A 18 5.27 -10.02 -0.87
CA CYS A 18 4.79 -8.68 -0.55
C CYS A 18 5.95 -7.80 -0.15
N ASP A 19 5.83 -6.47 -0.23
CA ASP A 19 6.85 -5.54 0.19
C ASP A 19 6.63 -5.02 1.61
N TRP A 20 7.29 -5.74 2.51
CA TRP A 20 7.43 -5.40 3.91
C TRP A 20 8.60 -4.42 4.05
N LYS A 21 8.60 -3.40 3.20
CA LYS A 21 9.51 -2.27 3.22
C LYS A 21 9.22 -1.42 4.46
N GLN A 22 9.93 -0.30 4.62
CA GLN A 22 9.36 0.73 5.49
C GLN A 22 8.18 1.26 4.68
N ASN A 23 7.10 1.60 5.35
CA ASN A 23 5.80 1.85 4.73
C ASN A 23 5.28 3.23 5.13
N TRP A 24 5.75 3.73 6.27
CA TRP A 24 5.52 5.00 6.93
C TRP A 24 5.63 6.25 6.04
N ASN A 25 5.76 7.40 6.70
CA ASN A 25 6.29 8.69 6.27
C ASN A 25 7.60 8.51 5.50
N THR A 26 7.50 7.82 4.37
CA THR A 26 8.56 7.49 3.42
C THR A 26 8.03 7.62 1.99
N CYS A 27 8.88 7.45 0.98
CA CYS A 27 8.66 7.83 -0.40
C CYS A 27 9.23 6.70 -1.27
N VAL A 28 8.58 5.55 -1.19
CA VAL A 28 9.11 4.27 -1.65
C VAL A 28 8.86 4.15 -3.15
N GLY A 29 9.76 3.54 -3.92
CA GLY A 29 9.57 3.27 -5.33
C GLY A 29 8.76 2.00 -5.52
N ILE A 30 7.76 2.01 -6.38
CA ILE A 30 6.72 0.99 -6.44
C ILE A 30 6.42 0.61 -7.89
N GLY A 31 5.78 -0.54 -8.08
CA GLY A 31 5.33 -1.07 -9.34
C GLY A 31 5.70 -2.55 -9.38
N ALA A 32 5.98 -3.06 -10.57
CA ALA A 32 6.50 -4.41 -10.83
C ALA A 32 5.74 -5.56 -10.22
N ASN A 33 4.74 -6.04 -10.97
CA ASN A 33 3.88 -7.19 -10.67
C ASN A 33 3.23 -7.12 -9.30
N VAL A 34 3.21 -5.93 -8.72
CA VAL A 34 2.55 -5.62 -7.45
C VAL A 34 1.43 -4.61 -7.75
N HIS A 35 0.18 -4.97 -7.44
CA HIS A 35 -0.97 -4.08 -7.59
C HIS A 35 -2.04 -4.33 -6.52
N TRP A 36 -1.65 -4.87 -5.38
CA TRP A 36 -2.56 -5.08 -4.26
C TRP A 36 -1.90 -4.53 -3.02
N MET A 37 -2.48 -3.53 -2.41
CA MET A 37 -2.11 -3.14 -1.06
C MET A 37 -2.89 -4.07 -0.15
N VAL A 38 -2.33 -4.44 0.99
CA VAL A 38 -2.97 -5.32 1.94
C VAL A 38 -2.60 -4.77 3.31
N THR A 39 -3.57 -4.68 4.23
CA THR A 39 -3.31 -3.99 5.48
C THR A 39 -4.04 -4.58 6.70
N GLY A 40 -3.43 -4.34 7.85
CA GLY A 40 -3.90 -4.63 9.20
C GLY A 40 -3.70 -6.09 9.58
N GLY A 41 -3.64 -6.28 10.89
CA GLY A 41 -3.58 -7.56 11.55
C GLY A 41 -4.72 -7.51 12.56
N SER A 42 -4.59 -6.60 13.54
CA SER A 42 -5.61 -6.14 14.46
C SER A 42 -5.03 -5.04 15.35
N THR A 43 -4.79 -5.31 16.64
CA THR A 43 -4.39 -4.30 17.62
C THR A 43 -5.40 -3.15 17.60
N ASP A 44 -6.65 -3.47 17.25
CA ASP A 44 -7.68 -2.62 16.75
C ASP A 44 -7.15 -1.29 16.24
N GLY A 45 -6.23 -1.37 15.28
CA GLY A 45 -5.57 -0.25 14.66
C GLY A 45 -6.60 0.70 14.07
N LYS A 46 -7.58 0.10 13.41
CA LYS A 46 -8.47 0.73 12.46
C LYS A 46 -7.68 1.07 11.20
N GLN A 47 -8.29 1.77 10.24
CA GLN A 47 -7.75 1.85 8.91
C GLN A 47 -6.36 2.47 8.86
N GLY A 48 -5.53 1.95 7.96
CA GLY A 48 -4.27 2.59 7.60
C GLY A 48 -4.53 3.29 6.27
N CYS A 49 -3.93 4.46 6.06
CA CYS A 49 -4.11 5.18 4.82
C CYS A 49 -2.77 5.63 4.33
N ALA A 50 -2.66 5.85 3.03
CA ALA A 50 -1.44 6.26 2.38
C ALA A 50 -1.75 7.37 1.39
N THR A 51 -0.80 8.28 1.21
CA THR A 51 -0.78 9.08 0.01
C THR A 51 -0.07 8.20 -1.00
N ILE A 52 -0.78 7.72 -2.00
CA ILE A 52 -0.17 7.12 -3.17
C ILE A 52 0.23 8.26 -4.11
N TRP A 53 1.26 8.07 -4.93
CA TRP A 53 1.62 8.98 -6.01
C TRP A 53 1.72 8.22 -7.33
N GLU A 54 1.42 8.95 -8.39
CA GLU A 54 1.78 8.55 -9.72
C GLU A 54 3.30 8.51 -9.80
N GLY A 55 3.92 9.67 -9.57
CA GLY A 55 5.25 9.95 -10.01
C GLY A 55 6.29 9.15 -9.25
N SER A 56 7.38 8.84 -9.95
CA SER A 56 8.38 7.90 -9.52
C SER A 56 9.34 8.57 -8.53
N GLY A 57 8.84 8.82 -7.33
CA GLY A 57 9.56 9.43 -6.23
C GLY A 57 8.66 10.36 -5.45
N CYS A 58 7.45 9.90 -5.13
CA CYS A 58 6.38 10.68 -4.51
C CYS A 58 6.23 12.05 -5.15
N VAL A 59 6.16 12.06 -6.48
CA VAL A 59 5.99 13.23 -7.34
C VAL A 59 4.79 12.97 -8.24
N GLY A 60 4.40 13.92 -9.06
CA GLY A 60 3.26 13.74 -9.97
C GLY A 60 1.98 13.94 -9.19
N ARG A 61 0.89 13.34 -9.65
CA ARG A 61 -0.38 13.40 -8.95
C ARG A 61 -0.30 12.49 -7.77
N SER A 62 -1.18 12.73 -6.81
CA SER A 62 -1.33 11.86 -5.67
C SER A 62 -2.77 11.46 -5.46
N THR A 63 -2.95 10.32 -4.81
CA THR A 63 -4.21 9.65 -4.59
C THR A 63 -4.24 9.22 -3.11
N THR A 64 -5.09 9.85 -2.30
CA THR A 64 -5.28 9.46 -0.93
C THR A 64 -5.98 8.09 -0.96
N MET A 65 -5.26 7.04 -0.60
CA MET A 65 -5.76 5.67 -0.58
C MET A 65 -5.81 5.15 0.85
N CYS A 66 -7.02 5.04 1.40
CA CYS A 66 -7.28 4.40 2.68
C CYS A 66 -7.63 2.94 2.45
N CYS A 67 -7.39 2.09 3.44
CA CYS A 67 -7.91 0.73 3.49
C CYS A 67 -8.02 0.24 4.94
N PRO A 68 -9.14 -0.36 5.36
CA PRO A 68 -9.31 -0.80 6.73
C PRO A 68 -8.39 -1.97 7.11
N ALA A 69 -8.33 -2.28 8.40
CA ALA A 69 -7.49 -3.36 8.89
C ALA A 69 -8.13 -4.69 8.52
N ASN A 70 -7.30 -5.70 8.25
CA ASN A 70 -7.72 -7.02 7.77
C ASN A 70 -8.46 -6.83 6.46
N THR A 71 -7.81 -6.12 5.53
CA THR A 71 -8.40 -5.84 4.23
C THR A 71 -7.35 -5.95 3.14
N CYS A 72 -7.69 -6.68 2.09
CA CYS A 72 -7.00 -6.71 0.81
C CYS A 72 -7.56 -5.61 -0.09
N CYS A 73 -6.69 -4.88 -0.81
CA CYS A 73 -6.97 -3.57 -1.36
C CYS A 73 -6.38 -3.49 -2.78
N ASN A 74 -7.17 -3.76 -3.82
CA ASN A 74 -6.65 -3.74 -5.19
C ASN A 74 -6.37 -2.30 -5.62
N ILE A 75 -5.15 -2.00 -6.02
CA ILE A 75 -4.73 -0.71 -6.54
C ILE A 75 -5.17 -0.58 -8.00
N ASN A 76 -6.08 0.35 -8.29
CA ASN A 76 -6.59 0.67 -9.61
C ASN A 76 -7.04 2.11 -9.52
N THR A 77 -6.31 3.02 -10.15
CA THR A 77 -6.50 4.46 -10.02
C THR A 77 -6.52 5.13 -11.40
N GLY A 78 -6.25 4.38 -12.47
CA GLY A 78 -6.21 4.91 -13.82
C GLY A 78 -4.90 5.61 -14.13
N PHE A 79 -3.86 5.46 -13.31
CA PHE A 79 -2.51 5.70 -13.73
C PHE A 79 -1.62 4.65 -13.13
N TYR A 80 -0.48 4.42 -13.77
CA TYR A 80 0.51 3.52 -13.23
C TYR A 80 1.16 4.26 -12.07
N ILE A 81 1.30 3.57 -10.94
CA ILE A 81 1.68 4.13 -9.67
C ILE A 81 3.11 3.74 -9.36
N ARG A 82 3.94 4.71 -8.97
CA ARG A 82 5.36 4.46 -8.74
C ARG A 82 5.83 4.85 -7.36
N SER A 83 4.93 5.38 -6.55
CA SER A 83 5.24 5.51 -5.13
C SER A 83 4.04 5.58 -4.16
N TYR A 84 4.30 5.47 -2.85
CA TYR A 84 3.38 5.80 -1.77
C TYR A 84 4.13 6.18 -0.50
N ARG A 85 3.40 6.77 0.46
CA ARG A 85 3.78 7.06 1.84
C ARG A 85 2.59 6.69 2.71
N ARG A 86 2.72 5.82 3.71
CA ARG A 86 1.64 5.62 4.68
C ARG A 86 1.56 6.90 5.52
N VAL A 87 0.35 7.43 5.68
CA VAL A 87 0.09 8.66 6.43
C VAL A 87 -0.40 8.33 7.84
N GLU A 88 -1.16 7.26 8.03
CA GLU A 88 -1.72 6.89 9.32
C GLU A 88 -2.10 5.41 9.26
N GLY A 1 -2.71 -4.98 19.10
CA GLY A 1 -2.17 -3.72 18.58
C GLY A 1 -0.90 -3.96 17.81
N ASP A 2 -1.04 -4.67 16.71
CA ASP A 2 0.01 -5.41 16.02
C ASP A 2 -0.58 -6.11 14.80
N GLY A 3 -0.09 -5.75 13.62
CA GLY A 3 -0.28 -6.46 12.38
C GLY A 3 0.70 -5.87 11.37
N TYR A 4 0.42 -6.02 10.08
CA TYR A 4 1.26 -5.47 9.02
C TYR A 4 0.44 -4.53 8.15
N LEU A 5 1.13 -3.85 7.23
CA LEU A 5 0.61 -3.02 6.16
C LEU A 5 1.66 -2.93 5.07
N ILE A 6 1.69 -3.97 4.25
CA ILE A 6 2.58 -4.13 3.11
C ILE A 6 1.77 -3.96 1.84
N MET A 7 2.43 -3.99 0.69
CA MET A 7 1.76 -4.28 -0.54
C MET A 7 2.41 -5.45 -1.24
N CYS A 8 1.73 -5.92 -2.27
CA CYS A 8 1.88 -7.25 -2.83
C CYS A 8 1.43 -7.24 -4.27
N LYS A 9 1.82 -8.27 -4.99
CA LYS A 9 1.41 -8.45 -6.38
C LYS A 9 0.04 -9.09 -6.56
N ASN A 10 -0.36 -9.93 -5.61
CA ASN A 10 -1.72 -10.44 -5.53
C ASN A 10 -2.32 -10.06 -4.19
N CYS A 11 -3.58 -10.43 -3.99
CA CYS A 11 -4.37 -10.08 -2.82
C CYS A 11 -4.01 -10.90 -1.58
N ASP A 12 -3.00 -11.76 -1.71
CA ASP A 12 -2.78 -12.87 -0.79
C ASP A 12 -1.33 -12.88 -0.29
N PRO A 13 -1.03 -12.31 0.87
CA PRO A 13 0.34 -12.18 1.33
C PRO A 13 0.98 -13.52 1.71
N ASN A 14 0.20 -14.58 1.82
CA ASN A 14 0.74 -15.93 1.97
C ASN A 14 1.37 -16.37 0.66
N THR A 15 0.65 -16.24 -0.46
CA THR A 15 1.04 -16.80 -1.75
C THR A 15 1.39 -15.70 -2.76
N GLY A 16 1.76 -14.51 -2.28
CA GLY A 16 2.25 -13.42 -3.10
C GLY A 16 3.49 -12.80 -2.49
N SER A 17 4.49 -12.51 -3.33
CA SER A 17 5.64 -11.71 -2.96
C SER A 17 5.15 -10.30 -2.63
N CYS A 18 5.56 -9.76 -1.49
CA CYS A 18 5.07 -8.51 -0.95
C CYS A 18 6.25 -7.70 -0.45
N ASP A 19 6.17 -6.37 -0.46
CA ASP A 19 7.19 -5.55 0.17
C ASP A 19 6.90 -5.35 1.65
N TRP A 20 7.52 -6.21 2.46
CA TRP A 20 7.62 -6.14 3.90
C TRP A 20 8.78 -5.20 4.22
N LYS A 21 8.66 -3.98 3.72
CA LYS A 21 9.56 -2.88 3.99
C LYS A 21 8.75 -1.71 4.54
N GLN A 22 9.42 -0.76 5.19
CA GLN A 22 8.72 0.42 5.68
C GLN A 22 8.18 1.20 4.49
N ASN A 23 7.03 1.80 4.74
CA ASN A 23 6.32 2.67 3.82
C ASN A 23 5.60 3.79 4.56
N TRP A 24 5.83 3.96 5.86
CA TRP A 24 5.22 5.02 6.61
C TRP A 24 6.17 6.19 6.48
N ASN A 25 5.66 7.31 5.95
CA ASN A 25 6.31 8.60 5.97
C ASN A 25 7.72 8.53 5.38
N THR A 26 7.88 7.73 4.32
CA THR A 26 9.08 7.59 3.53
C THR A 26 8.67 7.59 2.07
N CYS A 27 9.53 8.10 1.21
CA CYS A 27 9.32 8.21 -0.22
C CYS A 27 9.71 6.88 -0.86
N VAL A 28 8.76 6.00 -1.20
CA VAL A 28 9.04 4.63 -1.64
C VAL A 28 8.37 4.36 -2.99
N GLY A 29 9.16 3.91 -3.98
CA GLY A 29 8.77 3.61 -5.34
C GLY A 29 8.49 2.12 -5.53
N ILE A 30 7.46 1.79 -6.31
CA ILE A 30 6.78 0.50 -6.41
C ILE A 30 6.93 -0.04 -7.84
N GLY A 31 6.90 -1.36 -8.02
CA GLY A 31 6.79 -1.99 -9.31
C GLY A 31 6.68 -3.50 -9.19
N ALA A 32 6.85 -4.17 -10.33
CA ALA A 32 6.87 -5.61 -10.48
C ALA A 32 5.62 -6.33 -10.05
N ASN A 33 4.55 -6.02 -10.77
CA ASN A 33 3.21 -6.55 -10.63
C ASN A 33 2.60 -6.16 -9.30
N VAL A 34 3.30 -5.36 -8.48
CA VAL A 34 2.85 -5.05 -7.13
C VAL A 34 1.72 -4.01 -7.18
N HIS A 35 0.47 -4.43 -6.94
CA HIS A 35 -0.68 -3.53 -6.93
C HIS A 35 -1.76 -3.93 -5.92
N TRP A 36 -1.36 -4.55 -4.81
CA TRP A 36 -2.32 -4.92 -3.78
C TRP A 36 -1.75 -4.59 -2.43
N MET A 37 -2.35 -3.65 -1.73
CA MET A 37 -1.97 -3.39 -0.35
C MET A 37 -2.76 -4.37 0.51
N VAL A 38 -2.16 -4.89 1.56
CA VAL A 38 -2.85 -5.81 2.46
C VAL A 38 -2.49 -5.36 3.86
N THR A 39 -3.48 -4.96 4.66
CA THR A 39 -3.27 -4.58 6.04
C THR A 39 -3.81 -5.68 6.94
N GLY A 40 -2.89 -6.26 7.73
CA GLY A 40 -3.19 -7.19 8.80
C GLY A 40 -3.62 -6.55 10.11
N GLY A 41 -3.90 -5.27 10.00
CA GLY A 41 -4.15 -4.38 11.10
C GLY A 41 -2.86 -3.96 11.78
N SER A 42 -1.86 -3.63 10.94
CA SER A 42 -0.67 -2.83 11.23
C SER A 42 -0.40 -2.53 12.70
N THR A 43 -1.26 -1.72 13.31
CA THR A 43 -1.14 -1.25 14.66
C THR A 43 -2.54 -0.87 15.11
N ASP A 44 -3.15 0.02 14.34
CA ASP A 44 -4.46 0.55 14.67
C ASP A 44 -5.54 -0.34 14.09
N GLY A 45 -6.64 -0.48 14.83
CA GLY A 45 -7.76 -1.35 14.48
C GLY A 45 -8.70 -0.68 13.48
N LYS A 46 -8.70 0.65 13.44
CA LYS A 46 -9.48 1.42 12.46
C LYS A 46 -8.87 1.28 11.06
N GLN A 47 -9.46 1.90 10.05
CA GLN A 47 -8.86 1.94 8.72
C GLN A 47 -7.50 2.64 8.77
N GLY A 48 -6.65 2.45 7.75
CA GLY A 48 -5.48 3.31 7.62
C GLY A 48 -5.26 3.67 6.16
N CYS A 49 -4.54 4.75 5.84
CA CYS A 49 -4.51 5.32 4.51
C CYS A 49 -3.13 5.83 4.16
N ALA A 50 -2.90 6.08 2.88
CA ALA A 50 -1.65 6.58 2.34
C ALA A 50 -1.91 7.63 1.28
N THR A 51 -0.92 8.46 1.01
CA THR A 51 -0.86 9.19 -0.25
C THR A 51 -0.20 8.22 -1.22
N ILE A 52 -0.79 8.02 -2.39
CA ILE A 52 -0.21 7.29 -3.51
C ILE A 52 0.19 8.33 -4.55
N TRP A 53 1.24 8.06 -5.36
CA TRP A 53 1.63 8.91 -6.48
C TRP A 53 1.73 8.16 -7.81
N GLU A 54 1.59 8.92 -8.89
CA GLU A 54 1.84 8.51 -10.26
C GLU A 54 3.33 8.66 -10.58
N GLY A 55 3.98 9.68 -10.00
CA GLY A 55 5.35 9.99 -10.31
C GLY A 55 6.33 9.13 -9.53
N SER A 56 7.45 8.82 -10.18
CA SER A 56 8.36 7.74 -9.85
C SER A 56 9.25 8.06 -8.65
N GLY A 57 8.74 7.81 -7.44
CA GLY A 57 9.47 7.93 -6.20
C GLY A 57 8.50 8.28 -5.09
N CYS A 58 7.70 9.32 -5.37
CA CYS A 58 6.60 9.92 -4.62
C CYS A 58 6.41 11.35 -5.15
N VAL A 59 6.41 11.51 -6.49
CA VAL A 59 6.42 12.79 -7.17
C VAL A 59 5.24 12.80 -8.13
N GLY A 60 4.99 13.90 -8.82
CA GLY A 60 3.91 13.94 -9.80
C GLY A 60 2.55 14.02 -9.10
N ARG A 61 1.55 13.42 -9.73
CA ARG A 61 0.17 13.42 -9.26
C ARG A 61 0.09 12.52 -8.06
N SER A 62 -0.86 12.81 -7.17
CA SER A 62 -1.16 11.92 -6.09
C SER A 62 -2.63 11.95 -5.72
N THR A 63 -3.07 10.89 -5.04
CA THR A 63 -4.39 10.80 -4.44
C THR A 63 -4.21 10.13 -3.08
N THR A 64 -5.12 10.35 -2.13
CA THR A 64 -5.11 9.61 -0.89
C THR A 64 -5.87 8.31 -1.13
N MET A 65 -5.22 7.16 -0.90
CA MET A 65 -5.82 5.85 -0.97
C MET A 65 -6.03 5.36 0.47
N CYS A 66 -7.27 5.11 0.87
CA CYS A 66 -7.61 4.59 2.19
C CYS A 66 -8.07 3.14 2.04
N CYS A 67 -7.91 2.33 3.09
CA CYS A 67 -8.44 0.99 3.16
C CYS A 67 -8.70 0.61 4.62
N PRO A 68 -9.76 -0.13 4.97
CA PRO A 68 -9.94 -0.71 6.30
C PRO A 68 -8.73 -1.52 6.73
N ALA A 69 -8.67 -1.89 8.01
CA ALA A 69 -7.68 -2.83 8.51
C ALA A 69 -8.19 -4.25 8.31
N ASN A 70 -7.32 -5.24 8.46
CA ASN A 70 -7.67 -6.66 8.38
C ASN A 70 -8.33 -6.94 7.03
N THR A 71 -7.71 -6.45 5.95
CA THR A 71 -8.24 -6.67 4.62
C THR A 71 -7.14 -6.54 3.57
N CYS A 72 -7.53 -6.86 2.34
CA CYS A 72 -6.80 -6.79 1.10
C CYS A 72 -7.40 -5.67 0.26
N CYS A 73 -6.56 -4.94 -0.49
CA CYS A 73 -6.88 -3.63 -1.03
C CYS A 73 -6.26 -3.55 -2.42
N ASN A 74 -7.06 -3.77 -3.48
CA ASN A 74 -6.63 -3.61 -4.86
C ASN A 74 -6.20 -2.16 -5.11
N ILE A 75 -4.91 -1.88 -5.21
CA ILE A 75 -4.43 -0.64 -5.76
C ILE A 75 -4.64 -0.71 -7.27
N ASN A 76 -5.41 0.24 -7.80
CA ASN A 76 -5.57 0.42 -9.23
C ASN A 76 -6.26 1.76 -9.43
N THR A 77 -5.48 2.84 -9.32
CA THR A 77 -5.97 4.17 -9.57
C THR A 77 -6.16 4.32 -11.09
N GLY A 78 -6.85 5.37 -11.52
CA GLY A 78 -7.03 5.62 -12.94
C GLY A 78 -5.69 5.78 -13.63
N PHE A 79 -4.73 6.41 -12.94
CA PHE A 79 -3.34 6.46 -13.35
C PHE A 79 -2.63 5.19 -12.94
N TYR A 80 -1.52 4.93 -13.63
CA TYR A 80 -0.64 3.86 -13.24
C TYR A 80 0.11 4.30 -11.98
N ILE A 81 0.17 3.41 -11.00
CA ILE A 81 0.76 3.68 -9.72
C ILE A 81 2.28 3.58 -9.83
N ARG A 82 3.00 4.47 -9.16
CA ARG A 82 4.45 4.31 -9.00
C ARG A 82 4.93 4.42 -7.58
N SER A 83 4.23 5.09 -6.66
CA SER A 83 4.77 5.24 -5.31
C SER A 83 3.67 5.35 -4.26
N TYR A 84 4.01 5.20 -2.98
CA TYR A 84 3.09 5.51 -1.89
C TYR A 84 3.83 5.80 -0.59
N ARG A 85 3.16 6.52 0.31
CA ARG A 85 3.63 6.89 1.62
C ARG A 85 2.43 6.92 2.58
N ARG A 86 2.49 6.18 3.68
CA ARG A 86 1.39 6.15 4.64
C ARG A 86 1.10 7.55 5.18
N VAL A 87 -0.13 7.80 5.62
CA VAL A 87 -0.50 9.02 6.34
C VAL A 87 -1.17 8.67 7.68
N GLU A 88 -1.99 7.62 7.74
CA GLU A 88 -2.56 7.11 8.97
C GLU A 88 -2.45 5.58 8.97
N GLY A 1 -3.93 -5.86 19.65
CA GLY A 1 -3.01 -6.03 18.52
C GLY A 1 -2.75 -4.71 17.82
N ASP A 2 -1.82 -4.68 16.86
CA ASP A 2 -1.58 -3.52 15.99
C ASP A 2 -2.11 -3.89 14.61
N GLY A 3 -1.54 -4.94 14.02
CA GLY A 3 -1.75 -5.26 12.62
C GLY A 3 -0.59 -4.70 11.82
N TYR A 4 -0.79 -4.55 10.52
CA TYR A 4 0.20 -4.06 9.59
C TYR A 4 -0.51 -3.55 8.36
N LEU A 5 0.25 -2.82 7.55
CA LEU A 5 -0.11 -2.37 6.22
C LEU A 5 1.11 -2.60 5.34
N ILE A 6 0.99 -3.50 4.36
CA ILE A 6 2.02 -3.87 3.41
C ILE A 6 1.40 -3.78 2.03
N MET A 7 2.20 -3.99 0.99
CA MET A 7 1.68 -4.34 -0.30
C MET A 7 2.40 -5.55 -0.84
N CYS A 8 1.80 -6.15 -1.85
CA CYS A 8 2.04 -7.50 -2.30
C CYS A 8 1.91 -7.51 -3.80
N LYS A 9 2.46 -8.55 -4.43
CA LYS A 9 2.22 -8.76 -5.84
C LYS A 9 0.73 -8.79 -6.14
N ASN A 10 0.03 -9.65 -5.40
CA ASN A 10 -1.34 -10.05 -5.60
C ASN A 10 -2.05 -9.97 -4.27
N CYS A 11 -3.30 -10.42 -4.22
CA CYS A 11 -4.11 -10.34 -3.01
C CYS A 11 -3.71 -11.33 -1.91
N ASP A 12 -2.63 -12.09 -2.11
CA ASP A 12 -2.20 -13.13 -1.18
C ASP A 12 -1.06 -12.65 -0.26
N PRO A 13 -1.30 -12.36 1.01
CA PRO A 13 -0.24 -11.99 1.92
C PRO A 13 0.75 -13.13 2.13
N ASN A 14 0.28 -14.38 2.14
CA ASN A 14 1.12 -15.50 2.53
C ASN A 14 2.12 -15.84 1.43
N THR A 15 1.65 -15.93 0.19
CA THR A 15 2.46 -16.43 -0.93
C THR A 15 2.49 -15.46 -2.11
N GLY A 16 2.14 -14.18 -1.89
CA GLY A 16 2.33 -13.15 -2.90
C GLY A 16 3.80 -12.74 -3.01
N SER A 17 4.51 -12.70 -1.88
CA SER A 17 5.75 -11.95 -1.67
C SER A 17 5.35 -10.48 -1.56
N CYS A 18 5.57 -9.88 -0.41
CA CYS A 18 5.03 -8.60 -0.05
C CYS A 18 6.11 -7.77 0.60
N ASP A 19 6.04 -6.45 0.52
CA ASP A 19 6.97 -5.61 1.25
C ASP A 19 6.43 -5.36 2.67
N TRP A 20 6.86 -6.23 3.58
CA TRP A 20 6.85 -6.08 5.02
C TRP A 20 8.10 -5.28 5.38
N LYS A 21 8.20 -4.10 4.77
CA LYS A 21 9.30 -3.17 4.88
C LYS A 21 8.76 -1.89 5.53
N GLN A 22 9.62 -0.87 5.62
CA GLN A 22 9.19 0.45 6.02
C GLN A 22 8.23 0.93 4.92
N ASN A 23 7.20 1.65 5.34
CA ASN A 23 5.95 1.87 4.62
C ASN A 23 5.38 3.26 4.91
N TRP A 24 5.87 3.91 5.96
CA TRP A 24 5.47 5.19 6.50
C TRP A 24 6.73 6.06 6.38
N ASN A 25 6.59 7.38 6.49
CA ASN A 25 7.67 8.37 6.61
C ASN A 25 8.94 8.01 5.85
N THR A 26 8.84 7.83 4.53
CA THR A 26 9.94 7.75 3.57
C THR A 26 9.32 7.83 2.17
N CYS A 27 10.11 7.66 1.12
CA CYS A 27 9.70 7.56 -0.27
C CYS A 27 10.18 6.22 -0.83
N VAL A 28 9.36 5.48 -1.58
CA VAL A 28 9.75 4.19 -2.17
C VAL A 28 9.02 4.05 -3.51
N GLY A 29 9.67 3.47 -4.52
CA GLY A 29 9.14 3.21 -5.86
C GLY A 29 8.75 1.74 -6.06
N ILE A 30 7.61 1.51 -6.70
CA ILE A 30 6.88 0.25 -6.79
C ILE A 30 6.64 -0.02 -8.28
N GLY A 31 6.25 -1.24 -8.65
CA GLY A 31 5.59 -1.50 -9.91
C GLY A 31 5.73 -2.96 -10.32
N ALA A 32 5.16 -3.25 -11.49
CA ALA A 32 5.31 -4.48 -12.24
C ALA A 32 4.81 -5.69 -11.46
N ASN A 33 3.55 -6.05 -11.70
CA ASN A 33 2.83 -7.14 -11.02
C ASN A 33 2.83 -6.97 -9.50
N VAL A 34 2.95 -5.71 -9.05
CA VAL A 34 2.65 -5.29 -7.69
C VAL A 34 1.55 -4.25 -7.81
N HIS A 35 0.31 -4.62 -7.49
CA HIS A 35 -0.77 -3.66 -7.37
C HIS A 35 -1.78 -4.05 -6.29
N TRP A 36 -1.34 -4.61 -5.17
CA TRP A 36 -2.27 -5.01 -4.12
C TRP A 36 -1.72 -4.62 -2.76
N MET A 37 -2.40 -3.71 -2.09
CA MET A 37 -2.13 -3.39 -0.70
C MET A 37 -2.90 -4.40 0.15
N VAL A 38 -2.33 -4.85 1.25
CA VAL A 38 -2.97 -5.82 2.14
C VAL A 38 -2.70 -5.33 3.55
N THR A 39 -3.73 -5.26 4.39
CA THR A 39 -3.59 -4.76 5.75
C THR A 39 -4.56 -5.52 6.65
N GLY A 40 -4.18 -5.73 7.90
CA GLY A 40 -4.94 -6.56 8.82
C GLY A 40 -4.03 -7.39 9.68
N GLY A 41 -4.38 -8.67 9.77
CA GLY A 41 -3.83 -9.65 10.67
C GLY A 41 -4.62 -9.54 11.95
N SER A 42 -4.51 -8.36 12.56
CA SER A 42 -4.88 -8.13 13.93
C SER A 42 -6.28 -7.50 14.04
N THR A 43 -6.55 -6.90 15.19
CA THR A 43 -7.86 -6.63 15.72
C THR A 43 -8.12 -5.12 15.73
N ASP A 44 -7.69 -4.44 16.80
CA ASP A 44 -7.84 -3.03 17.02
C ASP A 44 -6.76 -2.38 16.16
N GLY A 45 -7.00 -2.29 14.86
CA GLY A 45 -6.01 -1.88 13.87
C GLY A 45 -6.22 -0.44 13.46
N LYS A 46 -7.47 -0.13 13.11
CA LYS A 46 -7.93 1.06 12.44
C LYS A 46 -7.46 1.07 10.99
N GLN A 47 -8.34 1.49 10.09
CA GLN A 47 -7.97 1.55 8.69
C GLN A 47 -6.85 2.55 8.48
N GLY A 48 -5.93 2.23 7.58
CA GLY A 48 -4.78 3.06 7.28
C GLY A 48 -5.04 3.74 5.95
N CYS A 49 -4.47 4.92 5.72
CA CYS A 49 -4.57 5.58 4.44
C CYS A 49 -3.18 5.93 3.98
N ALA A 50 -3.03 6.05 2.67
CA ALA A 50 -1.76 6.25 2.01
C ALA A 50 -1.97 7.18 0.84
N THR A 51 -1.08 8.16 0.71
CA THR A 51 -1.05 8.96 -0.48
C THR A 51 -0.20 8.15 -1.46
N ILE A 52 -0.81 7.76 -2.56
CA ILE A 52 -0.16 7.09 -3.65
C ILE A 52 0.19 8.21 -4.66
N TRP A 53 1.30 8.06 -5.38
CA TRP A 53 1.82 9.03 -6.34
C TRP A 53 2.02 8.36 -7.71
N GLU A 54 1.84 9.15 -8.76
CA GLU A 54 2.08 8.76 -10.15
C GLU A 54 3.60 8.75 -10.37
N GLY A 55 4.27 9.81 -9.91
CA GLY A 55 5.69 10.00 -10.16
C GLY A 55 6.54 8.85 -9.66
N SER A 56 7.60 8.55 -10.42
CA SER A 56 8.67 7.70 -9.95
C SER A 56 9.37 8.42 -8.80
N GLY A 57 9.19 7.96 -7.57
CA GLY A 57 9.81 8.54 -6.41
C GLY A 57 8.94 9.64 -5.82
N CYS A 58 7.67 9.31 -5.58
CA CYS A 58 6.72 10.06 -4.76
C CYS A 58 6.70 11.56 -5.08
N VAL A 59 6.70 11.89 -6.36
CA VAL A 59 6.52 13.22 -6.87
C VAL A 59 5.33 13.18 -7.84
N GLY A 60 4.94 14.33 -8.38
CA GLY A 60 3.91 14.37 -9.40
C GLY A 60 2.53 14.30 -8.77
N ARG A 61 1.64 13.65 -9.50
CA ARG A 61 0.22 13.59 -9.25
C ARG A 61 -0.02 12.58 -8.17
N SER A 62 -1.03 12.80 -7.33
CA SER A 62 -1.25 11.98 -6.18
C SER A 62 -2.72 11.65 -5.97
N THR A 63 -2.98 10.69 -5.10
CA THR A 63 -4.31 10.21 -4.78
C THR A 63 -4.24 9.49 -3.44
N THR A 64 -4.97 9.96 -2.42
CA THR A 64 -5.10 9.27 -1.16
C THR A 64 -5.98 8.04 -1.38
N MET A 65 -5.42 6.84 -1.17
CA MET A 65 -6.20 5.61 -1.08
C MET A 65 -6.24 5.19 0.39
N CYS A 66 -7.40 4.74 0.87
CA CYS A 66 -7.59 4.27 2.23
C CYS A 66 -7.91 2.78 2.18
N CYS A 67 -7.53 2.02 3.21
CA CYS A 67 -7.68 0.58 3.24
C CYS A 67 -7.82 0.03 4.66
N PRO A 68 -8.89 -0.71 4.99
CA PRO A 68 -9.09 -1.20 6.34
C PRO A 68 -8.18 -2.32 6.81
N ALA A 69 -7.93 -2.30 8.11
CA ALA A 69 -7.18 -3.34 8.77
C ALA A 69 -8.11 -4.54 8.82
N ASN A 70 -7.82 -5.56 8.02
CA ASN A 70 -8.55 -6.79 7.74
C ASN A 70 -9.16 -6.71 6.34
N THR A 71 -8.41 -6.24 5.34
CA THR A 71 -8.79 -6.41 3.95
C THR A 71 -7.56 -6.48 3.07
N CYS A 72 -7.78 -7.09 1.91
CA CYS A 72 -6.96 -6.97 0.71
C CYS A 72 -7.56 -5.84 -0.13
N CYS A 73 -6.70 -5.00 -0.71
CA CYS A 73 -7.04 -3.75 -1.40
C CYS A 73 -6.32 -3.73 -2.74
N ASN A 74 -7.02 -4.07 -3.81
CA ASN A 74 -6.51 -3.87 -5.16
C ASN A 74 -6.17 -2.39 -5.35
N ILE A 75 -4.92 -2.05 -5.65
CA ILE A 75 -4.55 -0.76 -6.17
C ILE A 75 -4.90 -0.72 -7.67
N ASN A 76 -5.62 0.33 -8.06
CA ASN A 76 -5.83 0.78 -9.44
C ASN A 76 -6.67 2.04 -9.31
N THR A 77 -6.02 3.20 -9.38
CA THR A 77 -6.67 4.50 -9.39
C THR A 77 -6.97 4.88 -10.84
N GLY A 78 -7.46 6.10 -11.08
CA GLY A 78 -7.75 6.59 -12.42
C GLY A 78 -6.51 6.81 -13.27
N PHE A 79 -5.32 6.62 -12.70
CA PHE A 79 -4.04 6.65 -13.39
C PHE A 79 -3.17 5.59 -12.75
N TYR A 80 -2.15 5.18 -13.50
CA TYR A 80 -1.20 4.20 -13.03
C TYR A 80 -0.36 4.85 -11.93
N ILE A 81 -0.02 4.09 -10.90
CA ILE A 81 0.62 4.59 -9.70
C ILE A 81 2.01 3.97 -9.57
N ARG A 82 3.01 4.73 -9.10
CA ARG A 82 4.38 4.22 -9.01
C ARG A 82 5.04 4.42 -7.65
N SER A 83 4.57 5.32 -6.78
CA SER A 83 5.09 5.41 -5.42
C SER A 83 3.93 5.51 -4.43
N TYR A 84 4.21 5.39 -3.12
CA TYR A 84 3.21 5.63 -2.10
C TYR A 84 3.88 5.82 -0.75
N ARG A 85 3.11 6.30 0.22
CA ARG A 85 3.44 6.12 1.63
C ARG A 85 2.17 6.24 2.47
N ARG A 86 2.06 5.47 3.55
CA ARG A 86 0.95 5.65 4.48
C ARG A 86 1.08 7.01 5.17
N VAL A 87 -0.04 7.72 5.31
CA VAL A 87 -0.12 9.06 5.88
C VAL A 87 -0.73 9.05 7.28
N GLU A 88 -1.36 7.95 7.70
CA GLU A 88 -1.58 7.65 9.09
C GLU A 88 -1.09 6.22 9.27
N GLY A 1 1.58 -1.87 15.95
CA GLY A 1 0.31 -2.41 15.47
C GLY A 1 0.20 -3.93 15.53
N ASP A 2 1.29 -4.64 15.26
CA ASP A 2 1.35 -6.09 15.05
C ASP A 2 0.76 -6.40 13.69
N GLY A 3 -0.51 -6.04 13.47
CA GLY A 3 -1.05 -5.86 12.14
C GLY A 3 -0.20 -4.83 11.37
N TYR A 4 -0.43 -4.68 10.08
CA TYR A 4 0.51 -4.01 9.19
C TYR A 4 -0.22 -3.41 8.00
N LEU A 5 0.51 -2.63 7.23
CA LEU A 5 0.19 -2.22 5.88
C LEU A 5 1.41 -2.63 5.07
N ILE A 6 1.27 -3.63 4.21
CA ILE A 6 2.27 -4.01 3.23
C ILE A 6 1.62 -3.86 1.87
N MET A 7 2.40 -3.92 0.79
CA MET A 7 1.89 -4.10 -0.54
C MET A 7 2.43 -5.38 -1.14
N CYS A 8 1.65 -5.93 -2.05
CA CYS A 8 1.73 -7.33 -2.42
C CYS A 8 1.60 -7.48 -3.93
N LYS A 9 2.17 -8.57 -4.43
CA LYS A 9 2.09 -9.01 -5.81
C LYS A 9 0.71 -9.55 -6.19
N ASN A 10 -0.18 -9.69 -5.21
CA ASN A 10 -1.53 -10.23 -5.36
C ASN A 10 -2.31 -9.84 -4.11
N CYS A 11 -3.56 -10.28 -4.02
CA CYS A 11 -4.45 -9.99 -2.91
C CYS A 11 -4.21 -10.92 -1.71
N ASP A 12 -3.19 -11.79 -1.81
CA ASP A 12 -3.03 -12.97 -0.97
C ASP A 12 -1.66 -12.96 -0.31
N PRO A 13 -1.53 -12.39 0.90
CA PRO A 13 -0.23 -12.20 1.52
C PRO A 13 0.46 -13.52 1.83
N ASN A 14 -0.29 -14.62 1.91
CA ASN A 14 0.28 -15.94 2.12
C ASN A 14 1.13 -16.39 0.93
N THR A 15 0.87 -15.84 -0.28
CA THR A 15 1.42 -16.38 -1.51
C THR A 15 1.77 -15.33 -2.56
N GLY A 16 1.83 -14.05 -2.20
CA GLY A 16 2.44 -13.01 -3.00
C GLY A 16 3.72 -12.58 -2.31
N SER A 17 4.80 -12.34 -3.04
CA SER A 17 6.01 -11.84 -2.41
C SER A 17 5.78 -10.36 -2.11
N CYS A 18 5.33 -10.11 -0.90
CA CYS A 18 4.86 -8.81 -0.46
C CYS A 18 6.02 -8.13 0.23
N ASP A 19 6.05 -6.79 0.23
CA ASP A 19 7.09 -6.11 0.94
C ASP A 19 6.63 -5.71 2.33
N TRP A 20 7.17 -6.42 3.30
CA TRP A 20 7.04 -6.21 4.74
C TRP A 20 8.04 -5.16 5.19
N LYS A 21 8.29 -4.17 4.33
CA LYS A 21 9.22 -3.10 4.56
C LYS A 21 8.49 -1.98 5.31
N GLN A 22 9.24 -1.12 5.99
CA GLN A 22 8.71 0.12 6.50
C GLN A 22 8.31 0.95 5.28
N ASN A 23 7.24 1.71 5.41
CA ASN A 23 6.68 2.48 4.30
C ASN A 23 6.08 3.80 4.77
N TRP A 24 6.50 4.27 5.94
CA TRP A 24 5.97 5.43 6.58
C TRP A 24 7.14 6.41 6.62
N ASN A 25 6.88 7.70 6.41
CA ASN A 25 7.92 8.73 6.37
C ASN A 25 8.94 8.49 5.24
N THR A 26 8.56 7.70 4.24
CA THR A 26 9.46 7.22 3.19
C THR A 26 8.68 7.25 1.87
N CYS A 27 9.29 7.78 0.81
CA CYS A 27 8.67 7.86 -0.50
C CYS A 27 8.93 6.55 -1.22
N VAL A 28 8.20 5.50 -0.85
CA VAL A 28 8.55 4.16 -1.26
C VAL A 28 7.98 3.91 -2.66
N GLY A 29 8.71 3.15 -3.46
CA GLY A 29 8.36 2.80 -4.82
C GLY A 29 7.37 1.64 -4.85
N ILE A 30 6.67 1.48 -5.96
CA ILE A 30 5.82 0.34 -6.28
C ILE A 30 6.37 -0.22 -7.58
N GLY A 31 6.52 -1.54 -7.72
CA GLY A 31 7.01 -2.12 -8.96
C GLY A 31 6.60 -3.57 -9.15
N ALA A 32 6.32 -3.91 -10.41
CA ALA A 32 6.27 -5.26 -10.94
C ALA A 32 5.11 -6.10 -10.45
N ASN A 33 3.92 -5.78 -10.96
CA ASN A 33 2.66 -6.46 -10.68
C ASN A 33 2.27 -6.27 -9.22
N VAL A 34 2.98 -5.39 -8.50
CA VAL A 34 2.56 -4.99 -7.18
C VAL A 34 1.42 -4.01 -7.38
N HIS A 35 0.17 -4.49 -7.28
CA HIS A 35 -1.02 -3.68 -7.40
C HIS A 35 -2.02 -4.04 -6.31
N TRP A 36 -1.51 -4.29 -5.11
CA TRP A 36 -2.33 -4.61 -3.96
C TRP A 36 -1.68 -4.02 -2.73
N MET A 37 -2.46 -3.38 -1.87
CA MET A 37 -2.07 -3.01 -0.52
C MET A 37 -2.97 -3.81 0.40
N VAL A 38 -2.39 -4.45 1.41
CA VAL A 38 -3.08 -5.42 2.24
C VAL A 38 -2.85 -5.00 3.68
N THR A 39 -3.91 -4.55 4.36
CA THR A 39 -3.82 -3.93 5.66
C THR A 39 -4.10 -4.97 6.74
N GLY A 40 -3.14 -5.87 6.94
CA GLY A 40 -3.17 -6.72 8.10
C GLY A 40 -4.22 -7.82 7.99
N GLY A 41 -4.18 -8.69 8.98
CA GLY A 41 -5.15 -9.73 9.24
C GLY A 41 -4.93 -10.06 10.70
N SER A 42 -5.23 -9.07 11.55
CA SER A 42 -4.78 -9.01 12.92
C SER A 42 -5.93 -8.48 13.79
N THR A 43 -5.73 -7.30 14.36
CA THR A 43 -6.42 -6.78 15.50
C THR A 43 -6.52 -5.29 15.21
N ASP A 44 -5.36 -4.62 15.31
CA ASP A 44 -5.00 -3.34 14.73
C ASP A 44 -6.01 -2.85 13.70
N GLY A 45 -6.96 -2.03 14.14
CA GLY A 45 -8.23 -1.82 13.45
C GLY A 45 -8.31 -0.44 12.82
N LYS A 46 -7.22 0.33 12.82
CA LYS A 46 -7.18 1.51 11.99
C LYS A 46 -7.13 1.05 10.54
N GLN A 47 -7.98 1.61 9.67
CA GLN A 47 -7.71 1.53 8.26
C GLN A 47 -6.29 2.08 8.05
N GLY A 48 -5.54 1.49 7.13
CA GLY A 48 -4.16 1.88 6.89
C GLY A 48 -4.15 2.65 5.59
N CYS A 49 -3.51 3.80 5.57
CA CYS A 49 -3.73 4.78 4.53
C CYS A 49 -2.40 5.23 3.99
N ALA A 50 -2.40 5.58 2.72
CA ALA A 50 -1.21 6.04 2.02
C ALA A 50 -1.59 7.10 1.01
N THR A 51 -0.77 8.13 0.89
CA THR A 51 -0.83 8.98 -0.29
C THR A 51 0.01 8.26 -1.33
N ILE A 52 -0.64 7.82 -2.40
CA ILE A 52 -0.04 7.11 -3.50
C ILE A 52 0.12 8.15 -4.61
N TRP A 53 1.26 8.16 -5.30
CA TRP A 53 1.56 9.10 -6.35
C TRP A 53 1.81 8.35 -7.65
N GLU A 54 1.66 9.08 -8.75
CA GLU A 54 1.95 8.59 -10.07
C GLU A 54 3.36 8.04 -10.10
N GLY A 55 4.36 8.77 -9.59
CA GLY A 55 5.63 8.10 -9.59
C GLY A 55 6.87 8.76 -9.06
N SER A 56 7.93 7.96 -9.17
CA SER A 56 9.33 8.31 -9.14
C SER A 56 9.67 9.48 -8.21
N GLY A 57 9.82 9.22 -6.91
CA GLY A 57 9.96 10.27 -5.95
C GLY A 57 8.61 10.89 -5.61
N CYS A 58 7.54 10.12 -5.78
CA CYS A 58 6.17 10.49 -5.43
C CYS A 58 5.85 11.91 -5.86
N VAL A 59 5.85 12.08 -7.19
CA VAL A 59 5.43 13.26 -7.90
C VAL A 59 4.38 12.84 -8.92
N GLY A 60 3.80 13.81 -9.62
CA GLY A 60 2.72 13.57 -10.56
C GLY A 60 1.40 13.64 -9.81
N ARG A 61 0.40 12.94 -10.32
CA ARG A 61 -0.91 12.91 -9.70
C ARG A 61 -0.85 12.06 -8.47
N SER A 62 -1.81 12.25 -7.57
CA SER A 62 -1.83 11.46 -6.38
C SER A 62 -3.26 11.18 -5.94
N THR A 63 -3.40 10.27 -4.99
CA THR A 63 -4.67 10.02 -4.32
C THR A 63 -4.31 9.43 -2.96
N THR A 64 -4.97 9.88 -1.89
CA THR A 64 -4.82 9.29 -0.58
C THR A 64 -5.78 8.11 -0.50
N MET A 65 -5.23 6.91 -0.58
CA MET A 65 -5.95 5.68 -0.40
C MET A 65 -6.02 5.43 1.09
N CYS A 66 -7.13 4.87 1.56
CA CYS A 66 -7.19 4.20 2.84
C CYS A 66 -7.70 2.81 2.54
N CYS A 67 -7.22 1.81 3.27
CA CYS A 67 -7.63 0.42 3.13
C CYS A 67 -7.97 -0.12 4.52
N PRO A 68 -9.23 -0.38 4.83
CA PRO A 68 -9.64 -0.93 6.11
C PRO A 68 -8.82 -2.16 6.50
N ALA A 69 -8.58 -2.34 7.79
CA ALA A 69 -7.76 -3.44 8.25
C ALA A 69 -8.52 -4.75 8.14
N ASN A 70 -7.76 -5.84 8.14
CA ASN A 70 -8.29 -7.19 7.95
C ASN A 70 -8.90 -7.25 6.54
N THR A 71 -8.22 -6.62 5.57
CA THR A 71 -8.68 -6.60 4.19
C THR A 71 -7.51 -6.37 3.22
N CYS A 72 -7.75 -6.72 1.97
CA CYS A 72 -6.90 -6.55 0.80
C CYS A 72 -7.56 -5.50 -0.12
N CYS A 73 -6.80 -4.55 -0.65
CA CYS A 73 -7.29 -3.49 -1.53
C CYS A 73 -6.47 -3.46 -2.81
N ASN A 74 -7.12 -3.33 -3.97
CA ASN A 74 -6.45 -3.25 -5.27
C ASN A 74 -5.96 -1.83 -5.57
N ILE A 75 -4.67 -1.69 -5.88
CA ILE A 75 -3.98 -0.46 -6.24
C ILE A 75 -3.98 -0.38 -7.76
N ASN A 76 -5.03 0.21 -8.35
CA ASN A 76 -5.10 0.44 -9.78
C ASN A 76 -6.02 1.64 -9.98
N THR A 77 -5.55 2.79 -9.53
CA THR A 77 -6.31 4.03 -9.58
C THR A 77 -6.37 4.54 -11.02
N GLY A 78 -7.09 5.63 -11.28
CA GLY A 78 -7.27 6.15 -12.62
C GLY A 78 -5.96 6.21 -13.38
N PHE A 79 -4.95 6.81 -12.74
CA PHE A 79 -3.60 6.94 -13.25
C PHE A 79 -2.75 5.77 -12.81
N TYR A 80 -1.64 5.60 -13.52
CA TYR A 80 -0.65 4.58 -13.22
C TYR A 80 0.14 5.03 -12.00
N ILE A 81 0.44 4.11 -11.07
CA ILE A 81 1.02 4.42 -9.78
C ILE A 81 2.43 3.83 -9.69
N ARG A 82 3.40 4.59 -9.19
CA ARG A 82 4.76 4.11 -9.02
C ARG A 82 5.38 4.49 -7.68
N SER A 83 4.90 5.50 -6.94
CA SER A 83 5.39 5.70 -5.57
C SER A 83 4.24 5.91 -4.57
N TYR A 84 4.56 5.98 -3.27
CA TYR A 84 3.61 6.24 -2.20
C TYR A 84 4.34 6.57 -0.89
N ARG A 85 3.58 6.97 0.12
CA ARG A 85 4.04 7.24 1.47
C ARG A 85 2.85 6.90 2.39
N ARG A 86 3.01 6.02 3.39
CA ARG A 86 1.94 5.70 4.34
C ARG A 86 1.67 6.94 5.20
N VAL A 87 0.41 7.27 5.48
CA VAL A 87 0.04 8.51 6.16
C VAL A 87 -0.71 8.27 7.47
N GLU A 88 -1.44 7.17 7.59
CA GLU A 88 -2.13 6.80 8.82
C GLU A 88 -2.23 5.27 8.81
N GLY A 1 -0.18 -7.05 18.42
CA GLY A 1 -0.93 -7.18 17.16
C GLY A 1 -0.70 -5.91 16.34
N ASP A 2 -1.47 -4.87 16.65
CA ASP A 2 -1.43 -3.50 16.13
C ASP A 2 -1.80 -3.48 14.64
N GLY A 3 -1.07 -4.22 13.81
CA GLY A 3 -1.37 -4.45 12.40
C GLY A 3 -0.12 -4.22 11.57
N TYR A 4 -0.28 -4.02 10.26
CA TYR A 4 0.79 -3.62 9.35
C TYR A 4 0.17 -3.13 8.06
N LEU A 5 1.01 -2.52 7.22
CA LEU A 5 0.76 -2.21 5.82
C LEU A 5 1.77 -3.01 5.01
N ILE A 6 1.34 -3.62 3.91
CA ILE A 6 2.25 -4.19 2.91
C ILE A 6 1.63 -4.01 1.54
N MET A 7 2.49 -3.85 0.53
CA MET A 7 2.10 -3.94 -0.86
C MET A 7 2.42 -5.35 -1.30
N CYS A 8 1.53 -5.98 -2.07
CA CYS A 8 1.61 -7.38 -2.41
C CYS A 8 1.47 -7.55 -3.91
N LYS A 9 1.84 -8.74 -4.39
CA LYS A 9 1.69 -9.11 -5.79
C LYS A 9 0.24 -9.41 -6.14
N ASN A 10 -0.53 -9.94 -5.20
CA ASN A 10 -1.90 -10.38 -5.39
C ASN A 10 -2.68 -10.04 -4.13
N CYS A 11 -3.95 -10.41 -4.10
CA CYS A 11 -4.87 -10.10 -3.01
C CYS A 11 -4.74 -11.11 -1.87
N ASP A 12 -3.75 -12.00 -1.94
CA ASP A 12 -3.53 -13.08 -1.00
C ASP A 12 -2.10 -13.05 -0.46
N PRO A 13 -1.86 -12.41 0.69
CA PRO A 13 -0.52 -12.35 1.26
C PRO A 13 0.02 -13.73 1.65
N ASN A 14 -0.82 -14.76 1.72
CA ASN A 14 -0.34 -16.11 1.94
C ASN A 14 0.44 -16.61 0.73
N THR A 15 -0.01 -16.32 -0.48
CA THR A 15 0.65 -16.80 -1.70
C THR A 15 1.13 -15.69 -2.65
N GLY A 16 1.18 -14.45 -2.19
CA GLY A 16 1.91 -13.37 -2.82
C GLY A 16 3.11 -13.06 -1.95
N SER A 17 4.30 -13.02 -2.54
CA SER A 17 5.46 -12.65 -1.75
C SER A 17 5.43 -11.13 -1.64
N CYS A 18 4.85 -10.63 -0.57
CA CYS A 18 4.66 -9.21 -0.37
C CYS A 18 5.98 -8.67 0.15
N ASP A 19 6.24 -7.37 0.00
CA ASP A 19 7.37 -6.73 0.64
C ASP A 19 6.96 -6.05 1.94
N TRP A 20 7.30 -6.75 3.04
CA TRP A 20 7.05 -6.45 4.44
C TRP A 20 8.15 -5.50 4.91
N LYS A 21 8.32 -4.45 4.12
CA LYS A 21 9.46 -3.56 4.17
C LYS A 21 8.92 -2.17 4.55
N GLN A 22 9.82 -1.20 4.72
CA GLN A 22 9.47 0.04 5.39
C GLN A 22 8.40 0.79 4.58
N ASN A 23 7.48 1.44 5.27
CA ASN A 23 6.18 1.94 4.81
C ASN A 23 5.98 3.39 5.21
N TRP A 24 6.58 3.80 6.33
CA TRP A 24 6.38 5.10 6.95
C TRP A 24 7.58 5.96 6.51
N ASN A 25 7.82 7.08 7.19
CA ASN A 25 9.08 7.81 7.20
C ASN A 25 9.23 8.80 6.05
N THR A 26 9.15 8.32 4.80
CA THR A 26 9.28 9.19 3.64
C THR A 26 8.95 8.44 2.36
N CYS A 27 8.57 9.21 1.36
CA CYS A 27 8.38 8.86 -0.05
C CYS A 27 9.33 7.76 -0.54
N VAL A 28 8.75 6.61 -0.94
CA VAL A 28 9.45 5.42 -1.41
C VAL A 28 8.94 5.09 -2.82
N GLY A 29 9.79 4.48 -3.65
CA GLY A 29 9.49 4.03 -4.99
C GLY A 29 8.87 2.64 -5.00
N ILE A 30 7.95 2.37 -5.91
CA ILE A 30 7.19 1.13 -6.03
C ILE A 30 7.22 0.66 -7.49
N GLY A 31 7.01 -0.64 -7.72
CA GLY A 31 6.71 -1.21 -9.02
C GLY A 31 6.77 -2.75 -8.91
N ALA A 32 6.78 -3.41 -10.06
CA ALA A 32 7.15 -4.80 -10.27
C ALA A 32 6.15 -5.82 -9.75
N ASN A 33 5.08 -6.01 -10.52
CA ASN A 33 3.99 -6.96 -10.28
C ASN A 33 3.17 -6.55 -9.06
N VAL A 34 3.47 -5.39 -8.47
CA VAL A 34 2.71 -4.88 -7.33
C VAL A 34 1.45 -4.17 -7.86
N HIS A 35 0.27 -4.70 -7.54
CA HIS A 35 -0.99 -3.94 -7.67
C HIS A 35 -1.98 -4.34 -6.60
N TRP A 36 -1.50 -4.57 -5.39
CA TRP A 36 -2.36 -4.87 -4.26
C TRP A 36 -1.73 -4.24 -3.03
N MET A 37 -2.55 -3.65 -2.18
CA MET A 37 -2.17 -3.19 -0.86
C MET A 37 -3.03 -4.03 0.07
N VAL A 38 -2.42 -4.63 1.08
CA VAL A 38 -3.14 -5.48 2.00
C VAL A 38 -2.79 -5.00 3.41
N THR A 39 -3.81 -4.60 4.16
CA THR A 39 -3.67 -4.06 5.51
C THR A 39 -4.25 -5.07 6.50
N GLY A 40 -3.70 -5.14 7.72
CA GLY A 40 -4.41 -5.78 8.82
C GLY A 40 -3.50 -6.52 9.78
N GLY A 41 -4.04 -7.57 10.38
CA GLY A 41 -3.39 -8.38 11.39
C GLY A 41 -3.57 -7.77 12.77
N SER A 42 -4.75 -7.25 13.12
CA SER A 42 -5.03 -6.78 14.46
C SER A 42 -6.27 -7.50 14.98
N THR A 43 -7.42 -6.96 14.59
CA THR A 43 -8.71 -7.63 14.57
C THR A 43 -9.41 -6.92 13.42
N ASP A 44 -9.83 -5.69 13.71
CA ASP A 44 -10.30 -4.68 12.80
C ASP A 44 -10.07 -3.32 13.46
N GLY A 45 -10.50 -2.25 12.81
CA GLY A 45 -10.72 -0.96 13.43
C GLY A 45 -9.45 -0.14 13.55
N LYS A 46 -8.46 -0.41 12.70
CA LYS A 46 -7.21 0.29 12.60
C LYS A 46 -6.85 0.56 11.14
N GLN A 47 -7.84 1.07 10.44
CA GLN A 47 -7.65 1.59 9.10
C GLN A 47 -6.47 2.57 9.10
N GLY A 48 -5.88 2.74 7.93
CA GLY A 48 -4.97 3.82 7.71
C GLY A 48 -4.94 4.08 6.22
N CYS A 49 -4.14 5.04 5.78
CA CYS A 49 -4.13 5.53 4.43
C CYS A 49 -2.70 5.73 3.96
N ALA A 50 -2.54 5.52 2.66
CA ALA A 50 -1.37 5.85 1.91
C ALA A 50 -1.72 6.99 0.97
N THR A 51 -0.85 7.99 0.89
CA THR A 51 -0.90 8.91 -0.23
C THR A 51 -0.11 8.18 -1.31
N ILE A 52 -0.80 7.70 -2.34
CA ILE A 52 -0.21 7.00 -3.47
C ILE A 52 0.02 8.05 -4.56
N TRP A 53 1.11 7.95 -5.33
CA TRP A 53 1.42 8.83 -6.45
C TRP A 53 1.68 8.07 -7.75
N GLU A 54 1.48 8.80 -8.84
CA GLU A 54 1.79 8.40 -10.21
C GLU A 54 3.30 8.48 -10.47
N GLY A 55 3.91 9.60 -10.09
CA GLY A 55 5.31 9.84 -10.37
C GLY A 55 6.20 8.80 -9.71
N SER A 56 7.43 8.62 -10.19
CA SER A 56 8.32 7.58 -9.70
C SER A 56 9.02 8.00 -8.42
N GLY A 57 8.27 8.40 -7.41
CA GLY A 57 8.75 9.07 -6.23
C GLY A 57 7.97 10.34 -6.05
N CYS A 58 6.73 10.22 -5.58
CA CYS A 58 5.96 11.26 -4.93
C CYS A 58 5.89 12.58 -5.68
N VAL A 59 5.79 12.51 -7.01
CA VAL A 59 5.38 13.61 -7.85
C VAL A 59 4.22 13.11 -8.71
N GLY A 60 3.62 13.98 -9.52
CA GLY A 60 2.54 13.61 -10.42
C GLY A 60 1.21 13.67 -9.67
N ARG A 61 0.21 12.93 -10.14
CA ARG A 61 -1.07 12.82 -9.45
C ARG A 61 -0.84 12.05 -8.16
N SER A 62 -1.68 12.30 -7.16
CA SER A 62 -1.83 11.37 -6.07
C SER A 62 -3.28 11.04 -5.81
N THR A 63 -3.51 10.00 -5.02
CA THR A 63 -4.77 9.79 -4.32
C THR A 63 -4.44 9.42 -2.89
N THR A 64 -5.38 9.64 -1.96
CA THR A 64 -5.23 9.34 -0.56
C THR A 64 -6.03 8.06 -0.29
N MET A 65 -5.43 6.93 -0.62
CA MET A 65 -6.12 5.63 -0.65
C MET A 65 -6.08 5.08 0.78
N CYS A 66 -7.20 4.55 1.27
CA CYS A 66 -7.33 4.13 2.67
C CYS A 66 -7.84 2.71 2.68
N CYS A 67 -7.24 1.85 3.49
CA CYS A 67 -7.51 0.40 3.45
C CYS A 67 -7.66 -0.14 4.88
N PRO A 68 -8.86 -0.62 5.30
CA PRO A 68 -9.08 -1.09 6.65
C PRO A 68 -8.23 -2.30 7.07
N ALA A 69 -8.18 -2.57 8.39
CA ALA A 69 -7.18 -3.42 9.03
C ALA A 69 -7.46 -4.93 8.87
N ASN A 70 -7.64 -5.36 7.63
CA ASN A 70 -8.15 -6.66 7.19
C ASN A 70 -8.71 -6.56 5.77
N THR A 71 -8.42 -5.48 5.04
CA THR A 71 -8.90 -5.30 3.69
C THR A 71 -7.73 -5.55 2.74
N CYS A 72 -8.01 -6.28 1.67
CA CYS A 72 -7.19 -6.29 0.46
C CYS A 72 -7.77 -5.23 -0.48
N CYS A 73 -6.93 -4.31 -0.96
CA CYS A 73 -7.29 -3.20 -1.83
C CYS A 73 -6.48 -3.32 -3.11
N ASN A 74 -7.08 -3.11 -4.29
CA ASN A 74 -6.45 -3.29 -5.59
C ASN A 74 -5.76 -2.02 -6.07
N ILE A 75 -4.44 -2.04 -6.16
CA ILE A 75 -3.63 -0.90 -6.57
C ILE A 75 -3.57 -0.88 -8.10
N ASN A 76 -4.72 -0.63 -8.72
CA ASN A 76 -4.82 -0.23 -10.12
C ASN A 76 -5.73 0.97 -10.15
N THR A 77 -5.24 2.13 -9.71
CA THR A 77 -6.02 3.35 -9.78
C THR A 77 -6.05 3.82 -11.24
N GLY A 78 -6.76 4.90 -11.52
CA GLY A 78 -6.87 5.40 -12.87
C GLY A 78 -5.54 5.95 -13.39
N PHE A 79 -4.73 6.50 -12.49
CA PHE A 79 -3.32 6.74 -12.76
C PHE A 79 -2.55 5.45 -12.59
N TYR A 80 -1.40 5.38 -13.26
CA TYR A 80 -0.51 4.28 -12.97
C TYR A 80 0.14 4.59 -11.63
N ILE A 81 0.64 3.59 -10.94
CA ILE A 81 1.08 3.71 -9.57
C ILE A 81 2.56 3.41 -9.49
N ARG A 82 3.33 4.34 -8.96
CA ARG A 82 4.78 4.22 -8.95
C ARG A 82 5.44 4.62 -7.64
N SER A 83 4.72 5.28 -6.74
CA SER A 83 5.20 5.44 -5.37
C SER A 83 4.02 5.64 -4.42
N TYR A 84 4.27 5.63 -3.11
CA TYR A 84 3.28 5.97 -2.10
C TYR A 84 3.99 6.22 -0.79
N ARG A 85 3.28 6.75 0.21
CA ARG A 85 3.70 6.60 1.59
C ARG A 85 2.54 6.65 2.57
N ARG A 86 2.63 5.87 3.65
CA ARG A 86 1.63 5.83 4.70
C ARG A 86 1.63 7.15 5.45
N VAL A 87 0.44 7.70 5.70
CA VAL A 87 0.25 8.89 6.51
C VAL A 87 -0.50 8.57 7.82
N GLU A 88 -1.38 7.57 7.79
CA GLU A 88 -2.07 7.05 8.95
C GLU A 88 -2.26 5.56 8.71
N GLY A 1 4.87 -7.43 18.27
CA GLY A 1 4.44 -6.56 17.17
C GLY A 1 2.93 -6.41 17.20
N ASP A 2 2.43 -5.35 16.57
CA ASP A 2 1.07 -4.87 16.75
C ASP A 2 0.55 -4.52 15.35
N GLY A 3 0.10 -5.55 14.64
CA GLY A 3 -0.44 -5.47 13.29
C GLY A 3 0.62 -5.11 12.25
N TYR A 4 0.22 -4.87 11.00
CA TYR A 4 1.13 -4.49 9.92
C TYR A 4 0.30 -3.81 8.83
N LEU A 5 0.97 -3.36 7.77
CA LEU A 5 0.35 -2.91 6.53
C LEU A 5 1.37 -2.98 5.40
N ILE A 6 1.16 -3.89 4.44
CA ILE A 6 2.11 -4.18 3.37
C ILE A 6 1.48 -3.94 2.00
N MET A 7 2.34 -3.84 1.00
CA MET A 7 2.00 -3.92 -0.41
C MET A 7 2.24 -5.37 -0.85
N CYS A 8 1.51 -5.84 -1.87
CA CYS A 8 1.66 -7.20 -2.40
C CYS A 8 1.49 -7.18 -3.92
N LYS A 9 1.88 -8.27 -4.57
CA LYS A 9 1.67 -8.47 -6.00
C LYS A 9 0.25 -8.93 -6.32
N ASN A 10 -0.45 -9.50 -5.34
CA ASN A 10 -1.79 -10.03 -5.51
C ASN A 10 -2.43 -10.03 -4.14
N CYS A 11 -3.73 -10.34 -4.08
CA CYS A 11 -4.54 -10.31 -2.86
C CYS A 11 -4.15 -11.39 -1.85
N ASP A 12 -3.11 -12.16 -2.14
CA ASP A 12 -2.65 -13.30 -1.36
C ASP A 12 -1.38 -12.92 -0.57
N PRO A 13 -1.47 -12.60 0.73
CA PRO A 13 -0.31 -12.29 1.55
C PRO A 13 0.54 -13.53 1.83
N ASN A 14 -0.04 -14.73 1.67
CA ASN A 14 0.64 -15.98 1.96
C ASN A 14 1.72 -16.23 0.91
N THR A 15 1.37 -16.10 -0.37
CA THR A 15 2.27 -16.42 -1.48
C THR A 15 2.39 -15.28 -2.48
N GLY A 16 2.00 -14.06 -2.15
CA GLY A 16 2.18 -12.94 -3.06
C GLY A 16 3.65 -12.63 -3.33
N SER A 17 4.53 -12.95 -2.38
CA SER A 17 5.86 -12.37 -2.27
C SER A 17 5.68 -10.85 -2.22
N CYS A 18 5.61 -10.35 -1.00
CA CYS A 18 5.07 -9.06 -0.66
C CYS A 18 6.12 -8.34 0.13
N ASP A 19 6.30 -7.03 -0.06
CA ASP A 19 7.33 -6.33 0.68
C ASP A 19 6.83 -5.91 2.05
N TRP A 20 7.25 -6.66 3.07
CA TRP A 20 7.08 -6.42 4.49
C TRP A 20 8.19 -5.47 4.93
N LYS A 21 8.36 -4.40 4.16
CA LYS A 21 9.29 -3.31 4.39
C LYS A 21 8.56 -2.16 5.07
N GLN A 22 9.31 -1.15 5.49
CA GLN A 22 8.75 0.03 6.11
C GLN A 22 8.22 0.92 4.99
N ASN A 23 7.12 1.61 5.25
CA ASN A 23 6.44 2.47 4.28
C ASN A 23 5.78 3.69 4.93
N TRP A 24 6.32 4.13 6.07
CA TRP A 24 5.78 5.22 6.85
C TRP A 24 6.55 6.50 6.56
N ASN A 25 5.92 7.51 5.97
CA ASN A 25 6.56 8.80 5.77
C ASN A 25 7.94 8.63 5.13
N THR A 26 7.99 7.94 4.00
CA THR A 26 9.20 7.75 3.22
C THR A 26 8.81 7.66 1.76
N CYS A 27 9.58 8.30 0.91
CA CYS A 27 9.48 8.26 -0.53
C CYS A 27 9.83 6.85 -0.99
N VAL A 28 8.84 6.00 -1.28
CA VAL A 28 9.06 4.62 -1.67
C VAL A 28 8.29 4.31 -2.95
N GLY A 29 9.03 3.93 -3.99
CA GLY A 29 8.52 3.46 -5.25
C GLY A 29 7.92 2.06 -5.11
N ILE A 30 6.75 1.88 -5.72
CA ILE A 30 6.08 0.62 -5.95
C ILE A 30 6.68 0.02 -7.24
N GLY A 31 6.54 -1.28 -7.45
CA GLY A 31 6.77 -1.85 -8.77
C GLY A 31 6.59 -3.35 -8.82
N ALA A 32 6.47 -3.85 -10.05
CA ALA A 32 6.56 -5.26 -10.43
C ALA A 32 5.38 -6.10 -9.96
N ASN A 33 4.24 -5.92 -10.64
CA ASN A 33 2.93 -6.52 -10.37
C ASN A 33 2.35 -5.98 -9.06
N VAL A 34 3.02 -5.04 -8.40
CA VAL A 34 2.53 -4.53 -7.13
C VAL A 34 1.40 -3.53 -7.36
N HIS A 35 0.16 -4.00 -7.23
CA HIS A 35 -1.05 -3.21 -7.20
C HIS A 35 -2.03 -3.82 -6.22
N TRP A 36 -1.54 -4.23 -5.05
CA TRP A 36 -2.36 -4.69 -3.96
C TRP A 36 -1.80 -4.14 -2.67
N MET A 37 -2.67 -3.71 -1.78
CA MET A 37 -2.36 -3.45 -0.40
C MET A 37 -3.00 -4.59 0.36
N VAL A 38 -2.30 -5.15 1.34
CA VAL A 38 -2.87 -6.11 2.25
C VAL A 38 -2.55 -5.61 3.64
N THR A 39 -3.59 -5.30 4.40
CA THR A 39 -3.47 -4.67 5.69
C THR A 39 -3.48 -5.74 6.77
N GLY A 40 -3.00 -5.38 7.96
CA GLY A 40 -2.89 -6.27 9.10
C GLY A 40 -3.09 -5.56 10.42
N GLY A 41 -3.82 -4.48 10.36
CA GLY A 41 -4.03 -3.44 11.36
C GLY A 41 -5.01 -3.92 12.43
N SER A 42 -4.78 -5.15 12.87
CA SER A 42 -5.58 -5.87 13.84
C SER A 42 -7.06 -5.80 13.44
N THR A 43 -7.97 -5.82 14.40
CA THR A 43 -9.35 -5.42 14.25
C THR A 43 -9.40 -3.94 14.58
N ASP A 44 -9.13 -3.64 15.85
CA ASP A 44 -9.19 -2.31 16.43
C ASP A 44 -7.84 -1.61 16.19
N GLY A 45 -7.36 -1.59 14.96
CA GLY A 45 -6.20 -0.80 14.56
C GLY A 45 -6.47 0.01 13.29
N LYS A 46 -7.74 0.36 13.11
CA LYS A 46 -8.28 1.24 12.08
C LYS A 46 -7.94 0.92 10.63
N GLN A 47 -8.74 1.49 9.74
CA GLN A 47 -8.33 1.66 8.36
C GLN A 47 -7.14 2.59 8.32
N GLY A 48 -6.21 2.32 7.42
CA GLY A 48 -4.99 3.10 7.25
C GLY A 48 -5.00 3.74 5.87
N CYS A 49 -4.27 4.84 5.61
CA CYS A 49 -4.36 5.42 4.29
C CYS A 49 -2.99 5.85 3.86
N ALA A 50 -2.78 5.84 2.55
CA ALA A 50 -1.57 6.30 1.92
C ALA A 50 -1.94 7.29 0.84
N THR A 51 -1.15 8.34 0.72
CA THR A 51 -1.14 9.08 -0.53
C THR A 51 -0.18 8.36 -1.46
N ILE A 52 -0.71 7.91 -2.59
CA ILE A 52 -0.02 7.24 -3.66
C ILE A 52 0.29 8.31 -4.71
N TRP A 53 1.41 8.19 -5.43
CA TRP A 53 1.90 9.13 -6.43
C TRP A 53 2.14 8.44 -7.76
N GLU A 54 2.14 9.26 -8.82
CA GLU A 54 2.33 8.85 -10.19
C GLU A 54 3.81 8.95 -10.60
N GLY A 55 4.55 9.93 -10.10
CA GLY A 55 5.97 10.01 -10.40
C GLY A 55 6.71 8.82 -9.80
N SER A 56 7.65 8.25 -10.55
CA SER A 56 8.47 7.11 -10.13
C SER A 56 9.46 7.55 -9.04
N GLY A 57 8.97 7.74 -7.83
CA GLY A 57 9.71 8.14 -6.64
C GLY A 57 8.70 8.46 -5.55
N CYS A 58 7.90 9.52 -5.77
CA CYS A 58 6.86 10.10 -4.92
C CYS A 58 6.62 11.57 -5.29
N VAL A 59 6.59 11.89 -6.57
CA VAL A 59 6.33 13.21 -7.10
C VAL A 59 5.18 13.11 -8.10
N GLY A 60 4.72 14.23 -8.65
CA GLY A 60 3.69 14.22 -9.66
C GLY A 60 2.29 14.16 -9.03
N ARG A 61 1.35 13.57 -9.77
CA ARG A 61 -0.05 13.50 -9.42
C ARG A 61 -0.22 12.43 -8.36
N SER A 62 -1.24 12.57 -7.51
CA SER A 62 -1.32 11.76 -6.32
C SER A 62 -2.74 11.56 -5.86
N THR A 63 -3.02 10.44 -5.19
CA THR A 63 -4.37 10.16 -4.68
C THR A 63 -4.27 9.42 -3.35
N THR A 64 -5.12 9.77 -2.39
CA THR A 64 -5.15 9.14 -1.09
C THR A 64 -6.00 7.88 -1.13
N MET A 65 -5.36 6.72 -1.23
CA MET A 65 -6.01 5.42 -1.17
C MET A 65 -6.07 5.01 0.31
N CYS A 66 -7.26 4.71 0.82
CA CYS A 66 -7.46 4.22 2.17
C CYS A 66 -7.89 2.76 2.09
N CYS A 67 -7.37 1.91 2.98
CA CYS A 67 -7.74 0.50 3.05
C CYS A 67 -8.03 0.12 4.51
N PRO A 68 -9.10 -0.64 4.82
CA PRO A 68 -9.42 -1.07 6.17
C PRO A 68 -8.32 -1.82 6.88
N ALA A 69 -8.60 -2.22 8.10
CA ALA A 69 -7.77 -3.18 8.82
C ALA A 69 -8.02 -4.58 8.25
N ASN A 70 -7.03 -5.47 8.40
CA ASN A 70 -7.08 -6.90 8.04
C ASN A 70 -7.93 -7.21 6.81
N THR A 71 -7.57 -6.59 5.70
CA THR A 71 -8.16 -6.88 4.41
C THR A 71 -7.19 -6.52 3.28
N CYS A 72 -7.52 -7.02 2.10
CA CYS A 72 -6.87 -6.80 0.83
C CYS A 72 -7.62 -5.74 0.05
N CYS A 73 -6.91 -4.84 -0.63
CA CYS A 73 -7.45 -3.79 -1.49
C CYS A 73 -6.66 -3.84 -2.80
N ASN A 74 -7.33 -3.74 -3.95
CA ASN A 74 -6.65 -3.68 -5.26
C ASN A 74 -6.26 -2.25 -5.60
N ILE A 75 -4.97 -1.95 -5.70
CA ILE A 75 -4.44 -0.62 -5.90
C ILE A 75 -4.38 -0.34 -7.40
N ASN A 76 -5.55 -0.12 -8.02
CA ASN A 76 -5.65 0.59 -9.28
C ASN A 76 -6.31 1.92 -8.99
N THR A 77 -6.06 2.97 -9.76
CA THR A 77 -6.62 4.29 -9.53
C THR A 77 -6.90 4.95 -10.89
N GLY A 78 -7.04 6.28 -10.92
CA GLY A 78 -7.23 7.03 -12.15
C GLY A 78 -5.97 7.13 -13.01
N PHE A 79 -4.80 6.83 -12.45
CA PHE A 79 -3.54 6.73 -13.18
C PHE A 79 -2.80 5.51 -12.71
N TYR A 80 -1.81 5.09 -13.49
CA TYR A 80 -0.97 3.99 -13.09
C TYR A 80 -0.11 4.46 -11.92
N ILE A 81 -0.02 3.65 -10.88
CA ILE A 81 0.42 4.06 -9.56
C ILE A 81 1.86 3.60 -9.34
N ARG A 82 2.73 4.51 -8.91
CA ARG A 82 4.17 4.31 -9.00
C ARG A 82 4.89 4.44 -7.68
N SER A 83 4.39 5.21 -6.73
CA SER A 83 5.02 5.34 -5.41
C SER A 83 3.97 5.60 -4.35
N TYR A 84 4.31 5.54 -3.05
CA TYR A 84 3.39 6.01 -2.01
C TYR A 84 4.10 6.37 -0.71
N ARG A 85 3.38 7.12 0.15
CA ARG A 85 3.66 7.29 1.57
C ARG A 85 2.40 6.92 2.34
N ARG A 86 2.48 6.04 3.35
CA ARG A 86 1.41 5.97 4.33
C ARG A 86 1.29 7.35 4.97
N VAL A 87 0.05 7.83 5.09
CA VAL A 87 -0.25 9.17 5.48
C VAL A 87 -0.78 9.04 6.90
N GLU A 88 -1.73 8.13 7.03
CA GLU A 88 -2.24 7.40 8.14
C GLU A 88 -3.72 7.12 7.99
N GLY A 1 1.30 -1.91 16.38
CA GLY A 1 0.05 -2.12 15.64
C GLY A 1 -0.53 -3.52 15.78
N ASP A 2 0.32 -4.54 15.82
CA ASP A 2 -0.07 -5.91 15.52
C ASP A 2 -0.32 -6.10 14.03
N GLY A 3 -1.33 -5.42 13.48
CA GLY A 3 -1.38 -5.16 12.06
C GLY A 3 -0.18 -4.34 11.60
N TYR A 4 -0.24 -3.84 10.37
CA TYR A 4 0.88 -3.33 9.60
C TYR A 4 0.29 -2.80 8.31
N LEU A 5 1.13 -2.32 7.41
CA LEU A 5 0.74 -1.97 6.05
C LEU A 5 1.86 -2.43 5.12
N ILE A 6 1.51 -3.13 4.04
CA ILE A 6 2.46 -3.70 3.10
C ILE A 6 1.85 -3.69 1.70
N MET A 7 2.69 -3.51 0.68
CA MET A 7 2.31 -3.73 -0.71
C MET A 7 2.71 -5.14 -1.14
N CYS A 8 1.86 -5.76 -1.95
CA CYS A 8 1.99 -7.16 -2.34
C CYS A 8 1.74 -7.26 -3.84
N LYS A 9 2.33 -8.27 -4.48
CA LYS A 9 2.22 -8.39 -5.92
C LYS A 9 0.88 -8.97 -6.36
N ASN A 10 0.15 -9.61 -5.45
CA ASN A 10 -1.23 -10.03 -5.65
C ASN A 10 -2.00 -9.87 -4.34
N CYS A 11 -3.20 -10.44 -4.26
CA CYS A 11 -4.10 -10.27 -3.12
C CYS A 11 -3.90 -11.35 -2.05
N ASP A 12 -2.91 -12.22 -2.22
CA ASP A 12 -2.60 -13.30 -1.29
C ASP A 12 -1.34 -12.94 -0.50
N PRO A 13 -1.45 -12.58 0.79
CA PRO A 13 -0.27 -12.27 1.57
C PRO A 13 0.67 -13.48 1.69
N ASN A 14 0.14 -14.70 1.55
CA ASN A 14 0.91 -15.92 1.74
C ASN A 14 1.90 -16.10 0.60
N THR A 15 1.39 -16.28 -0.63
CA THR A 15 2.25 -16.59 -1.77
C THR A 15 2.34 -15.44 -2.78
N GLY A 16 1.91 -14.25 -2.40
CA GLY A 16 1.92 -13.12 -3.29
C GLY A 16 3.32 -12.56 -3.47
N SER A 17 4.12 -12.70 -2.43
CA SER A 17 5.31 -11.90 -2.20
C SER A 17 4.84 -10.48 -1.84
N CYS A 18 5.05 -10.10 -0.59
CA CYS A 18 4.75 -8.81 -0.05
C CYS A 18 6.04 -8.24 0.50
N ASP A 19 6.27 -6.94 0.43
CA ASP A 19 7.37 -6.32 1.13
C ASP A 19 6.91 -5.75 2.46
N TRP A 20 7.31 -6.43 3.54
CA TRP A 20 7.13 -6.08 4.93
C TRP A 20 8.23 -5.11 5.31
N LYS A 21 8.44 -4.09 4.48
CA LYS A 21 9.38 -3.02 4.74
C LYS A 21 8.64 -1.88 5.42
N GLN A 22 9.36 -1.08 6.20
CA GLN A 22 8.77 0.09 6.78
C GLN A 22 8.45 1.04 5.61
N ASN A 23 7.33 1.73 5.73
CA ASN A 23 6.75 2.54 4.66
C ASN A 23 6.02 3.78 5.21
N TRP A 24 6.34 4.16 6.43
CA TRP A 24 5.60 5.09 7.21
C TRP A 24 6.25 6.47 7.01
N ASN A 25 5.45 7.48 6.67
CA ASN A 25 5.90 8.87 6.60
C ASN A 25 7.13 8.97 5.70
N THR A 26 7.11 8.30 4.55
CA THR A 26 8.30 8.17 3.72
C THR A 26 7.93 7.82 2.29
N CYS A 27 8.88 8.01 1.39
CA CYS A 27 8.73 8.02 -0.05
C CYS A 27 9.00 6.63 -0.62
N VAL A 28 7.97 5.81 -0.86
CA VAL A 28 8.13 4.42 -1.24
C VAL A 28 7.68 4.18 -2.68
N GLY A 29 8.63 4.02 -3.60
CA GLY A 29 8.35 3.54 -4.93
C GLY A 29 7.81 2.11 -4.87
N ILE A 30 6.67 1.90 -5.52
CA ILE A 30 6.08 0.62 -5.85
C ILE A 30 6.74 0.17 -7.16
N GLY A 31 6.76 -1.12 -7.47
CA GLY A 31 7.19 -1.58 -8.77
C GLY A 31 6.74 -3.02 -8.98
N ALA A 32 7.29 -3.67 -10.00
CA ALA A 32 7.00 -5.04 -10.41
C ALA A 32 5.59 -5.55 -10.26
N ASN A 33 4.71 -5.09 -11.15
CA ASN A 33 3.30 -5.48 -11.22
C ASN A 33 2.62 -5.44 -9.85
N VAL A 34 3.17 -4.66 -8.92
CA VAL A 34 2.47 -4.47 -7.64
C VAL A 34 1.28 -3.55 -7.88
N HIS A 35 0.08 -4.08 -7.61
CA HIS A 35 -1.15 -3.30 -7.59
C HIS A 35 -2.10 -3.81 -6.52
N TRP A 36 -1.54 -4.23 -5.38
CA TRP A 36 -2.30 -4.70 -4.24
C TRP A 36 -1.61 -4.22 -2.98
N MET A 37 -2.39 -3.69 -2.03
CA MET A 37 -1.96 -3.46 -0.66
C MET A 37 -2.79 -4.40 0.20
N VAL A 38 -2.15 -5.20 1.05
CA VAL A 38 -2.87 -6.18 1.88
C VAL A 38 -2.54 -5.90 3.34
N THR A 39 -3.34 -5.07 3.99
CA THR A 39 -2.93 -4.37 5.20
C THR A 39 -3.62 -4.93 6.43
N GLY A 40 -2.97 -4.74 7.58
CA GLY A 40 -3.36 -5.26 8.88
C GLY A 40 -3.77 -6.72 8.83
N GLY A 41 -4.64 -7.13 9.76
CA GLY A 41 -5.02 -8.52 9.87
C GLY A 41 -5.14 -8.97 11.32
N SER A 42 -5.15 -8.04 12.28
CA SER A 42 -5.04 -8.41 13.68
C SER A 42 -5.82 -7.43 14.54
N THR A 43 -7.07 -7.77 14.81
CA THR A 43 -8.03 -7.00 15.59
C THR A 43 -8.22 -5.57 15.05
N ASP A 44 -7.39 -5.09 14.12
CA ASP A 44 -7.34 -3.74 13.65
C ASP A 44 -8.45 -3.55 12.65
N GLY A 45 -9.61 -3.23 13.17
CA GLY A 45 -10.62 -2.59 12.35
C GLY A 45 -10.32 -1.09 12.21
N LYS A 46 -9.24 -0.60 12.83
CA LYS A 46 -8.74 0.74 12.59
C LYS A 46 -7.87 0.72 11.32
N GLN A 47 -8.42 1.26 10.23
CA GLN A 47 -7.81 1.30 8.92
C GLN A 47 -6.44 2.00 8.92
N GLY A 48 -5.73 1.89 7.81
CA GLY A 48 -4.53 2.66 7.53
C GLY A 48 -4.68 3.27 6.15
N CYS A 49 -3.94 4.34 5.86
CA CYS A 49 -4.13 5.08 4.64
C CYS A 49 -2.79 5.55 4.14
N ALA A 50 -2.72 5.79 2.84
CA ALA A 50 -1.51 6.24 2.19
C ALA A 50 -1.86 7.27 1.13
N THR A 51 -0.94 8.22 0.92
CA THR A 51 -0.94 9.03 -0.26
C THR A 51 -0.21 8.22 -1.32
N ILE A 52 -0.62 8.31 -2.58
CA ILE A 52 -0.14 7.49 -3.68
C ILE A 52 0.32 8.43 -4.81
N TRP A 53 1.28 8.03 -5.66
CA TRP A 53 1.79 8.85 -6.76
C TRP A 53 1.90 8.07 -8.07
N GLU A 54 1.75 8.80 -9.19
CA GLU A 54 2.11 8.35 -10.52
C GLU A 54 3.63 8.22 -10.61
N GLY A 55 4.37 9.27 -10.27
CA GLY A 55 5.79 9.31 -10.55
C GLY A 55 6.55 8.35 -9.65
N SER A 56 7.30 7.48 -10.28
CA SER A 56 7.89 6.23 -9.81
C SER A 56 9.00 6.45 -8.77
N GLY A 57 8.62 6.96 -7.59
CA GLY A 57 9.44 7.14 -6.41
C GLY A 57 8.57 7.75 -5.32
N CYS A 58 7.94 8.89 -5.66
CA CYS A 58 6.85 9.60 -5.00
C CYS A 58 6.79 11.03 -5.55
N VAL A 59 6.79 11.14 -6.88
CA VAL A 59 6.77 12.39 -7.62
C VAL A 59 5.60 12.35 -8.59
N GLY A 60 5.36 13.41 -9.34
CA GLY A 60 4.27 13.42 -10.31
C GLY A 60 2.93 13.52 -9.59
N ARG A 61 1.85 13.09 -10.24
CA ARG A 61 0.49 13.40 -9.79
C ARG A 61 0.09 12.41 -8.73
N SER A 62 -0.46 12.90 -7.61
CA SER A 62 -0.79 12.04 -6.50
C SER A 62 -2.28 11.93 -6.26
N THR A 63 -2.67 10.85 -5.61
CA THR A 63 -4.00 10.54 -5.14
C THR A 63 -3.87 10.09 -3.69
N THR A 64 -4.98 9.71 -3.06
CA THR A 64 -5.00 9.30 -1.66
C THR A 64 -5.85 8.03 -1.59
N MET A 65 -5.41 7.04 -0.84
CA MET A 65 -6.06 5.73 -0.78
C MET A 65 -6.01 5.18 0.65
N CYS A 66 -7.18 5.03 1.26
CA CYS A 66 -7.36 4.40 2.56
C CYS A 66 -7.76 2.95 2.36
N CYS A 67 -7.27 2.07 3.23
CA CYS A 67 -7.48 0.63 3.18
C CYS A 67 -7.65 0.07 4.60
N PRO A 68 -8.76 -0.63 4.90
CA PRO A 68 -8.94 -1.27 6.19
C PRO A 68 -7.79 -2.22 6.50
N ALA A 69 -7.42 -2.32 7.78
CA ALA A 69 -6.65 -3.44 8.27
C ALA A 69 -7.61 -4.61 8.30
N ASN A 70 -7.13 -5.79 7.92
CA ASN A 70 -7.96 -6.97 7.70
C ASN A 70 -8.72 -6.77 6.38
N THR A 71 -8.04 -6.30 5.33
CA THR A 71 -8.58 -6.24 3.98
C THR A 71 -7.42 -6.28 2.99
N CYS A 72 -7.68 -6.94 1.86
CA CYS A 72 -6.90 -6.86 0.64
C CYS A 72 -7.49 -5.75 -0.23
N CYS A 73 -6.68 -4.78 -0.64
CA CYS A 73 -7.09 -3.61 -1.41
C CYS A 73 -6.42 -3.63 -2.77
N ASN A 74 -7.18 -3.33 -3.81
CA ASN A 74 -6.71 -3.37 -5.20
C ASN A 74 -6.32 -1.97 -5.66
N ILE A 75 -5.03 -1.75 -5.86
CA ILE A 75 -4.46 -0.44 -6.06
C ILE A 75 -4.64 -0.04 -7.54
N ASN A 76 -5.69 0.72 -7.81
CA ASN A 76 -5.88 1.48 -9.03
C ASN A 76 -6.53 2.79 -8.61
N THR A 77 -6.40 3.82 -9.44
CA THR A 77 -7.17 5.04 -9.33
C THR A 77 -7.68 5.34 -10.75
N GLY A 78 -7.88 6.61 -11.10
CA GLY A 78 -8.03 7.00 -12.48
C GLY A 78 -6.79 6.63 -13.30
N PHE A 79 -5.61 6.59 -12.66
CA PHE A 79 -4.36 6.24 -13.28
C PHE A 79 -3.68 5.12 -12.51
N TYR A 80 -2.70 4.52 -13.17
CA TYR A 80 -1.87 3.51 -12.58
C TYR A 80 -0.81 4.21 -11.72
N ILE A 81 -0.55 3.69 -10.53
CA ILE A 81 0.26 4.33 -9.53
C ILE A 81 1.54 3.53 -9.30
N ARG A 82 2.63 4.22 -8.95
CA ARG A 82 3.97 3.67 -8.90
C ARG A 82 4.73 4.07 -7.66
N SER A 83 4.13 4.91 -6.82
CA SER A 83 4.61 5.10 -5.45
C SER A 83 3.52 5.24 -4.41
N TYR A 84 3.88 5.10 -3.13
CA TYR A 84 3.04 5.47 -2.01
C TYR A 84 3.86 6.02 -0.85
N ARG A 85 3.14 6.54 0.14
CA ARG A 85 3.62 6.92 1.46
C ARG A 85 2.46 6.69 2.42
N ARG A 86 2.64 5.89 3.47
CA ARG A 86 1.60 5.77 4.49
C ARG A 86 1.51 7.09 5.28
N VAL A 87 0.28 7.52 5.57
CA VAL A 87 -0.01 8.72 6.35
C VAL A 87 -0.48 8.33 7.76
N GLU A 88 -1.32 7.31 7.88
CA GLU A 88 -1.89 6.86 9.13
C GLU A 88 -1.94 5.33 9.04
N GLY A 1 -3.21 -11.88 12.97
CA GLY A 1 -2.17 -11.85 14.00
C GLY A 1 -1.32 -10.61 13.86
N ASP A 2 -0.97 -10.29 12.63
CA ASP A 2 -0.07 -9.21 12.28
C ASP A 2 -0.82 -8.19 11.43
N GLY A 3 -1.51 -7.27 12.06
CA GLY A 3 -1.90 -6.05 11.37
C GLY A 3 -0.65 -5.31 10.93
N TYR A 4 -0.70 -4.72 9.74
CA TYR A 4 0.37 -3.98 9.11
C TYR A 4 -0.22 -3.25 7.91
N LEU A 5 0.62 -2.60 7.12
CA LEU A 5 0.19 -1.98 5.89
C LEU A 5 1.31 -2.21 4.87
N ILE A 6 1.09 -3.15 3.96
CA ILE A 6 1.98 -3.51 2.86
C ILE A 6 1.10 -3.65 1.63
N MET A 7 1.68 -3.60 0.43
CA MET A 7 1.00 -3.94 -0.79
C MET A 7 1.77 -4.98 -1.57
N CYS A 8 1.03 -5.72 -2.37
CA CYS A 8 1.41 -6.98 -2.95
C CYS A 8 0.99 -6.94 -4.40
N LYS A 9 1.46 -7.94 -5.12
CA LYS A 9 0.96 -8.25 -6.45
C LYS A 9 -0.34 -9.02 -6.50
N ASN A 10 -0.64 -9.75 -5.45
CA ASN A 10 -1.94 -10.41 -5.30
C ASN A 10 -2.49 -10.33 -3.89
N CYS A 11 -3.63 -10.97 -3.69
CA CYS A 11 -4.40 -10.83 -2.46
C CYS A 11 -3.88 -11.75 -1.36
N ASP A 12 -2.79 -12.48 -1.62
CA ASP A 12 -2.22 -13.45 -0.70
C ASP A 12 -0.84 -12.95 -0.23
N PRO A 13 -0.64 -12.62 1.05
CA PRO A 13 0.68 -12.21 1.52
C PRO A 13 1.67 -13.37 1.42
N ASN A 14 1.20 -14.56 1.76
CA ASN A 14 1.98 -15.75 2.05
C ASN A 14 2.65 -16.29 0.79
N THR A 15 1.99 -16.16 -0.37
CA THR A 15 2.56 -16.58 -1.65
C THR A 15 2.32 -15.55 -2.76
N GLY A 16 1.95 -14.32 -2.43
CA GLY A 16 1.90 -13.22 -3.40
C GLY A 16 3.26 -12.55 -3.51
N SER A 17 3.86 -12.26 -2.35
CA SER A 17 5.01 -11.38 -2.20
C SER A 17 4.52 -9.93 -2.16
N CYS A 18 4.88 -9.22 -1.09
CA CYS A 18 4.49 -7.84 -0.80
C CYS A 18 5.72 -6.98 -0.56
N ASP A 19 5.55 -5.66 -0.47
CA ASP A 19 6.56 -4.75 0.06
C ASP A 19 6.45 -4.53 1.57
N TRP A 20 7.22 -5.32 2.30
CA TRP A 20 7.43 -5.16 3.73
C TRP A 20 8.55 -4.12 3.95
N LYS A 21 8.46 -3.01 3.21
CA LYS A 21 9.43 -1.92 3.20
C LYS A 21 9.12 -0.95 4.35
N GLN A 22 10.07 -0.08 4.68
CA GLN A 22 9.72 1.09 5.45
C GLN A 22 8.96 1.99 4.48
N ASN A 23 7.95 2.68 5.00
CA ASN A 23 6.96 3.37 4.19
C ASN A 23 6.70 4.72 4.83
N TRP A 24 6.56 4.72 6.15
CA TRP A 24 6.39 5.90 6.98
C TRP A 24 7.42 6.96 6.60
N ASN A 25 6.95 8.07 6.05
CA ASN A 25 7.75 9.24 5.70
C ASN A 25 8.91 8.92 4.78
N THR A 26 8.87 7.78 4.08
CA THR A 26 9.96 7.30 3.24
C THR A 26 9.39 7.36 1.82
N CYS A 27 10.13 7.00 0.78
CA CYS A 27 9.73 7.30 -0.58
C CYS A 27 10.24 6.22 -1.52
N VAL A 28 9.59 5.06 -1.48
CA VAL A 28 10.07 3.82 -2.09
C VAL A 28 9.69 3.83 -3.58
N GLY A 29 10.31 2.97 -4.39
CA GLY A 29 9.84 2.61 -5.71
C GLY A 29 9.20 1.23 -5.70
N ILE A 30 7.91 1.23 -6.00
CA ILE A 30 7.02 0.08 -5.97
C ILE A 30 7.02 -0.52 -7.37
N GLY A 31 6.75 -1.82 -7.50
CA GLY A 31 6.46 -2.40 -8.79
C GLY A 31 6.46 -3.92 -8.74
N ALA A 32 6.50 -4.50 -9.93
CA ALA A 32 6.46 -5.93 -10.21
C ALA A 32 5.10 -6.56 -9.96
N ASN A 33 4.16 -6.25 -10.85
CA ASN A 33 2.78 -6.71 -10.82
C ASN A 33 2.07 -6.24 -9.55
N VAL A 34 2.68 -5.31 -8.79
CA VAL A 34 2.11 -4.92 -7.50
C VAL A 34 0.88 -4.04 -7.74
N HIS A 35 -0.32 -4.57 -7.47
CA HIS A 35 -1.54 -3.78 -7.46
C HIS A 35 -2.56 -4.25 -6.42
N TRP A 36 -2.14 -4.75 -5.26
CA TRP A 36 -3.07 -5.15 -4.19
C TRP A 36 -2.55 -4.77 -2.81
N MET A 37 -3.23 -3.86 -2.13
CA MET A 37 -2.85 -3.48 -0.78
C MET A 37 -3.46 -4.47 0.18
N VAL A 38 -2.73 -4.89 1.21
CA VAL A 38 -3.18 -5.90 2.16
C VAL A 38 -2.91 -5.37 3.57
N THR A 39 -3.95 -4.88 4.24
CA THR A 39 -3.74 -3.96 5.36
C THR A 39 -3.72 -4.71 6.69
N GLY A 40 -2.93 -5.78 6.78
CA GLY A 40 -2.94 -6.70 7.91
C GLY A 40 -3.53 -8.04 7.50
N GLY A 41 -4.07 -8.78 8.46
CA GLY A 41 -4.64 -10.10 8.26
C GLY A 41 -5.58 -10.49 9.39
N SER A 42 -5.23 -10.14 10.64
CA SER A 42 -5.96 -10.35 11.87
C SER A 42 -7.48 -10.52 11.74
N THR A 43 -8.25 -9.45 11.85
CA THR A 43 -9.71 -9.52 11.87
C THR A 43 -10.22 -8.16 11.39
N ASP A 44 -10.44 -7.20 12.29
CA ASP A 44 -10.54 -5.79 12.01
C ASP A 44 -9.46 -5.22 12.92
N GLY A 45 -9.24 -3.90 12.91
CA GLY A 45 -8.60 -3.23 14.02
C GLY A 45 -8.99 -1.78 13.90
N LYS A 46 -8.37 -1.12 12.95
CA LYS A 46 -8.50 0.28 12.59
C LYS A 46 -7.88 0.44 11.19
N GLN A 47 -8.42 1.34 10.36
CA GLN A 47 -8.04 1.46 8.97
C GLN A 47 -6.56 1.78 8.78
N GLY A 48 -6.07 1.60 7.56
CA GLY A 48 -4.77 2.02 7.11
C GLY A 48 -4.96 2.93 5.91
N CYS A 49 -4.28 4.07 5.90
CA CYS A 49 -4.42 5.07 4.87
C CYS A 49 -3.01 5.47 4.48
N ALA A 50 -2.90 5.83 3.22
CA ALA A 50 -1.65 6.16 2.59
C ALA A 50 -1.95 7.06 1.41
N THR A 51 -1.10 8.06 1.22
CA THR A 51 -1.10 8.83 -0.01
C THR A 51 -0.18 8.08 -0.98
N ILE A 52 -0.74 7.62 -2.09
CA ILE A 52 -0.03 6.94 -3.14
C ILE A 52 0.23 7.97 -4.23
N TRP A 53 1.32 7.82 -4.98
CA TRP A 53 1.76 8.73 -6.03
C TRP A 53 2.10 7.98 -7.32
N GLU A 54 2.10 8.75 -8.41
CA GLU A 54 2.37 8.33 -9.77
C GLU A 54 3.85 8.44 -10.10
N GLY A 55 4.55 9.44 -9.57
CA GLY A 55 5.96 9.63 -9.84
C GLY A 55 6.75 8.53 -9.15
N SER A 56 7.83 8.06 -9.77
CA SER A 56 8.77 7.14 -9.15
C SER A 56 9.64 7.92 -8.17
N GLY A 57 9.04 8.49 -7.14
CA GLY A 57 9.70 9.37 -6.20
C GLY A 57 8.70 10.21 -5.42
N CYS A 58 7.52 9.64 -5.13
CA CYS A 58 6.44 10.28 -4.38
C CYS A 58 6.19 11.72 -4.85
N VAL A 59 6.21 11.93 -6.17
CA VAL A 59 5.87 13.16 -6.86
C VAL A 59 4.81 12.82 -7.90
N GLY A 60 4.28 13.81 -8.62
CA GLY A 60 3.34 13.55 -9.70
C GLY A 60 1.94 13.41 -9.14
N ARG A 61 1.07 12.72 -9.87
CA ARG A 61 -0.33 12.61 -9.48
C ARG A 61 -0.41 11.74 -8.26
N SER A 62 -1.44 11.94 -7.44
CA SER A 62 -1.57 11.16 -6.24
C SER A 62 -3.04 10.96 -5.85
N THR A 63 -3.25 10.07 -4.88
CA THR A 63 -4.56 9.88 -4.27
C THR A 63 -4.33 9.30 -2.86
N THR A 64 -5.21 9.58 -1.90
CA THR A 64 -5.21 8.94 -0.61
C THR A 64 -6.01 7.64 -0.71
N MET A 65 -5.35 6.50 -0.71
CA MET A 65 -5.97 5.19 -0.78
C MET A 65 -6.22 4.70 0.65
N CYS A 66 -7.33 5.10 1.26
CA CYS A 66 -7.69 4.59 2.58
C CYS A 66 -8.43 3.27 2.40
N CYS A 67 -8.12 2.30 3.25
CA CYS A 67 -8.76 0.99 3.28
C CYS A 67 -8.88 0.50 4.73
N PRO A 68 -9.96 -0.18 5.15
CA PRO A 68 -10.09 -0.67 6.53
C PRO A 68 -9.03 -1.72 6.84
N ALA A 69 -9.02 -2.18 8.08
CA ALA A 69 -7.98 -3.07 8.57
C ALA A 69 -8.15 -4.45 7.99
N ASN A 70 -7.03 -5.15 7.81
CA ASN A 70 -6.97 -6.55 7.43
C ASN A 70 -7.84 -6.80 6.22
N THR A 71 -7.84 -5.86 5.29
CA THR A 71 -8.66 -5.86 4.09
C THR A 71 -7.69 -5.95 2.91
N CYS A 72 -8.03 -6.78 1.93
CA CYS A 72 -7.28 -6.92 0.69
C CYS A 72 -7.97 -6.07 -0.37
N CYS A 73 -7.29 -5.02 -0.84
CA CYS A 73 -7.82 -3.89 -1.58
C CYS A 73 -7.09 -3.82 -2.92
N ASN A 74 -7.74 -4.19 -4.03
CA ASN A 74 -7.15 -4.05 -5.35
C ASN A 74 -6.95 -2.58 -5.69
N ILE A 75 -5.79 -2.29 -6.24
CA ILE A 75 -5.33 -0.98 -6.61
C ILE A 75 -5.52 -0.89 -8.12
N ASN A 76 -6.36 0.02 -8.59
CA ASN A 76 -6.48 0.30 -10.02
C ASN A 76 -6.84 1.77 -10.19
N THR A 77 -5.91 2.64 -9.79
CA THR A 77 -6.09 4.07 -9.85
C THR A 77 -5.99 4.53 -11.31
N GLY A 78 -6.49 5.73 -11.58
CA GLY A 78 -6.40 6.32 -12.92
C GLY A 78 -4.95 6.35 -13.39
N PHE A 79 -4.06 6.92 -12.57
CA PHE A 79 -2.63 6.92 -12.84
C PHE A 79 -2.01 5.59 -12.45
N TYR A 80 -0.86 5.33 -13.07
CA TYR A 80 -0.08 4.16 -12.76
C TYR A 80 0.64 4.42 -11.44
N ILE A 81 0.63 3.44 -10.53
CA ILE A 81 1.06 3.63 -9.16
C ILE A 81 2.55 3.27 -9.06
N ARG A 82 3.35 4.12 -8.41
CA ARG A 82 4.81 3.95 -8.39
C ARG A 82 5.43 4.16 -7.01
N SER A 83 4.82 4.98 -6.17
CA SER A 83 5.34 5.17 -4.82
C SER A 83 4.24 5.55 -3.83
N TYR A 84 4.53 5.60 -2.53
CA TYR A 84 3.55 6.02 -1.53
C TYR A 84 4.22 6.55 -0.27
N ARG A 85 3.44 7.15 0.62
CA ARG A 85 3.72 7.35 2.03
C ARG A 85 2.45 7.10 2.84
N ARG A 86 2.60 6.60 4.06
CA ARG A 86 1.50 6.40 4.99
C ARG A 86 0.88 7.73 5.39
N VAL A 87 -0.34 7.72 5.95
CA VAL A 87 -0.81 8.86 6.75
C VAL A 87 -1.33 8.37 8.11
N GLU A 88 -1.96 7.20 8.16
CA GLU A 88 -2.18 6.48 9.40
C GLU A 88 -2.12 5.01 9.03
N GLY A 1 0.30 -7.40 16.85
CA GLY A 1 1.33 -7.90 15.94
C GLY A 1 0.66 -8.39 14.67
N ASP A 2 1.39 -9.23 13.91
CA ASP A 2 0.94 -10.18 12.90
C ASP A 2 0.25 -9.60 11.67
N GLY A 3 -0.77 -8.78 11.85
CA GLY A 3 -1.25 -7.93 10.77
C GLY A 3 -0.18 -6.90 10.43
N TYR A 4 -0.44 -6.00 9.50
CA TYR A 4 0.58 -5.13 8.92
C TYR A 4 -0.11 -4.12 8.02
N LEU A 5 0.66 -3.25 7.39
CA LEU A 5 0.21 -2.54 6.20
C LEU A 5 1.39 -2.56 5.23
N ILE A 6 1.44 -3.62 4.43
CA ILE A 6 2.31 -3.75 3.28
C ILE A 6 1.42 -3.63 2.06
N MET A 7 2.01 -3.37 0.90
CA MET A 7 1.34 -3.63 -0.35
C MET A 7 1.98 -4.81 -1.04
N CYS A 8 1.30 -5.30 -2.06
CA CYS A 8 1.44 -6.62 -2.58
C CYS A 8 1.05 -6.61 -4.03
N LYS A 9 1.44 -7.64 -4.75
CA LYS A 9 1.05 -7.84 -6.13
C LYS A 9 -0.28 -8.54 -6.31
N ASN A 10 -0.71 -9.26 -5.29
CA ASN A 10 -1.99 -9.93 -5.28
C ASN A 10 -2.74 -9.69 -3.97
N CYS A 11 -3.88 -10.35 -3.83
CA CYS A 11 -4.78 -10.21 -2.69
C CYS A 11 -4.47 -11.25 -1.60
N ASP A 12 -3.42 -12.06 -1.80
CA ASP A 12 -3.01 -13.14 -0.93
C ASP A 12 -1.49 -13.07 -0.70
N PRO A 13 -1.04 -12.34 0.33
CA PRO A 13 0.36 -12.25 0.72
C PRO A 13 1.05 -13.60 0.84
N ASN A 14 0.30 -14.66 1.12
CA ASN A 14 0.88 -16.00 1.16
C ASN A 14 1.40 -16.43 -0.21
N THR A 15 0.62 -16.19 -1.27
CA THR A 15 1.02 -16.54 -2.63
C THR A 15 1.47 -15.34 -3.47
N GLY A 16 1.70 -14.19 -2.84
CA GLY A 16 2.27 -13.02 -3.48
C GLY A 16 3.33 -12.33 -2.64
N SER A 17 4.44 -11.95 -3.27
CA SER A 17 5.42 -11.08 -2.64
C SER A 17 4.80 -9.71 -2.37
N CYS A 18 5.10 -9.18 -1.19
CA CYS A 18 4.59 -7.93 -0.70
C CYS A 18 5.78 -7.12 -0.20
N ASP A 19 5.68 -5.80 -0.12
CA ASP A 19 6.78 -5.04 0.42
C ASP A 19 6.70 -4.97 1.94
N TRP A 20 7.40 -5.93 2.55
CA TRP A 20 7.71 -6.02 3.96
C TRP A 20 8.95 -5.15 4.21
N LYS A 21 8.88 -3.92 3.73
CA LYS A 21 9.93 -2.93 3.80
C LYS A 21 9.42 -1.73 4.59
N GLN A 22 10.19 -0.66 4.66
CA GLN A 22 9.61 0.57 5.17
C GLN A 22 8.66 1.07 4.10
N ASN A 23 7.56 1.63 4.57
CA ASN A 23 6.39 1.94 3.78
C ASN A 23 5.72 3.20 4.31
N TRP A 24 6.33 3.89 5.28
CA TRP A 24 5.66 4.90 6.05
C TRP A 24 5.59 6.17 5.19
N ASN A 25 5.31 7.33 5.77
CA ASN A 25 5.26 8.66 5.17
C ASN A 25 6.66 9.10 4.76
N THR A 26 7.24 8.34 3.84
CA THR A 26 8.59 8.46 3.32
C THR A 26 8.48 8.13 1.84
N CYS A 27 9.34 8.72 1.01
CA CYS A 27 9.22 8.78 -0.45
C CYS A 27 9.49 7.43 -1.11
N VAL A 28 8.58 6.47 -0.90
CA VAL A 28 8.80 5.07 -1.18
C VAL A 28 8.30 4.75 -2.60
N GLY A 29 9.18 4.18 -3.42
CA GLY A 29 8.85 3.69 -4.74
C GLY A 29 8.19 2.31 -4.63
N ILE A 30 7.07 2.14 -5.34
CA ILE A 30 6.43 0.85 -5.55
C ILE A 30 7.17 0.22 -6.73
N GLY A 31 7.18 -1.11 -6.80
CA GLY A 31 7.71 -1.77 -7.97
C GLY A 31 7.18 -3.20 -8.03
N ALA A 32 7.21 -3.76 -9.22
CA ALA A 32 6.97 -5.15 -9.54
C ALA A 32 5.56 -5.63 -9.37
N ASN A 33 4.67 -5.13 -10.24
CA ASN A 33 3.27 -5.52 -10.31
C ASN A 33 2.59 -5.47 -8.96
N VAL A 34 3.18 -4.73 -8.01
CA VAL A 34 2.60 -4.50 -6.69
C VAL A 34 1.45 -3.51 -6.88
N HIS A 35 0.20 -3.98 -6.70
CA HIS A 35 -1.00 -3.18 -6.92
C HIS A 35 -2.13 -3.55 -5.96
N TRP A 36 -1.78 -4.06 -4.78
CA TRP A 36 -2.77 -4.43 -3.76
C TRP A 36 -2.27 -4.01 -2.40
N MET A 37 -2.99 -3.18 -1.67
CA MET A 37 -2.63 -2.94 -0.28
C MET A 37 -3.27 -4.10 0.48
N VAL A 38 -2.55 -4.73 1.40
CA VAL A 38 -3.11 -5.80 2.21
C VAL A 38 -2.77 -5.50 3.66
N THR A 39 -3.79 -5.35 4.49
CA THR A 39 -3.69 -4.66 5.75
C THR A 39 -3.67 -5.65 6.90
N GLY A 40 -2.85 -6.69 6.74
CA GLY A 40 -2.79 -7.77 7.70
C GLY A 40 -3.93 -8.75 7.50
N GLY A 41 -4.28 -9.43 8.58
CA GLY A 41 -5.33 -10.43 8.60
C GLY A 41 -5.80 -10.70 10.04
N SER A 42 -5.57 -9.74 10.94
CA SER A 42 -5.85 -9.90 12.37
C SER A 42 -7.03 -9.02 12.75
N THR A 43 -6.88 -7.71 12.49
CA THR A 43 -7.83 -6.60 12.64
C THR A 43 -7.18 -5.52 13.50
N ASP A 44 -6.46 -5.94 14.54
CA ASP A 44 -6.00 -5.09 15.63
C ASP A 44 -4.71 -4.36 15.23
N GLY A 45 -4.60 -4.00 13.95
CA GLY A 45 -3.59 -3.11 13.42
C GLY A 45 -4.15 -1.70 13.29
N LYS A 46 -5.47 -1.58 13.19
CA LYS A 46 -6.22 -0.42 12.77
C LYS A 46 -6.02 -0.09 11.30
N GLN A 47 -6.99 0.63 10.74
CA GLN A 47 -7.00 1.08 9.37
C GLN A 47 -5.73 1.85 9.02
N GLY A 48 -5.27 1.72 7.78
CA GLY A 48 -4.11 2.43 7.29
C GLY A 48 -4.50 3.22 6.06
N CYS A 49 -4.05 4.46 5.98
CA CYS A 49 -4.27 5.29 4.82
C CYS A 49 -2.93 5.72 4.30
N ALA A 50 -2.87 5.93 3.00
CA ALA A 50 -1.62 6.14 2.29
C ALA A 50 -1.86 7.07 1.12
N THR A 51 -0.95 8.01 0.91
CA THR A 51 -0.95 8.85 -0.28
C THR A 51 -0.09 8.15 -1.33
N ILE A 52 -0.70 7.78 -2.45
CA ILE A 52 -0.15 6.97 -3.49
C ILE A 52 0.15 7.89 -4.68
N TRP A 53 1.30 7.72 -5.34
CA TRP A 53 1.79 8.56 -6.43
C TRP A 53 2.04 7.76 -7.71
N GLU A 54 2.09 8.51 -8.81
CA GLU A 54 2.32 8.07 -10.18
C GLU A 54 3.81 8.13 -10.54
N GLY A 55 4.53 9.12 -9.98
CA GLY A 55 5.88 9.46 -10.36
C GLY A 55 6.90 8.90 -9.39
N SER A 56 7.88 8.20 -9.94
CA SER A 56 8.84 7.37 -9.25
C SER A 56 9.39 8.04 -8.00
N GLY A 57 9.20 7.37 -6.89
CA GLY A 57 9.63 7.75 -5.57
C GLY A 57 8.46 8.34 -4.80
N CYS A 58 7.89 9.44 -5.30
CA CYS A 58 6.74 10.15 -4.74
C CYS A 58 6.52 11.50 -5.42
N VAL A 59 6.62 11.55 -6.74
CA VAL A 59 6.38 12.75 -7.53
C VAL A 59 5.25 12.40 -8.49
N GLY A 60 4.78 13.36 -9.29
CA GLY A 60 3.76 13.08 -10.27
C GLY A 60 2.37 13.25 -9.67
N ARG A 61 1.39 12.61 -10.28
CA ARG A 61 -0.01 12.60 -9.89
C ARG A 61 -0.14 11.73 -8.67
N SER A 62 -1.22 11.93 -7.91
CA SER A 62 -1.41 11.15 -6.72
C SER A 62 -2.86 11.14 -6.28
N THR A 63 -3.19 10.16 -5.45
CA THR A 63 -4.47 10.10 -4.75
C THR A 63 -4.20 9.52 -3.36
N THR A 64 -4.99 9.91 -2.36
CA THR A 64 -4.93 9.28 -1.06
C THR A 64 -5.92 8.12 -1.02
N MET A 65 -5.47 6.94 -0.62
CA MET A 65 -6.23 5.70 -0.57
C MET A 65 -6.25 5.20 0.87
N CYS A 66 -7.43 5.14 1.49
CA CYS A 66 -7.62 4.56 2.82
C CYS A 66 -8.13 3.13 2.68
N CYS A 67 -7.74 2.27 3.61
CA CYS A 67 -8.22 0.91 3.72
C CYS A 67 -8.22 0.44 5.18
N PRO A 68 -9.27 -0.25 5.66
CA PRO A 68 -9.28 -0.77 7.02
C PRO A 68 -8.25 -1.88 7.22
N ALA A 69 -8.16 -2.38 8.45
CA ALA A 69 -7.26 -3.49 8.77
C ALA A 69 -7.84 -4.77 8.18
N ASN A 70 -7.07 -5.85 8.32
CA ASN A 70 -7.45 -7.22 8.00
C ASN A 70 -8.31 -7.31 6.75
N THR A 71 -7.82 -6.73 5.66
CA THR A 71 -8.49 -6.83 4.39
C THR A 71 -7.44 -6.69 3.29
N CYS A 72 -7.88 -7.00 2.08
CA CYS A 72 -7.17 -6.82 0.83
C CYS A 72 -7.89 -5.72 0.06
N CYS A 73 -7.13 -4.78 -0.51
CA CYS A 73 -7.61 -3.55 -1.10
C CYS A 73 -6.95 -3.44 -2.47
N ASN A 74 -7.74 -3.44 -3.55
CA ASN A 74 -7.21 -3.36 -4.91
C ASN A 74 -6.82 -1.93 -5.24
N ILE A 75 -5.56 -1.72 -5.60
CA ILE A 75 -5.07 -0.48 -6.15
C ILE A 75 -4.95 -0.75 -7.66
N ASN A 76 -5.87 -0.24 -8.46
CA ASN A 76 -5.70 -0.27 -9.89
C ASN A 76 -6.33 1.02 -10.39
N THR A 77 -5.64 2.12 -10.08
CA THR A 77 -6.14 3.48 -10.09
C THR A 77 -6.27 3.98 -11.54
N GLY A 78 -6.80 5.19 -11.71
CA GLY A 78 -6.82 5.84 -13.01
C GLY A 78 -5.41 5.97 -13.58
N PHE A 79 -4.44 6.33 -12.74
CA PHE A 79 -3.04 6.43 -13.11
C PHE A 79 -2.32 5.14 -12.82
N TYR A 80 -1.13 5.02 -13.41
CA TYR A 80 -0.27 3.90 -13.16
C TYR A 80 0.48 4.15 -11.86
N ILE A 81 0.55 3.16 -10.98
CA ILE A 81 1.02 3.33 -9.63
C ILE A 81 2.52 3.06 -9.56
N ARG A 82 3.26 3.99 -8.95
CA ARG A 82 4.72 3.94 -8.94
C ARG A 82 5.35 4.25 -7.59
N SER A 83 4.58 4.79 -6.64
CA SER A 83 5.13 5.25 -5.37
C SER A 83 4.04 5.48 -4.33
N TYR A 84 4.41 5.68 -3.06
CA TYR A 84 3.47 5.99 -2.00
C TYR A 84 4.17 6.49 -0.74
N ARG A 85 3.34 6.95 0.20
CA ARG A 85 3.63 7.32 1.56
C ARG A 85 2.48 6.75 2.38
N ARG A 86 2.73 6.13 3.53
CA ARG A 86 1.67 6.00 4.52
C ARG A 86 1.33 7.43 4.99
N VAL A 87 0.15 7.67 5.55
CA VAL A 87 -0.10 8.88 6.32
C VAL A 87 -0.38 8.56 7.79
N GLU A 88 -1.17 7.51 8.07
CA GLU A 88 -1.39 7.01 9.41
C GLU A 88 -1.82 5.55 9.25
N GLY A 1 -3.66 -10.25 15.55
CA GLY A 1 -2.32 -10.84 15.63
C GLY A 1 -1.38 -10.04 14.74
N ASP A 2 -0.35 -9.40 15.30
CA ASP A 2 0.65 -8.56 14.64
C ASP A 2 0.02 -7.33 14.03
N GLY A 3 -0.67 -7.56 12.91
CA GLY A 3 -1.01 -6.58 11.93
C GLY A 3 0.23 -6.02 11.25
N TYR A 4 -0.01 -5.28 10.18
CA TYR A 4 1.01 -4.80 9.27
C TYR A 4 0.32 -3.93 8.25
N LEU A 5 1.12 -3.21 7.47
CA LEU A 5 0.61 -2.30 6.47
C LEU A 5 1.63 -2.24 5.34
N ILE A 6 1.28 -2.92 4.24
CA ILE A 6 2.14 -3.25 3.13
C ILE A 6 1.27 -3.41 1.89
N MET A 7 1.88 -3.29 0.72
CA MET A 7 1.28 -3.68 -0.54
C MET A 7 1.91 -4.97 -1.05
N CYS A 8 1.11 -5.78 -1.74
CA CYS A 8 1.54 -7.02 -2.37
C CYS A 8 1.33 -6.87 -3.83
N LYS A 9 2.00 -7.74 -4.59
CA LYS A 9 1.75 -7.67 -6.02
C LYS A 9 0.27 -8.01 -6.30
N ASN A 10 -0.27 -8.96 -5.54
CA ASN A 10 -1.61 -9.52 -5.65
C ASN A 10 -2.35 -9.32 -4.33
N CYS A 11 -3.52 -9.93 -4.19
CA CYS A 11 -4.38 -9.77 -3.01
C CYS A 11 -3.93 -10.61 -1.80
N ASP A 12 -2.80 -11.32 -1.91
CA ASP A 12 -2.44 -12.40 -0.98
C ASP A 12 -1.13 -12.12 -0.23
N PRO A 13 -1.15 -11.95 1.10
CA PRO A 13 0.09 -11.77 1.85
C PRO A 13 0.95 -13.03 1.82
N ASN A 14 0.38 -14.22 1.58
CA ASN A 14 1.17 -15.45 1.61
C ASN A 14 2.21 -15.44 0.50
N THR A 15 1.77 -15.42 -0.76
CA THR A 15 2.63 -15.58 -1.92
C THR A 15 2.64 -14.37 -2.85
N GLY A 16 2.11 -13.24 -2.40
CA GLY A 16 1.99 -12.06 -3.24
C GLY A 16 3.32 -11.40 -3.52
N SER A 17 4.34 -11.67 -2.71
CA SER A 17 5.51 -10.83 -2.59
C SER A 17 5.03 -9.45 -2.16
N CYS A 18 5.02 -9.22 -0.85
CA CYS A 18 4.67 -7.93 -0.29
C CYS A 18 5.95 -7.18 0.03
N ASP A 19 5.95 -5.86 -0.13
CA ASP A 19 7.07 -5.05 0.30
C ASP A 19 6.84 -4.59 1.73
N TRP A 20 7.46 -5.28 2.68
CA TRP A 20 7.42 -5.04 4.11
C TRP A 20 8.48 -3.96 4.42
N LYS A 21 8.49 -2.92 3.62
CA LYS A 21 9.43 -1.81 3.69
C LYS A 21 8.95 -0.78 4.73
N GLN A 22 9.71 0.31 4.85
CA GLN A 22 9.25 1.51 5.52
C GLN A 22 8.07 2.05 4.71
N ASN A 23 7.16 2.74 5.40
CA ASN A 23 6.01 3.39 4.80
C ASN A 23 5.72 4.73 5.44
N TRP A 24 6.27 5.04 6.61
CA TRP A 24 5.94 6.25 7.33
C TRP A 24 6.93 7.31 6.87
N ASN A 25 6.45 8.34 6.17
CA ASN A 25 7.27 9.38 5.56
C ASN A 25 8.43 8.76 4.78
N THR A 26 8.08 8.02 3.74
CA THR A 26 9.03 7.41 2.85
C THR A 26 8.78 7.87 1.41
N CYS A 27 9.58 7.34 0.48
CA CYS A 27 9.55 7.70 -0.92
C CYS A 27 10.09 6.51 -1.73
N VAL A 28 9.48 5.34 -1.51
CA VAL A 28 9.95 4.04 -2.01
C VAL A 28 9.24 3.72 -3.32
N GLY A 29 10.00 3.35 -4.36
CA GLY A 29 9.46 2.95 -5.65
C GLY A 29 9.07 1.47 -5.69
N ILE A 30 7.83 1.23 -6.08
CA ILE A 30 7.08 -0.01 -6.14
C ILE A 30 6.94 -0.42 -7.61
N GLY A 31 6.53 -1.65 -7.89
CA GLY A 31 6.07 -2.08 -9.19
C GLY A 31 6.31 -3.57 -9.34
N ALA A 32 5.85 -4.12 -10.47
CA ALA A 32 6.02 -5.47 -10.97
C ALA A 32 4.88 -6.38 -10.53
N ASN A 33 3.78 -6.25 -11.26
CA ASN A 33 2.48 -6.91 -11.11
C ASN A 33 1.65 -6.25 -10.02
N VAL A 34 2.10 -5.12 -9.45
CA VAL A 34 1.55 -4.61 -8.20
C VAL A 34 0.29 -3.78 -8.42
N HIS A 35 -0.83 -4.22 -7.85
CA HIS A 35 -2.01 -3.37 -7.67
C HIS A 35 -2.80 -3.68 -6.40
N TRP A 36 -2.18 -4.05 -5.29
CA TRP A 36 -2.93 -4.40 -4.08
C TRP A 36 -2.26 -3.88 -2.81
N MET A 37 -2.98 -3.09 -2.01
CA MET A 37 -2.62 -2.85 -0.62
C MET A 37 -3.22 -4.01 0.16
N VAL A 38 -2.46 -4.66 1.02
CA VAL A 38 -2.89 -5.87 1.70
C VAL A 38 -2.49 -5.73 3.16
N THR A 39 -3.34 -5.07 3.94
CA THR A 39 -2.96 -4.65 5.28
C THR A 39 -3.42 -5.72 6.29
N GLY A 40 -2.61 -5.92 7.32
CA GLY A 40 -2.84 -6.92 8.36
C GLY A 40 -4.00 -6.53 9.25
N GLY A 41 -4.33 -7.40 10.19
CA GLY A 41 -5.52 -7.25 11.01
C GLY A 41 -5.36 -6.21 12.09
N SER A 42 -4.16 -6.13 12.65
CA SER A 42 -3.92 -5.36 13.85
C SER A 42 -2.92 -4.23 13.59
N THR A 43 -2.16 -3.84 14.61
CA THR A 43 -1.07 -2.87 14.61
C THR A 43 -1.71 -1.52 14.79
N ASP A 44 -2.66 -1.23 13.91
CA ASP A 44 -3.67 -0.23 14.13
C ASP A 44 -4.95 -1.02 14.41
N GLY A 45 -5.86 -0.45 15.19
CA GLY A 45 -7.19 -1.01 15.41
C GLY A 45 -8.19 -0.45 14.41
N LYS A 46 -7.84 0.61 13.69
CA LYS A 46 -8.69 1.27 12.72
C LYS A 46 -7.94 1.30 11.39
N GLN A 47 -8.66 1.57 10.31
CA GLN A 47 -8.07 1.65 8.99
C GLN A 47 -6.88 2.59 8.96
N GLY A 48 -5.88 2.23 8.16
CA GLY A 48 -4.80 3.13 7.79
C GLY A 48 -5.04 3.55 6.35
N CYS A 49 -4.55 4.71 5.92
CA CYS A 49 -4.67 5.11 4.55
C CYS A 49 -3.28 5.45 4.09
N ALA A 50 -3.00 5.14 2.84
CA ALA A 50 -1.71 5.34 2.22
C ALA A 50 -1.93 6.23 1.03
N THR A 51 -1.20 7.33 0.93
CA THR A 51 -1.21 8.07 -0.31
C THR A 51 -0.19 7.39 -1.21
N ILE A 52 -0.69 6.89 -2.34
CA ILE A 52 0.08 6.24 -3.37
C ILE A 52 0.35 7.33 -4.42
N TRP A 53 1.47 7.24 -5.15
CA TRP A 53 1.92 8.23 -6.13
C TRP A 53 2.25 7.58 -7.48
N GLU A 54 2.22 8.39 -8.52
CA GLU A 54 2.55 8.05 -9.90
C GLU A 54 4.07 8.10 -10.15
N GLY A 55 4.72 9.14 -9.64
CA GLY A 55 6.12 9.40 -9.91
C GLY A 55 7.01 8.41 -9.18
N SER A 56 8.01 7.88 -9.87
CA SER A 56 9.07 7.07 -9.28
C SER A 56 9.73 7.83 -8.14
N GLY A 57 9.39 7.49 -6.89
CA GLY A 57 9.85 8.14 -5.70
C GLY A 57 8.65 8.32 -4.79
N CYS A 58 7.80 9.30 -5.13
CA CYS A 58 6.63 9.79 -4.38
C CYS A 58 6.27 11.21 -4.83
N VAL A 59 6.32 11.47 -6.14
CA VAL A 59 5.93 12.73 -6.75
C VAL A 59 4.89 12.41 -7.81
N GLY A 60 4.31 13.39 -8.47
CA GLY A 60 3.34 13.14 -9.54
C GLY A 60 1.95 12.90 -8.95
N ARG A 61 1.01 12.40 -9.75
CA ARG A 61 -0.37 12.35 -9.32
C ARG A 61 -0.51 11.25 -8.29
N SER A 62 -1.46 11.43 -7.37
CA SER A 62 -1.45 10.66 -6.16
C SER A 62 -2.87 10.39 -5.66
N THR A 63 -3.04 9.39 -4.81
CA THR A 63 -4.33 8.86 -4.44
C THR A 63 -4.25 8.26 -3.05
N THR A 64 -5.00 8.79 -2.09
CA THR A 64 -5.15 8.22 -0.75
C THR A 64 -5.98 6.94 -0.84
N MET A 65 -5.30 5.80 -0.83
CA MET A 65 -5.91 4.49 -0.73
C MET A 65 -6.15 4.19 0.75
N CYS A 66 -7.38 4.30 1.21
CA CYS A 66 -7.74 3.93 2.57
C CYS A 66 -8.01 2.43 2.58
N CYS A 67 -7.68 1.76 3.69
CA CYS A 67 -7.77 0.31 3.75
C CYS A 67 -7.94 -0.18 5.19
N PRO A 68 -9.12 -0.67 5.58
CA PRO A 68 -9.36 -1.21 6.92
C PRO A 68 -8.46 -2.39 7.25
N ALA A 69 -8.34 -2.70 8.53
CA ALA A 69 -7.40 -3.72 8.98
C ALA A 69 -7.98 -5.08 8.58
N ASN A 70 -7.13 -5.99 8.07
CA ASN A 70 -7.50 -7.22 7.37
C ASN A 70 -8.34 -6.92 6.15
N THR A 71 -7.90 -5.98 5.32
CA THR A 71 -8.50 -5.74 4.03
C THR A 71 -7.44 -5.83 2.93
N CYS A 72 -7.62 -6.81 2.05
CA CYS A 72 -7.01 -6.80 0.74
C CYS A 72 -7.79 -5.78 -0.09
N CYS A 73 -7.14 -4.68 -0.48
CA CYS A 73 -7.72 -3.52 -1.13
C CYS A 73 -7.10 -3.41 -2.52
N ASN A 74 -7.92 -3.39 -3.58
CA ASN A 74 -7.41 -3.25 -4.94
C ASN A 74 -7.05 -1.80 -5.24
N ILE A 75 -5.88 -1.55 -5.80
CA ILE A 75 -5.40 -0.23 -6.17
C ILE A 75 -5.68 -0.07 -7.66
N ASN A 76 -6.66 0.75 -8.01
CA ASN A 76 -6.83 1.25 -9.37
C ASN A 76 -6.82 2.77 -9.29
N THR A 77 -6.26 3.45 -10.28
CA THR A 77 -6.26 4.90 -10.37
C THR A 77 -6.45 5.25 -11.84
N GLY A 78 -6.13 6.48 -12.23
CA GLY A 78 -6.03 6.86 -13.63
C GLY A 78 -4.57 6.92 -14.09
N PHE A 79 -3.64 6.33 -13.35
CA PHE A 79 -2.21 6.41 -13.61
C PHE A 79 -1.54 5.12 -13.22
N TYR A 80 -0.27 4.97 -13.60
CA TYR A 80 0.49 3.86 -13.09
C TYR A 80 0.73 4.15 -11.61
N ILE A 81 0.51 3.17 -10.75
CA ILE A 81 0.72 3.33 -9.33
C ILE A 81 2.14 2.88 -9.03
N ARG A 82 2.90 3.73 -8.35
CA ARG A 82 4.35 3.66 -8.38
C ARG A 82 4.99 3.80 -7.02
N SER A 83 4.60 4.77 -6.20
CA SER A 83 5.23 4.95 -4.90
C SER A 83 4.17 5.13 -3.82
N TYR A 84 4.54 5.23 -2.54
CA TYR A 84 3.55 5.34 -1.48
C TYR A 84 4.12 5.90 -0.19
N ARG A 85 3.21 6.34 0.70
CA ARG A 85 3.51 6.71 2.07
C ARG A 85 2.24 6.46 2.90
N ARG A 86 2.33 5.71 4.02
CA ARG A 86 1.20 5.53 4.92
C ARG A 86 0.89 6.88 5.55
N VAL A 87 -0.29 7.43 5.29
CA VAL A 87 -0.64 8.78 5.61
C VAL A 87 -1.34 8.84 6.96
N GLU A 88 -2.20 7.86 7.27
CA GLU A 88 -2.86 7.77 8.55
C GLU A 88 -3.27 6.32 8.81
N GLY A 1 -6.42 -3.42 18.11
CA GLY A 1 -5.85 -3.17 16.78
C GLY A 1 -5.89 -4.44 15.92
N ASP A 2 -4.78 -5.19 15.93
CA ASP A 2 -4.57 -6.43 15.18
C ASP A 2 -4.61 -6.20 13.68
N GLY A 3 -3.67 -5.41 13.16
CA GLY A 3 -3.41 -5.39 11.73
C GLY A 3 -2.07 -4.75 11.38
N TYR A 4 -1.54 -5.00 10.19
CA TYR A 4 -0.37 -4.31 9.64
C TYR A 4 -0.83 -3.60 8.36
N LEU A 5 0.11 -3.01 7.62
CA LEU A 5 -0.08 -2.47 6.28
C LEU A 5 1.17 -2.78 5.45
N ILE A 6 1.04 -3.55 4.37
CA ILE A 6 2.12 -3.84 3.43
C ILE A 6 1.60 -3.79 2.00
N MET A 7 2.53 -3.74 1.04
CA MET A 7 2.25 -3.87 -0.37
C MET A 7 2.71 -5.26 -0.82
N CYS A 8 1.94 -5.86 -1.71
CA CYS A 8 2.02 -7.28 -2.04
C CYS A 8 1.89 -7.44 -3.55
N LYS A 9 2.37 -8.58 -4.06
CA LYS A 9 2.30 -8.89 -5.47
C LYS A 9 0.94 -9.48 -5.89
N ASN A 10 0.05 -9.74 -4.95
CA ASN A 10 -1.32 -10.18 -5.18
C ASN A 10 -2.11 -9.96 -3.90
N CYS A 11 -3.34 -10.44 -3.87
CA CYS A 11 -4.28 -10.19 -2.78
C CYS A 11 -4.12 -11.20 -1.64
N ASP A 12 -3.13 -12.10 -1.75
CA ASP A 12 -2.97 -13.20 -0.80
C ASP A 12 -1.55 -13.26 -0.24
N PRO A 13 -1.29 -12.87 1.02
CA PRO A 13 0.04 -12.95 1.59
C PRO A 13 0.58 -14.38 1.55
N ASN A 14 -0.28 -15.40 1.53
CA ASN A 14 0.18 -16.78 1.52
C ASN A 14 0.97 -17.08 0.25
N THR A 15 0.68 -16.39 -0.85
CA THR A 15 1.34 -16.60 -2.13
C THR A 15 1.65 -15.26 -2.83
N GLY A 16 1.74 -14.17 -2.07
CA GLY A 16 2.32 -12.93 -2.52
C GLY A 16 3.56 -12.66 -1.67
N SER A 17 4.68 -12.48 -2.34
CA SER A 17 5.93 -12.05 -1.77
C SER A 17 5.83 -10.55 -1.53
N CYS A 18 5.44 -10.15 -0.33
CA CYS A 18 5.12 -8.80 0.01
C CYS A 18 6.38 -8.15 0.56
N ASP A 19 6.54 -6.84 0.37
CA ASP A 19 7.67 -6.11 0.93
C ASP A 19 7.31 -5.43 2.26
N TRP A 20 7.68 -6.09 3.36
CA TRP A 20 7.40 -5.82 4.76
C TRP A 20 8.37 -4.79 5.33
N LYS A 21 8.59 -3.73 4.57
CA LYS A 21 9.40 -2.60 4.94
C LYS A 21 8.50 -1.44 5.37
N GLN A 22 9.14 -0.38 5.85
CA GLN A 22 8.50 0.78 6.40
C GLN A 22 7.70 1.49 5.31
N ASN A 23 6.55 2.04 5.69
CA ASN A 23 5.61 2.74 4.80
C ASN A 23 5.59 4.23 5.14
N TRP A 24 5.89 4.55 6.41
CA TRP A 24 5.89 5.89 6.95
C TRP A 24 7.23 6.50 6.63
N ASN A 25 7.20 7.79 6.34
CA ASN A 25 8.38 8.65 6.16
C ASN A 25 9.44 7.99 5.32
N THR A 26 9.01 7.35 4.23
CA THR A 26 9.88 6.88 3.16
C THR A 26 8.96 6.64 1.99
N CYS A 27 9.48 6.81 0.78
CA CYS A 27 8.70 6.93 -0.43
C CYS A 27 8.99 5.78 -1.38
N VAL A 28 8.29 4.67 -1.14
CA VAL A 28 8.61 3.38 -1.71
C VAL A 28 7.97 3.28 -3.09
N GLY A 29 8.57 2.45 -3.95
CA GLY A 29 8.14 2.22 -5.31
C GLY A 29 7.01 1.19 -5.38
N ILE A 30 6.20 1.28 -6.42
CA ILE A 30 5.14 0.35 -6.83
C ILE A 30 5.59 -0.25 -8.16
N GLY A 31 4.96 -1.31 -8.62
CA GLY A 31 5.06 -1.78 -9.99
C GLY A 31 5.69 -3.16 -10.11
N ALA A 32 5.47 -3.77 -11.28
CA ALA A 32 5.85 -5.12 -11.64
C ALA A 32 5.16 -6.15 -10.77
N ASN A 33 3.91 -6.45 -11.11
CA ASN A 33 3.03 -7.37 -10.40
C ASN A 33 2.68 -6.85 -9.02
N VAL A 34 3.12 -5.65 -8.65
CA VAL A 34 2.81 -5.05 -7.36
C VAL A 34 1.71 -4.02 -7.59
N HIS A 35 0.47 -4.40 -7.30
CA HIS A 35 -0.70 -3.54 -7.43
C HIS A 35 -1.74 -3.85 -6.35
N TRP A 36 -1.28 -4.24 -5.16
CA TRP A 36 -2.17 -4.59 -4.05
C TRP A 36 -1.54 -4.15 -2.75
N MET A 37 -2.23 -3.31 -2.01
CA MET A 37 -1.98 -3.17 -0.59
C MET A 37 -2.80 -4.25 0.09
N VAL A 38 -2.23 -4.92 1.09
CA VAL A 38 -2.97 -5.84 1.94
C VAL A 38 -2.58 -5.51 3.37
N THR A 39 -3.49 -5.74 4.31
CA THR A 39 -3.36 -5.31 5.69
C THR A 39 -3.60 -6.49 6.62
N GLY A 40 -3.64 -6.24 7.92
CA GLY A 40 -4.25 -7.16 8.87
C GLY A 40 -3.24 -8.08 9.50
N GLY A 41 -3.68 -9.28 9.93
CA GLY A 41 -2.84 -10.36 10.43
C GLY A 41 -1.72 -9.87 11.34
N SER A 42 -2.04 -9.06 12.36
CA SER A 42 -1.03 -8.49 13.25
C SER A 42 -1.50 -8.40 14.70
N THR A 43 -0.94 -7.45 15.43
CA THR A 43 -1.17 -7.19 16.84
C THR A 43 -1.68 -5.75 17.02
N ASP A 44 -1.13 -4.79 16.29
CA ASP A 44 -1.62 -3.41 16.33
C ASP A 44 -1.33 -2.74 14.99
N GLY A 45 -2.35 -2.13 14.42
CA GLY A 45 -2.30 -1.43 13.16
C GLY A 45 -3.67 -1.52 12.53
N LYS A 46 -4.57 -0.69 13.03
CA LYS A 46 -5.92 -0.50 12.50
C LYS A 46 -5.91 0.07 11.08
N GLN A 47 -7.09 0.43 10.54
CA GLN A 47 -7.23 0.97 9.20
C GLN A 47 -6.16 2.03 8.91
N GLY A 48 -5.70 2.07 7.66
CA GLY A 48 -4.56 2.89 7.31
C GLY A 48 -4.68 3.42 5.88
N CYS A 49 -3.99 4.52 5.59
CA CYS A 49 -4.10 5.23 4.34
C CYS A 49 -2.73 5.60 3.86
N ALA A 50 -2.61 5.78 2.55
CA ALA A 50 -1.42 6.26 1.89
C ALA A 50 -1.80 7.37 0.94
N THR A 51 -0.97 8.41 0.82
CA THR A 51 -1.04 9.24 -0.36
C THR A 51 -0.18 8.50 -1.38
N ILE A 52 -0.81 8.06 -2.46
CA ILE A 52 -0.14 7.45 -3.58
C ILE A 52 0.13 8.57 -4.59
N TRP A 53 1.25 8.47 -5.30
CA TRP A 53 1.70 9.43 -6.27
C TRP A 53 1.99 8.72 -7.59
N GLU A 54 1.84 9.46 -8.68
CA GLU A 54 2.00 8.98 -10.02
C GLU A 54 3.40 8.42 -10.20
N GLY A 55 4.46 9.05 -9.67
CA GLY A 55 5.74 8.39 -9.81
C GLY A 55 6.91 8.80 -8.95
N SER A 56 7.98 8.03 -9.15
CA SER A 56 9.37 8.32 -8.86
C SER A 56 9.64 9.20 -7.63
N GLY A 57 9.60 8.61 -6.44
CA GLY A 57 9.86 9.37 -5.24
C GLY A 57 8.76 10.39 -5.05
N CYS A 58 7.53 9.95 -5.26
CA CYS A 58 6.30 10.67 -4.98
C CYS A 58 6.31 12.06 -5.60
N VAL A 59 6.23 12.07 -6.93
CA VAL A 59 6.02 13.22 -7.77
C VAL A 59 4.81 12.94 -8.67
N GLY A 60 4.41 13.92 -9.47
CA GLY A 60 3.27 13.80 -10.35
C GLY A 60 2.00 13.84 -9.52
N ARG A 61 0.90 13.34 -10.06
CA ARG A 61 -0.41 13.50 -9.47
C ARG A 61 -0.55 12.54 -8.32
N SER A 62 -1.44 12.87 -7.38
CA SER A 62 -1.55 12.10 -6.17
C SER A 62 -3.00 11.92 -5.73
N THR A 63 -3.29 10.76 -5.17
CA THR A 63 -4.61 10.36 -4.71
C THR A 63 -4.45 9.61 -3.38
N THR A 64 -5.44 9.74 -2.49
CA THR A 64 -5.41 9.09 -1.19
C THR A 64 -5.95 7.67 -1.35
N MET A 65 -5.12 6.66 -1.17
CA MET A 65 -5.61 5.31 -0.99
C MET A 65 -5.89 5.15 0.50
N CYS A 66 -6.98 4.49 0.85
CA CYS A 66 -7.31 4.19 2.24
C CYS A 66 -7.85 2.79 2.27
N CYS A 67 -7.53 2.04 3.32
CA CYS A 67 -7.79 0.61 3.42
C CYS A 67 -7.99 0.21 4.88
N PRO A 68 -9.13 -0.41 5.25
CA PRO A 68 -9.31 -1.03 6.56
C PRO A 68 -8.17 -2.01 6.86
N ALA A 69 -7.90 -2.32 8.13
CA ALA A 69 -6.96 -3.38 8.43
C ALA A 69 -7.70 -4.71 8.40
N ASN A 70 -7.07 -5.74 7.82
CA ASN A 70 -7.63 -7.06 7.59
C ASN A 70 -8.57 -7.00 6.41
N THR A 71 -8.13 -6.34 5.35
CA THR A 71 -8.73 -6.46 4.04
C THR A 71 -7.66 -6.22 2.99
N CYS A 72 -8.00 -6.52 1.75
CA CYS A 72 -7.14 -6.50 0.58
C CYS A 72 -7.62 -5.39 -0.33
N CYS A 73 -6.70 -4.63 -0.93
CA CYS A 73 -7.00 -3.34 -1.54
C CYS A 73 -6.20 -3.23 -2.82
N ASN A 74 -6.81 -3.45 -3.98
CA ASN A 74 -6.14 -3.29 -5.28
C ASN A 74 -5.82 -1.81 -5.53
N ILE A 75 -4.59 -1.51 -5.90
CA ILE A 75 -4.10 -0.20 -6.28
C ILE A 75 -4.21 -0.12 -7.81
N ASN A 76 -5.17 0.65 -8.34
CA ASN A 76 -5.30 0.84 -9.77
C ASN A 76 -6.25 2.01 -10.05
N THR A 77 -5.80 3.23 -9.77
CA THR A 77 -6.69 4.38 -9.85
C THR A 77 -6.96 4.75 -11.32
N GLY A 78 -7.40 5.98 -11.56
CA GLY A 78 -7.45 6.55 -12.90
C GLY A 78 -6.08 6.60 -13.55
N PHE A 79 -5.00 6.65 -12.75
CA PHE A 79 -3.65 6.49 -13.24
C PHE A 79 -3.04 5.28 -12.61
N TYR A 80 -2.07 4.74 -13.35
CA TYR A 80 -1.12 3.80 -12.84
C TYR A 80 -0.14 4.60 -11.97
N ILE A 81 0.30 4.04 -10.85
CA ILE A 81 1.02 4.74 -9.82
C ILE A 81 2.37 4.07 -9.61
N ARG A 82 3.46 4.84 -9.49
CA ARG A 82 4.78 4.31 -9.23
C ARG A 82 5.26 4.56 -7.79
N SER A 83 4.77 5.54 -7.02
CA SER A 83 5.23 5.64 -5.62
C SER A 83 4.09 5.93 -4.64
N TYR A 84 4.37 5.86 -3.33
CA TYR A 84 3.42 6.28 -2.29
C TYR A 84 4.17 6.54 -0.99
N ARG A 85 3.51 7.19 -0.03
CA ARG A 85 3.97 7.24 1.34
C ARG A 85 2.76 7.30 2.27
N ARG A 86 2.87 6.67 3.44
CA ARG A 86 1.77 6.44 4.36
C ARG A 86 1.29 7.74 5.04
N VAL A 87 -0.01 7.83 5.38
CA VAL A 87 -0.63 8.99 6.00
C VAL A 87 -1.61 8.67 7.16
N GLU A 88 -1.96 7.41 7.43
CA GLU A 88 -2.48 6.98 8.72
C GLU A 88 -2.32 5.47 8.85
N GLY A 1 -1.53 -8.32 18.44
CA GLY A 1 -1.68 -7.31 17.40
C GLY A 1 -0.52 -6.32 17.42
N ASP A 2 -0.29 -5.66 16.29
CA ASP A 2 0.66 -4.55 16.10
C ASP A 2 0.35 -3.88 14.77
N GLY A 3 0.00 -4.66 13.76
CA GLY A 3 -0.43 -4.15 12.47
C GLY A 3 0.72 -3.84 11.55
N TYR A 4 0.42 -3.69 10.27
CA TYR A 4 1.39 -3.39 9.23
C TYR A 4 0.61 -3.02 7.97
N LEU A 5 1.35 -2.45 7.03
CA LEU A 5 0.86 -2.06 5.72
C LEU A 5 1.92 -2.49 4.70
N ILE A 6 1.76 -3.71 4.18
CA ILE A 6 2.58 -4.26 3.11
C ILE A 6 1.75 -4.39 1.85
N MET A 7 2.44 -4.46 0.71
CA MET A 7 1.93 -4.86 -0.56
C MET A 7 2.45 -6.19 -1.07
N CYS A 8 1.77 -6.68 -2.10
CA CYS A 8 1.74 -8.06 -2.54
C CYS A 8 1.49 -8.11 -4.04
N LYS A 9 1.86 -9.25 -4.61
CA LYS A 9 1.66 -9.52 -6.02
C LYS A 9 0.16 -9.68 -6.31
N ASN A 10 -0.56 -10.34 -5.40
CA ASN A 10 -1.99 -10.62 -5.49
C ASN A 10 -2.61 -10.39 -4.12
N CYS A 11 -3.86 -10.79 -3.93
CA CYS A 11 -4.59 -10.56 -2.69
C CYS A 11 -4.17 -11.51 -1.56
N ASP A 12 -3.17 -12.37 -1.78
CA ASP A 12 -2.91 -13.51 -0.92
C ASP A 12 -1.65 -13.31 -0.06
N PRO A 13 -1.78 -13.03 1.25
CA PRO A 13 -0.63 -12.89 2.12
C PRO A 13 0.12 -14.20 2.31
N ASN A 14 -0.54 -15.34 2.10
CA ASN A 14 -0.02 -16.67 2.39
C ASN A 14 1.01 -17.06 1.34
N THR A 15 0.60 -17.03 0.07
CA THR A 15 1.42 -17.52 -1.04
C THR A 15 1.46 -16.53 -2.22
N GLY A 16 1.03 -15.29 -2.00
CA GLY A 16 1.25 -14.23 -2.96
C GLY A 16 2.72 -13.87 -3.01
N SER A 17 3.33 -13.74 -1.84
CA SER A 17 4.62 -13.11 -1.62
C SER A 17 4.43 -11.60 -1.69
N CYS A 18 4.85 -10.94 -0.63
CA CYS A 18 4.53 -9.58 -0.30
C CYS A 18 5.79 -8.90 0.16
N ASP A 19 6.05 -7.63 -0.20
CA ASP A 19 7.28 -7.02 0.23
C ASP A 19 7.14 -6.49 1.64
N TRP A 20 7.60 -7.29 2.59
CA TRP A 20 7.62 -7.04 4.02
C TRP A 20 8.84 -6.18 4.35
N LYS A 21 8.92 -5.09 3.61
CA LYS A 21 9.67 -3.89 3.91
C LYS A 21 8.74 -3.06 4.80
N GLN A 22 9.32 -2.17 5.61
CA GLN A 22 8.54 -1.13 6.26
C GLN A 22 8.39 -0.01 5.24
N ASN A 23 7.24 0.64 5.25
CA ASN A 23 6.80 1.52 4.18
C ASN A 23 6.06 2.72 4.76
N TRP A 24 6.54 3.27 5.87
CA TRP A 24 5.86 4.26 6.66
C TRP A 24 6.76 5.48 6.78
N ASN A 25 6.23 6.66 6.50
CA ASN A 25 7.01 7.90 6.42
C ASN A 25 8.21 7.69 5.51
N THR A 26 7.95 7.28 4.28
CA THR A 26 8.97 7.17 3.26
C THR A 26 8.31 7.15 1.88
N CYS A 27 9.02 7.72 0.91
CA CYS A 27 8.66 7.93 -0.47
C CYS A 27 8.86 6.63 -1.23
N VAL A 28 7.99 5.65 -0.99
CA VAL A 28 8.20 4.29 -1.48
C VAL A 28 7.68 4.19 -2.91
N GLY A 29 8.42 3.48 -3.76
CA GLY A 29 8.04 3.25 -5.14
C GLY A 29 6.94 2.19 -5.22
N ILE A 30 5.98 2.40 -6.09
CA ILE A 30 4.98 1.43 -6.49
C ILE A 30 5.44 0.82 -7.82
N GLY A 31 4.83 -0.29 -8.21
CA GLY A 31 5.13 -0.96 -9.46
C GLY A 31 6.11 -2.08 -9.20
N ALA A 32 6.30 -2.90 -10.22
CA ALA A 32 7.10 -4.09 -10.24
C ALA A 32 6.67 -5.10 -9.20
N ASN A 33 5.93 -6.11 -9.66
CA ASN A 33 5.58 -7.29 -8.90
C ASN A 33 4.73 -6.98 -7.68
N VAL A 34 4.22 -5.74 -7.57
CA VAL A 34 3.43 -5.31 -6.41
C VAL A 34 2.21 -4.53 -6.89
N HIS A 35 1.00 -5.04 -6.70
CA HIS A 35 -0.22 -4.29 -7.00
C HIS A 35 -1.39 -4.61 -6.08
N TRP A 36 -1.15 -5.20 -4.92
CA TRP A 36 -2.20 -5.45 -3.96
C TRP A 36 -1.67 -5.12 -2.58
N MET A 37 -2.23 -4.10 -1.96
CA MET A 37 -1.88 -3.75 -0.59
C MET A 37 -2.76 -4.60 0.32
N VAL A 38 -2.15 -5.35 1.23
CA VAL A 38 -2.86 -6.21 2.14
C VAL A 38 -2.44 -5.76 3.53
N THR A 39 -3.23 -4.87 4.15
CA THR A 39 -2.84 -4.24 5.40
C THR A 39 -3.42 -5.06 6.53
N GLY A 40 -2.56 -5.44 7.47
CA GLY A 40 -2.99 -6.02 8.74
C GLY A 40 -3.68 -4.98 9.56
N GLY A 41 -2.85 -4.01 9.78
CA GLY A 41 -3.08 -2.79 10.54
C GLY A 41 -3.75 -3.07 11.88
N SER A 42 -3.58 -4.26 12.44
CA SER A 42 -4.32 -4.66 13.61
C SER A 42 -3.89 -3.85 14.83
N THR A 43 -4.78 -3.73 15.82
CA THR A 43 -4.65 -2.80 16.93
C THR A 43 -4.93 -1.35 16.49
N ASP A 44 -5.15 -1.12 15.19
CA ASP A 44 -5.84 0.05 14.67
C ASP A 44 -7.14 -0.48 14.11
N GLY A 45 -8.27 0.03 14.59
CA GLY A 45 -9.55 -0.18 13.93
C GLY A 45 -9.64 0.73 12.71
N LYS A 46 -8.97 1.87 12.81
CA LYS A 46 -8.94 2.86 11.76
C LYS A 46 -8.27 2.30 10.52
N GLN A 47 -8.87 2.57 9.37
CA GLN A 47 -8.26 2.43 8.07
C GLN A 47 -6.83 2.97 8.07
N GLY A 48 -5.94 2.30 7.35
CA GLY A 48 -4.60 2.80 7.09
C GLY A 48 -4.65 3.53 5.77
N CYS A 49 -3.90 4.63 5.60
CA CYS A 49 -4.04 5.43 4.41
C CYS A 49 -2.68 5.86 3.94
N ALA A 50 -2.59 6.07 2.64
CA ALA A 50 -1.39 6.54 1.98
C ALA A 50 -1.75 7.54 0.91
N THR A 51 -0.94 8.58 0.80
CA THR A 51 -1.01 9.49 -0.31
C THR A 51 -0.18 8.83 -1.40
N ILE A 52 -0.69 8.81 -2.63
CA ILE A 52 -0.14 8.07 -3.75
C ILE A 52 0.15 9.07 -4.88
N TRP A 53 1.13 8.79 -5.75
CA TRP A 53 1.61 9.70 -6.79
C TRP A 53 1.90 9.02 -8.13
N GLU A 54 1.80 9.82 -9.20
CA GLU A 54 2.24 9.52 -10.55
C GLU A 54 3.73 9.85 -10.65
N GLY A 55 4.21 10.94 -10.06
CA GLY A 55 5.63 11.20 -10.12
C GLY A 55 6.38 10.06 -9.45
N SER A 56 7.30 9.47 -10.19
CA SER A 56 8.22 8.47 -9.68
C SER A 56 9.13 9.20 -8.70
N GLY A 57 8.96 8.98 -7.41
CA GLY A 57 9.55 9.73 -6.33
C GLY A 57 8.57 10.74 -5.71
N CYS A 58 7.32 10.31 -5.51
CA CYS A 58 6.30 10.98 -4.71
C CYS A 58 6.18 12.49 -4.93
N VAL A 59 6.15 12.89 -6.20
CA VAL A 59 5.77 14.19 -6.70
C VAL A 59 4.67 13.99 -7.75
N GLY A 60 4.11 15.05 -8.32
CA GLY A 60 3.26 14.94 -9.50
C GLY A 60 1.79 14.82 -9.14
N ARG A 61 0.98 14.26 -10.06
CA ARG A 61 -0.44 14.08 -9.81
C ARG A 61 -0.55 12.99 -8.76
N SER A 62 -1.60 13.06 -7.96
CA SER A 62 -1.66 12.28 -6.76
C SER A 62 -3.06 11.74 -6.52
N THR A 63 -3.19 10.88 -5.52
CA THR A 63 -4.49 10.64 -4.90
C THR A 63 -4.22 10.40 -3.41
N THR A 64 -5.26 10.07 -2.67
CA THR A 64 -5.19 9.59 -1.31
C THR A 64 -6.00 8.31 -1.32
N MET A 65 -5.35 7.21 -0.93
CA MET A 65 -5.88 5.87 -1.03
C MET A 65 -5.91 5.29 0.39
N CYS A 66 -7.08 4.93 0.89
CA CYS A 66 -7.25 4.39 2.23
C CYS A 66 -7.71 2.96 2.12
N CYS A 67 -7.29 2.10 3.05
CA CYS A 67 -7.61 0.69 3.07
C CYS A 67 -7.95 0.29 4.51
N PRO A 68 -9.14 -0.25 4.78
CA PRO A 68 -9.51 -0.73 6.10
C PRO A 68 -8.46 -1.66 6.71
N ALA A 69 -8.36 -1.69 8.04
CA ALA A 69 -7.38 -2.54 8.71
C ALA A 69 -7.89 -3.98 8.58
N ASN A 70 -6.98 -4.93 8.41
CA ASN A 70 -7.24 -6.34 8.15
C ASN A 70 -8.14 -6.46 6.93
N THR A 71 -7.65 -5.98 5.79
CA THR A 71 -8.35 -6.13 4.52
C THR A 71 -7.33 -6.08 3.38
N CYS A 72 -7.73 -6.65 2.23
CA CYS A 72 -6.96 -6.78 1.01
C CYS A 72 -7.50 -5.79 -0.03
N CYS A 73 -6.64 -4.92 -0.56
CA CYS A 73 -7.00 -3.77 -1.37
C CYS A 73 -6.17 -3.80 -2.66
N ASN A 74 -6.81 -3.98 -3.81
CA ASN A 74 -6.13 -3.96 -5.10
C ASN A 74 -5.71 -2.54 -5.45
N ILE A 75 -4.44 -2.31 -5.77
CA ILE A 75 -3.93 -1.05 -6.23
C ILE A 75 -4.13 -0.96 -7.74
N ASN A 76 -5.03 -0.06 -8.17
CA ASN A 76 -5.11 0.44 -9.54
C ASN A 76 -5.96 1.69 -9.48
N THR A 77 -5.33 2.87 -9.45
CA THR A 77 -6.03 4.13 -9.39
C THR A 77 -6.64 4.41 -10.78
N GLY A 78 -6.92 5.66 -11.11
CA GLY A 78 -7.25 6.02 -12.48
C GLY A 78 -6.01 6.14 -13.36
N PHE A 79 -4.81 5.96 -12.82
CA PHE A 79 -3.56 6.17 -13.50
C PHE A 79 -2.59 5.08 -13.10
N TYR A 80 -1.43 5.07 -13.74
CA TYR A 80 -0.42 4.11 -13.38
C TYR A 80 0.28 4.61 -12.14
N ILE A 81 0.47 3.75 -11.16
CA ILE A 81 0.88 4.17 -9.82
C ILE A 81 2.39 4.03 -9.71
N ARG A 82 3.06 5.06 -9.18
CA ARG A 82 4.51 5.16 -9.22
C ARG A 82 5.13 5.36 -7.85
N SER A 83 4.49 6.12 -6.94
CA SER A 83 4.97 6.16 -5.57
C SER A 83 3.81 6.23 -4.60
N TYR A 84 4.08 5.93 -3.32
CA TYR A 84 3.16 6.23 -2.24
C TYR A 84 3.91 6.46 -0.93
N ARG A 85 3.17 6.96 0.06
CA ARG A 85 3.67 7.10 1.42
C ARG A 85 2.47 7.15 2.38
N ARG A 86 2.46 6.27 3.40
CA ARG A 86 1.43 6.28 4.43
C ARG A 86 1.33 7.64 5.09
N VAL A 87 0.11 8.07 5.40
CA VAL A 87 -0.12 9.16 6.34
C VAL A 87 -0.43 8.57 7.71
N GLU A 88 -1.26 7.53 7.81
CA GLU A 88 -1.68 6.94 9.06
C GLU A 88 -2.35 5.59 8.76
N GLY A 1 -2.20 -12.73 15.18
CA GLY A 1 -2.62 -11.41 14.72
C GLY A 1 -1.56 -10.38 15.10
N ASP A 2 -1.44 -9.32 14.31
CA ASP A 2 -0.48 -8.24 14.40
C ASP A 2 -0.91 -7.28 13.31
N GLY A 3 -1.10 -6.02 13.68
CA GLY A 3 -1.49 -4.98 12.75
C GLY A 3 -0.32 -4.55 11.89
N TYR A 4 -0.60 -3.98 10.71
CA TYR A 4 0.40 -3.51 9.78
C TYR A 4 -0.28 -2.89 8.56
N LEU A 5 0.55 -2.34 7.68
CA LEU A 5 0.20 -2.01 6.32
C LEU A 5 1.42 -2.41 5.49
N ILE A 6 1.23 -3.38 4.60
CA ILE A 6 2.20 -3.90 3.66
C ILE A 6 1.43 -4.16 2.37
N MET A 7 2.13 -4.23 1.22
CA MET A 7 1.53 -4.57 -0.04
C MET A 7 2.21 -5.79 -0.63
N CYS A 8 1.69 -6.26 -1.76
CA CYS A 8 1.91 -7.63 -2.21
C CYS A 8 1.79 -7.66 -3.71
N LYS A 9 2.44 -8.65 -4.34
CA LYS A 9 2.35 -8.83 -5.78
C LYS A 9 1.06 -9.51 -6.27
N ASN A 10 0.16 -9.79 -5.34
CA ASN A 10 -1.20 -10.22 -5.61
C ASN A 10 -2.07 -9.97 -4.37
N CYS A 11 -3.31 -10.43 -4.38
CA CYS A 11 -4.28 -10.15 -3.31
C CYS A 11 -4.13 -11.11 -2.13
N ASP A 12 -3.14 -11.99 -2.18
CA ASP A 12 -2.90 -13.00 -1.17
C ASP A 12 -1.59 -12.74 -0.43
N PRO A 13 -1.56 -12.74 0.91
CA PRO A 13 -0.32 -12.55 1.61
C PRO A 13 0.64 -13.71 1.31
N ASN A 14 0.11 -14.93 1.40
CA ASN A 14 0.91 -16.14 1.53
C ASN A 14 1.78 -16.35 0.30
N THR A 15 1.15 -16.29 -0.88
CA THR A 15 1.85 -16.49 -2.14
C THR A 15 1.94 -15.20 -2.95
N GLY A 16 1.69 -14.05 -2.33
CA GLY A 16 1.93 -12.78 -2.98
C GLY A 16 3.42 -12.51 -3.06
N SER A 17 4.11 -12.66 -1.94
CA SER A 17 5.41 -12.03 -1.71
C SER A 17 5.11 -10.55 -1.56
N CYS A 18 5.40 -10.06 -0.37
CA CYS A 18 4.84 -8.86 0.16
C CYS A 18 5.93 -8.03 0.80
N ASP A 19 5.81 -6.71 0.77
CA ASP A 19 6.83 -5.87 1.36
C ASP A 19 6.50 -5.51 2.78
N TRP A 20 7.05 -6.37 3.64
CA TRP A 20 7.32 -6.16 5.04
C TRP A 20 8.67 -5.43 5.05
N LYS A 21 8.67 -4.28 4.38
CA LYS A 21 9.74 -3.30 4.31
C LYS A 21 9.15 -2.00 4.87
N GLN A 22 9.97 -0.95 4.97
CA GLN A 22 9.42 0.31 5.45
C GLN A 22 8.44 0.81 4.39
N ASN A 23 7.36 1.43 4.86
CA ASN A 23 6.25 1.89 4.03
C ASN A 23 5.76 3.25 4.54
N TRP A 24 6.19 3.66 5.73
CA TRP A 24 5.63 4.74 6.49
C TRP A 24 6.29 6.03 6.04
N ASN A 25 5.77 7.15 6.56
CA ASN A 25 5.93 8.54 6.17
C ASN A 25 7.32 8.87 5.64
N THR A 26 7.49 8.47 4.39
CA THR A 26 8.57 8.79 3.47
C THR A 26 8.25 8.14 2.12
N CYS A 27 9.13 8.34 1.13
CA CYS A 27 8.90 7.92 -0.24
C CYS A 27 9.02 6.41 -0.33
N VAL A 28 8.02 5.73 -0.89
CA VAL A 28 8.01 4.28 -1.07
C VAL A 28 7.71 4.01 -2.54
N GLY A 29 8.47 3.11 -3.16
CA GLY A 29 8.27 2.73 -4.55
C GLY A 29 7.06 1.80 -4.73
N ILE A 30 6.55 1.68 -5.95
CA ILE A 30 5.60 0.66 -6.40
C ILE A 30 6.12 0.18 -7.75
N GLY A 31 5.83 -1.08 -8.13
CA GLY A 31 5.94 -1.54 -9.50
C GLY A 31 6.15 -3.05 -9.59
N ALA A 32 5.78 -3.62 -10.74
CA ALA A 32 5.98 -5.00 -11.16
C ALA A 32 5.15 -5.98 -10.32
N ASN A 33 3.91 -6.16 -10.77
CA ASN A 33 2.84 -6.96 -10.18
C ASN A 33 2.44 -6.45 -8.79
N VAL A 34 3.04 -5.36 -8.32
CA VAL A 34 2.70 -4.80 -7.02
C VAL A 34 1.53 -3.88 -7.29
N HIS A 35 0.32 -4.35 -7.02
CA HIS A 35 -0.86 -3.51 -7.10
C HIS A 35 -1.91 -3.87 -6.07
N TRP A 36 -1.47 -4.39 -4.93
CA TRP A 36 -2.36 -4.90 -3.90
C TRP A 36 -1.78 -4.61 -2.54
N MET A 37 -2.44 -3.76 -1.77
CA MET A 37 -2.13 -3.57 -0.36
C MET A 37 -2.96 -4.60 0.40
N VAL A 38 -2.41 -5.22 1.44
CA VAL A 38 -3.10 -6.30 2.15
C VAL A 38 -2.88 -6.08 3.65
N THR A 39 -3.84 -5.42 4.29
CA THR A 39 -3.67 -4.72 5.55
C THR A 39 -4.02 -5.56 6.80
N GLY A 40 -3.37 -5.24 7.93
CA GLY A 40 -3.52 -5.94 9.20
C GLY A 40 -3.92 -4.93 10.27
N GLY A 41 -4.77 -5.36 11.20
CA GLY A 41 -5.59 -4.46 12.00
C GLY A 41 -5.74 -4.86 13.43
N SER A 42 -5.74 -6.16 13.63
CA SER A 42 -5.43 -6.81 14.87
C SER A 42 -4.33 -6.07 15.64
N THR A 43 -4.24 -6.28 16.96
CA THR A 43 -3.38 -5.47 17.83
C THR A 43 -3.61 -3.98 17.53
N ASP A 44 -4.83 -3.63 17.12
CA ASP A 44 -5.27 -2.26 16.90
C ASP A 44 -4.39 -1.55 15.85
N GLY A 45 -4.02 -2.33 14.83
CA GLY A 45 -3.57 -1.86 13.54
C GLY A 45 -4.49 -0.76 13.04
N LYS A 46 -5.79 -1.01 13.13
CA LYS A 46 -6.84 -0.20 12.53
C LYS A 46 -6.56 0.00 11.04
N GLN A 47 -7.37 0.83 10.36
CA GLN A 47 -7.07 1.21 8.99
C GLN A 47 -5.65 1.74 8.87
N GLY A 48 -5.10 1.63 7.68
CA GLY A 48 -3.86 2.29 7.31
C GLY A 48 -4.16 3.08 6.05
N CYS A 49 -3.62 4.28 5.92
CA CYS A 49 -3.87 5.11 4.77
C CYS A 49 -2.57 5.63 4.23
N ALA A 50 -2.58 6.01 2.95
CA ALA A 50 -1.40 6.42 2.23
C ALA A 50 -1.76 7.48 1.21
N THR A 51 -0.77 8.30 0.86
CA THR A 51 -0.84 9.20 -0.28
C THR A 51 -0.07 8.54 -1.42
N ILE A 52 -0.67 8.49 -2.59
CA ILE A 52 -0.23 7.70 -3.73
C ILE A 52 0.18 8.68 -4.83
N TRP A 53 1.20 8.38 -5.62
CA TRP A 53 1.70 9.28 -6.66
C TRP A 53 1.92 8.57 -8.00
N GLU A 54 1.77 9.35 -9.08
CA GLU A 54 1.96 8.94 -10.45
C GLU A 54 3.43 9.13 -10.84
N GLY A 55 4.10 10.15 -10.31
CA GLY A 55 5.54 10.27 -10.51
C GLY A 55 6.25 9.12 -9.82
N SER A 56 7.31 8.60 -10.45
CA SER A 56 8.32 7.85 -9.77
C SER A 56 8.97 8.81 -8.78
N GLY A 57 9.48 8.25 -7.70
CA GLY A 57 10.03 9.00 -6.59
C GLY A 57 8.99 9.96 -5.99
N CYS A 58 7.73 9.52 -5.89
CA CYS A 58 6.64 10.17 -5.17
C CYS A 58 6.56 11.68 -5.41
N VAL A 59 6.56 12.07 -6.68
CA VAL A 59 6.26 13.41 -7.14
C VAL A 59 5.11 13.32 -8.14
N GLY A 60 4.63 14.46 -8.64
CA GLY A 60 3.66 14.46 -9.72
C GLY A 60 2.23 14.43 -9.20
N ARG A 61 1.34 13.85 -10.00
CA ARG A 61 -0.08 13.80 -9.73
C ARG A 61 -0.32 12.68 -8.74
N SER A 62 -1.36 12.83 -7.94
CA SER A 62 -1.50 12.02 -6.76
C SER A 62 -2.96 11.74 -6.46
N THR A 63 -3.16 10.90 -5.45
CA THR A 63 -4.40 10.83 -4.70
C THR A 63 -4.00 10.46 -3.28
N THR A 64 -4.97 10.26 -2.38
CA THR A 64 -4.73 9.62 -1.11
C THR A 64 -5.83 8.58 -0.91
N MET A 65 -5.43 7.38 -0.49
CA MET A 65 -6.31 6.23 -0.34
C MET A 65 -6.20 5.72 1.09
N CYS A 66 -7.31 5.25 1.65
CA CYS A 66 -7.35 4.59 2.96
C CYS A 66 -7.78 3.16 2.74
N CYS A 67 -7.35 2.25 3.61
CA CYS A 67 -7.79 0.86 3.59
C CYS A 67 -7.94 0.35 5.02
N PRO A 68 -9.13 -0.14 5.44
CA PRO A 68 -9.27 -0.82 6.72
C PRO A 68 -8.37 -2.05 6.76
N ALA A 69 -8.15 -2.61 7.95
CA ALA A 69 -7.43 -3.88 8.03
C ALA A 69 -8.31 -5.03 7.57
N ASN A 70 -7.72 -6.23 7.51
CA ASN A 70 -8.38 -7.47 7.08
C ASN A 70 -9.17 -7.22 5.82
N THR A 71 -8.52 -6.55 4.88
CA THR A 71 -9.03 -6.13 3.60
C THR A 71 -7.86 -6.29 2.63
N CYS A 72 -8.12 -6.78 1.44
CA CYS A 72 -7.16 -6.74 0.35
C CYS A 72 -7.59 -5.59 -0.56
N CYS A 73 -6.77 -4.57 -0.63
CA CYS A 73 -7.03 -3.27 -1.23
C CYS A 73 -6.35 -3.27 -2.59
N ASN A 74 -7.11 -3.07 -3.67
CA ASN A 74 -6.60 -3.06 -5.02
C ASN A 74 -6.07 -1.67 -5.36
N ILE A 75 -4.75 -1.53 -5.52
CA ILE A 75 -4.12 -0.29 -5.90
C ILE A 75 -4.26 -0.15 -7.41
N ASN A 76 -5.30 0.54 -7.87
CA ASN A 76 -5.51 0.83 -9.28
C ASN A 76 -6.51 1.97 -9.38
N THR A 77 -6.07 3.20 -9.12
CA THR A 77 -6.98 4.35 -9.06
C THR A 77 -7.38 4.74 -10.50
N GLY A 78 -6.76 4.12 -11.50
CA GLY A 78 -6.88 4.49 -12.90
C GLY A 78 -5.49 4.74 -13.47
N PHE A 79 -4.63 5.44 -12.71
CA PHE A 79 -3.26 5.64 -13.14
C PHE A 79 -2.41 4.41 -12.91
N TYR A 80 -1.33 4.30 -13.68
CA TYR A 80 -0.29 3.37 -13.33
C TYR A 80 0.53 4.01 -12.23
N ILE A 81 0.82 3.26 -11.19
CA ILE A 81 1.41 3.75 -9.96
C ILE A 81 2.91 3.51 -10.01
N ARG A 82 3.70 4.44 -9.45
CA ARG A 82 5.14 4.23 -9.27
C ARG A 82 5.57 4.47 -7.83
N SER A 83 4.84 5.29 -7.09
CA SER A 83 5.19 5.56 -5.69
C SER A 83 3.99 5.78 -4.79
N TYR A 84 4.21 5.73 -3.47
CA TYR A 84 3.26 6.11 -2.43
C TYR A 84 4.02 6.43 -1.13
N ARG A 85 3.28 6.81 -0.08
CA ARG A 85 3.77 7.04 1.27
C ARG A 85 2.63 6.67 2.22
N ARG A 86 2.81 5.77 3.19
CA ARG A 86 1.80 5.56 4.23
C ARG A 86 1.89 6.71 5.23
N VAL A 87 0.73 7.19 5.69
CA VAL A 87 0.63 8.35 6.56
C VAL A 87 0.19 8.01 7.99
N GLU A 88 -0.68 7.02 8.21
CA GLU A 88 -1.23 6.70 9.51
C GLU A 88 -1.28 5.18 9.72
#